data_2HAQ
# 
_entry.id   2HAQ 
# 
_audit_conform.dict_name       mmcif_pdbx.dic 
_audit_conform.dict_version    5.377 
_audit_conform.dict_location   http://mmcif.pdb.org/dictionaries/ascii/mmcif_pdbx.dic 
# 
loop_
_database_2.database_id 
_database_2.database_code 
_database_2.pdbx_database_accession 
_database_2.pdbx_DOI 
PDB   2HAQ         pdb_00002haq 10.2210/pdb2haq/pdb 
RCSB  RCSB038140   ?            ?                   
WWPDB D_1000038140 ?            ?                   
# 
_pdbx_database_status.status_code                     REL 
_pdbx_database_status.entry_id                        2HAQ 
_pdbx_database_status.recvd_initial_deposition_date   2006-06-13 
_pdbx_database_status.deposit_site                    RCSB 
_pdbx_database_status.process_site                    RCSB 
_pdbx_database_status.status_code_sf                  REL 
_pdbx_database_status.status_code_mr                  ? 
_pdbx_database_status.SG_entry                        ? 
_pdbx_database_status.pdb_format_compatible           Y 
_pdbx_database_status.status_code_cs                  ? 
_pdbx_database_status.methods_development_category    ? 
_pdbx_database_status.status_code_nmr_data            ? 
# 
loop_
_audit_author.name 
_audit_author.pdbx_ordinal 
_audit_author.identifier_ORCID 
'Venugopal, V.' 1 ? 
'Sen, B.'       2 ? 
'Datta, A.K.'   3 ? 
'Banerjee, R.'  4 ? 
# 
loop_
_citation.id 
_citation.title 
_citation.journal_abbrev 
_citation.journal_volume 
_citation.page_first 
_citation.page_last 
_citation.year 
_citation.journal_id_ASTM 
_citation.country 
_citation.journal_id_ISSN 
_citation.journal_id_CSD 
_citation.book_publisher 
_citation.pdbx_database_id_PubMed 
_citation.pdbx_database_id_DOI 
primary 'Structure of cyclophilin from Leishmania donovani at 1.97 A resolution.' 'Acta Crystallogr.,Sect.F' 63  60    64    2007 
?      DK 1744-3091 ?    ? 17277440 10.1107/S1744309106056351 
1       
'Lack of Abundance of Cytoplasmic Cyclosporin A Bind Protein Renders Free Living Leishmania Donovani Resistant to Cyclosporin A' 
J.Biol.Chem.               276 19294 19300 2001 JBCHA3 US 0021-9258 0071 ? ?        ?                         
2       'Crystallisation and Preliminary X-Ray Analysis of Cyclophilin from Leishmania Donovani' 'Acta Crystallogr.,Sect.D' 58  
1846  1847  2002 ABCRE6 DK 0907-4449 0766 ? ?        ?                         
3       'Crystal Structure of Cyclophilin from Leishmania Donovani at 3.5 A Resolution' Curr.Sci.                  86  319   322   
2004 CUSCAM II 0011-3891 0064 ? ?        ?                         
# 
loop_
_citation_author.citation_id 
_citation_author.name 
_citation_author.ordinal 
_citation_author.identifier_ORCID 
primary 'Venugopal, V.' 1  ? 
primary 'Sen, B.'       2  ? 
primary 'Datta, A.K.'   3  ? 
primary 'Banerjee, R.'  4  ? 
1       'Dutta, M.'     5  ? 
1       'Delhi, P.'     6  ? 
1       'Sinha, K.M.'   7  ? 
1       'Banerjee, R.'  8  ? 
1       'Datta, A.K.'   9  ? 
2       'Banerjee, R.'  10 ? 
2       'Dutta, M.'     11 ? 
2       'Sen, M.'       12 ? 
2       'Datta, A.K.'   13 ? 
3       'Banerjee, R.'  14 ? 
3       'Dutta, M.'     15 ? 
3       'Sen, M.'       16 ? 
3       'Datta, A.K.'   17 ? 
# 
_cell.entry_id           2HAQ 
_cell.length_a           48.590 
_cell.length_b           48.590 
_cell.length_c           141.190 
_cell.angle_alpha        90.00 
_cell.angle_beta         90.00 
_cell.angle_gamma        90.00 
_cell.Z_PDB              8 
_cell.pdbx_unique_axis   ? 
_cell.length_a_esd       ? 
_cell.length_b_esd       ? 
_cell.length_c_esd       ? 
_cell.angle_alpha_esd    ? 
_cell.angle_beta_esd     ? 
_cell.angle_gamma_esd    ? 
# 
_symmetry.entry_id                         2HAQ 
_symmetry.space_group_name_H-M             'P 43 21 2' 
_symmetry.pdbx_full_space_group_name_H-M   ? 
_symmetry.cell_setting                     ? 
_symmetry.Int_Tables_number                96 
_symmetry.space_group_name_Hall            ? 
# 
loop_
_entity.id 
_entity.type 
_entity.src_method 
_entity.pdbx_description 
_entity.formula_weight 
_entity.pdbx_number_of_molecules 
_entity.pdbx_ec 
_entity.pdbx_mutation 
_entity.pdbx_fragment 
_entity.details 
1 polymer man Cyclophilin 19090.541 1   5.2.1.8 ? ? ? 
2 water   nat water       18.015    102 ?       ? ? ? 
# 
_entity_poly.entity_id                      1 
_entity_poly.type                           'polypeptide(L)' 
_entity_poly.nstd_linkage                   no 
_entity_poly.nstd_monomer                   no 
_entity_poly.pdbx_seq_one_letter_code       
;HHHHHHEPEVTAKVYFDVMIDSEPLGRITIGLFGKDAPLTTENFRQLCTGEHGFGYKDSIFHRVIQNFMIQGGDFTNFDG
TGGKSIYGEKFADENLNVKHFVGALSMANAGPNTNGSQFFITTAPTPWLDGRHVVFGKVLDGMDVVLRIEKTKTNSHDRP
VKPVKIVASGEL
;
_entity_poly.pdbx_seq_one_letter_code_can   
;HHHHHHEPEVTAKVYFDVMIDSEPLGRITIGLFGKDAPLTTENFRQLCTGEHGFGYKDSIFHRVIQNFMIQGGDFTNFDG
TGGKSIYGEKFADENLNVKHFVGALSMANAGPNTNGSQFFITTAPTPWLDGRHVVFGKVLDGMDVVLRIEKTKTNSHDRP
VKPVKIVASGEL
;
_entity_poly.pdbx_strand_id                 A 
_entity_poly.pdbx_target_identifier         ? 
# 
loop_
_entity_poly_seq.entity_id 
_entity_poly_seq.num 
_entity_poly_seq.mon_id 
_entity_poly_seq.hetero 
1 1   HIS n 
1 2   HIS n 
1 3   HIS n 
1 4   HIS n 
1 5   HIS n 
1 6   HIS n 
1 7   GLU n 
1 8   PRO n 
1 9   GLU n 
1 10  VAL n 
1 11  THR n 
1 12  ALA n 
1 13  LYS n 
1 14  VAL n 
1 15  TYR n 
1 16  PHE n 
1 17  ASP n 
1 18  VAL n 
1 19  MET n 
1 20  ILE n 
1 21  ASP n 
1 22  SER n 
1 23  GLU n 
1 24  PRO n 
1 25  LEU n 
1 26  GLY n 
1 27  ARG n 
1 28  ILE n 
1 29  THR n 
1 30  ILE n 
1 31  GLY n 
1 32  LEU n 
1 33  PHE n 
1 34  GLY n 
1 35  LYS n 
1 36  ASP n 
1 37  ALA n 
1 38  PRO n 
1 39  LEU n 
1 40  THR n 
1 41  THR n 
1 42  GLU n 
1 43  ASN n 
1 44  PHE n 
1 45  ARG n 
1 46  GLN n 
1 47  LEU n 
1 48  CYS n 
1 49  THR n 
1 50  GLY n 
1 51  GLU n 
1 52  HIS n 
1 53  GLY n 
1 54  PHE n 
1 55  GLY n 
1 56  TYR n 
1 57  LYS n 
1 58  ASP n 
1 59  SER n 
1 60  ILE n 
1 61  PHE n 
1 62  HIS n 
1 63  ARG n 
1 64  VAL n 
1 65  ILE n 
1 66  GLN n 
1 67  ASN n 
1 68  PHE n 
1 69  MET n 
1 70  ILE n 
1 71  GLN n 
1 72  GLY n 
1 73  GLY n 
1 74  ASP n 
1 75  PHE n 
1 76  THR n 
1 77  ASN n 
1 78  PHE n 
1 79  ASP n 
1 80  GLY n 
1 81  THR n 
1 82  GLY n 
1 83  GLY n 
1 84  LYS n 
1 85  SER n 
1 86  ILE n 
1 87  TYR n 
1 88  GLY n 
1 89  GLU n 
1 90  LYS n 
1 91  PHE n 
1 92  ALA n 
1 93  ASP n 
1 94  GLU n 
1 95  ASN n 
1 96  LEU n 
1 97  ASN n 
1 98  VAL n 
1 99  LYS n 
1 100 HIS n 
1 101 PHE n 
1 102 VAL n 
1 103 GLY n 
1 104 ALA n 
1 105 LEU n 
1 106 SER n 
1 107 MET n 
1 108 ALA n 
1 109 ASN n 
1 110 ALA n 
1 111 GLY n 
1 112 PRO n 
1 113 ASN n 
1 114 THR n 
1 115 ASN n 
1 116 GLY n 
1 117 SER n 
1 118 GLN n 
1 119 PHE n 
1 120 PHE n 
1 121 ILE n 
1 122 THR n 
1 123 THR n 
1 124 ALA n 
1 125 PRO n 
1 126 THR n 
1 127 PRO n 
1 128 TRP n 
1 129 LEU n 
1 130 ASP n 
1 131 GLY n 
1 132 ARG n 
1 133 HIS n 
1 134 VAL n 
1 135 VAL n 
1 136 PHE n 
1 137 GLY n 
1 138 LYS n 
1 139 VAL n 
1 140 LEU n 
1 141 ASP n 
1 142 GLY n 
1 143 MET n 
1 144 ASP n 
1 145 VAL n 
1 146 VAL n 
1 147 LEU n 
1 148 ARG n 
1 149 ILE n 
1 150 GLU n 
1 151 LYS n 
1 152 THR n 
1 153 LYS n 
1 154 THR n 
1 155 ASN n 
1 156 SER n 
1 157 HIS n 
1 158 ASP n 
1 159 ARG n 
1 160 PRO n 
1 161 VAL n 
1 162 LYS n 
1 163 PRO n 
1 164 VAL n 
1 165 LYS n 
1 166 ILE n 
1 167 VAL n 
1 168 ALA n 
1 169 SER n 
1 170 GLY n 
1 171 GLU n 
1 172 LEU n 
# 
_entity_src_gen.entity_id                          1 
_entity_src_gen.pdbx_src_id                        1 
_entity_src_gen.pdbx_alt_source_flag               sample 
_entity_src_gen.pdbx_seq_type                      ? 
_entity_src_gen.pdbx_beg_seq_num                   ? 
_entity_src_gen.pdbx_end_seq_num                   ? 
_entity_src_gen.gene_src_common_name               ? 
_entity_src_gen.gene_src_genus                     Leishmania 
_entity_src_gen.pdbx_gene_src_gene                 CYP 
_entity_src_gen.gene_src_species                   ? 
_entity_src_gen.gene_src_strain                    ? 
_entity_src_gen.gene_src_tissue                    ? 
_entity_src_gen.gene_src_tissue_fraction           ? 
_entity_src_gen.gene_src_details                   ? 
_entity_src_gen.pdbx_gene_src_fragment             ? 
_entity_src_gen.pdbx_gene_src_scientific_name      'Leishmania donovani' 
_entity_src_gen.pdbx_gene_src_ncbi_taxonomy_id     5661 
_entity_src_gen.pdbx_gene_src_variant              ? 
_entity_src_gen.pdbx_gene_src_cell_line            ? 
_entity_src_gen.pdbx_gene_src_atcc                 ? 
_entity_src_gen.pdbx_gene_src_organ                ? 
_entity_src_gen.pdbx_gene_src_organelle            ? 
_entity_src_gen.pdbx_gene_src_cell                 ? 
_entity_src_gen.pdbx_gene_src_cellular_location    ? 
_entity_src_gen.host_org_common_name               ? 
_entity_src_gen.pdbx_host_org_scientific_name      'Escherichia coli' 
_entity_src_gen.pdbx_host_org_ncbi_taxonomy_id     562 
_entity_src_gen.host_org_genus                     Escherichia 
_entity_src_gen.pdbx_host_org_gene                 ? 
_entity_src_gen.pdbx_host_org_organ                ? 
_entity_src_gen.host_org_species                   ? 
_entity_src_gen.pdbx_host_org_tissue               ? 
_entity_src_gen.pdbx_host_org_tissue_fraction      ? 
_entity_src_gen.pdbx_host_org_strain               M15 
_entity_src_gen.pdbx_host_org_variant              ? 
_entity_src_gen.pdbx_host_org_cell_line            ? 
_entity_src_gen.pdbx_host_org_atcc                 ? 
_entity_src_gen.pdbx_host_org_culture_collection   ? 
_entity_src_gen.pdbx_host_org_cell                 ? 
_entity_src_gen.pdbx_host_org_organelle            ? 
_entity_src_gen.pdbx_host_org_cellular_location    ? 
_entity_src_gen.pdbx_host_org_vector_type          Plasmid 
_entity_src_gen.pdbx_host_org_vector               ? 
_entity_src_gen.host_org_details                   ? 
_entity_src_gen.expression_system_id               ? 
_entity_src_gen.plasmid_name                       pQE32 
_entity_src_gen.plasmid_details                    ? 
_entity_src_gen.pdbx_description                   ? 
# 
_struct_ref.id                         1 
_struct_ref.db_name                    UNP 
_struct_ref.db_code                    Q9U9R3_LEIDO 
_struct_ref.pdbx_db_accession          Q9U9R3 
_struct_ref.entity_id                  1 
_struct_ref.pdbx_seq_one_letter_code   
;EPEVTAKVYFDVMIDSEPLGRITIGLFGKDAPLTTENFRQLCTGEHGFGYKDSIFHRVIQNFMIQGGDFTNFDGTGGKSI
YGEKFADENLNVKHFVGALSMANAGPNTNGSQFFITTAPTPWLDGRHVVFGKVLDGMDVVLRIEKTKTNSHDRPVKPVKI
VASGEL
;
_struct_ref.pdbx_align_begin           22 
_struct_ref.pdbx_db_isoform            ? 
# 
_struct_ref_seq.align_id                      1 
_struct_ref_seq.ref_id                        1 
_struct_ref_seq.pdbx_PDB_id_code              2HAQ 
_struct_ref_seq.pdbx_strand_id                A 
_struct_ref_seq.seq_align_beg                 1 
_struct_ref_seq.pdbx_seq_align_beg_ins_code   ? 
_struct_ref_seq.seq_align_end                 172 
_struct_ref_seq.pdbx_seq_align_end_ins_code   ? 
_struct_ref_seq.pdbx_db_accession             Q9U9R3 
_struct_ref_seq.db_align_beg                  22 
_struct_ref_seq.pdbx_db_align_beg_ins_code    ? 
_struct_ref_seq.db_align_end                  187 
_struct_ref_seq.pdbx_db_align_end_ins_code    ? 
_struct_ref_seq.pdbx_auth_seq_align_beg       16 
_struct_ref_seq.pdbx_auth_seq_align_end       187 
# 
loop_
_chem_comp.id 
_chem_comp.type 
_chem_comp.mon_nstd_flag 
_chem_comp.name 
_chem_comp.pdbx_synonyms 
_chem_comp.formula 
_chem_comp.formula_weight 
ALA 'L-peptide linking' y ALANINE         ? 'C3 H7 N O2'     89.093  
ARG 'L-peptide linking' y ARGININE        ? 'C6 H15 N4 O2 1' 175.209 
ASN 'L-peptide linking' y ASPARAGINE      ? 'C4 H8 N2 O3'    132.118 
ASP 'L-peptide linking' y 'ASPARTIC ACID' ? 'C4 H7 N O4'     133.103 
CYS 'L-peptide linking' y CYSTEINE        ? 'C3 H7 N O2 S'   121.158 
GLN 'L-peptide linking' y GLUTAMINE       ? 'C5 H10 N2 O3'   146.144 
GLU 'L-peptide linking' y 'GLUTAMIC ACID' ? 'C5 H9 N O4'     147.129 
GLY 'peptide linking'   y GLYCINE         ? 'C2 H5 N O2'     75.067  
HIS 'L-peptide linking' y HISTIDINE       ? 'C6 H10 N3 O2 1' 156.162 
HOH non-polymer         . WATER           ? 'H2 O'           18.015  
ILE 'L-peptide linking' y ISOLEUCINE      ? 'C6 H13 N O2'    131.173 
LEU 'L-peptide linking' y LEUCINE         ? 'C6 H13 N O2'    131.173 
LYS 'L-peptide linking' y LYSINE          ? 'C6 H15 N2 O2 1' 147.195 
MET 'L-peptide linking' y METHIONINE      ? 'C5 H11 N O2 S'  149.211 
PHE 'L-peptide linking' y PHENYLALANINE   ? 'C9 H11 N O2'    165.189 
PRO 'L-peptide linking' y PROLINE         ? 'C5 H9 N O2'     115.130 
SER 'L-peptide linking' y SERINE          ? 'C3 H7 N O3'     105.093 
THR 'L-peptide linking' y THREONINE       ? 'C4 H9 N O3'     119.119 
TRP 'L-peptide linking' y TRYPTOPHAN      ? 'C11 H12 N2 O2'  204.225 
TYR 'L-peptide linking' y TYROSINE        ? 'C9 H11 N O3'    181.189 
VAL 'L-peptide linking' y VALINE          ? 'C5 H11 N O2'    117.146 
# 
_exptl.entry_id          2HAQ 
_exptl.method            'X-RAY DIFFRACTION' 
_exptl.crystals_number   1 
# 
_exptl_crystal.id                    1 
_exptl_crystal.density_meas          ? 
_exptl_crystal.density_Matthews      2.30 
_exptl_crystal.density_percent_sol   45.60 
_exptl_crystal.description           ? 
_exptl_crystal.F_000                 ? 
_exptl_crystal.preparation           ? 
# 
_exptl_crystal_grow.crystal_id      1 
_exptl_crystal_grow.method          'VAPOR DIFFUSION, HANGING DROP' 
_exptl_crystal_grow.temp            293 
_exptl_crystal_grow.temp_details    ? 
_exptl_crystal_grow.pH              8.5 
_exptl_crystal_grow.pdbx_details    
;0.01M TRIS, 7.5% PEG3350, 0.005M IMID 0.02% AZIDE, PH 8.5, VAPOR DIFFUSION, HANGING DROP, TEMPERATURE RESERVOIR CONTAINING 40% PEG3350 IN THE SAME BUFFER. PROTEIN CONCENTRATION: 10 MG/ML, temperature 293K
;
_exptl_crystal_grow.pdbx_pH_range   . 
# 
_diffrn.id                     1 
_diffrn.ambient_temp           120 
_diffrn.ambient_temp_details   ? 
_diffrn.crystal_id             1 
# 
_diffrn_detector.diffrn_id              1 
_diffrn_detector.detector               'IMAGE PLATE' 
_diffrn_detector.type                   'MAR scanner 300 mm plate' 
_diffrn_detector.pdbx_collection_date   2004-06-08 
_diffrn_detector.details                'OSMIC MAXFLUX CONFOCAL MULTILAY' 
# 
_diffrn_radiation.diffrn_id                        1 
_diffrn_radiation.wavelength_id                    1 
_diffrn_radiation.pdbx_monochromatic_or_laue_m_l   M 
_diffrn_radiation.monochromator                    Mirrors 
_diffrn_radiation.pdbx_diffrn_protocol             'SINGLE WAVELENGTH' 
_diffrn_radiation.pdbx_scattering_type             x-ray 
# 
_diffrn_radiation_wavelength.id           1 
_diffrn_radiation_wavelength.wavelength   1.5418 
_diffrn_radiation_wavelength.wt           1.0 
# 
_diffrn_source.diffrn_id                   1 
_diffrn_source.source                      'ROTATING ANODE' 
_diffrn_source.type                        'RIGAKU RU200' 
_diffrn_source.pdbx_synchrotron_site       ? 
_diffrn_source.pdbx_synchrotron_beamline   ? 
_diffrn_source.pdbx_wavelength             ? 
_diffrn_source.pdbx_wavelength_list        1.5418 
# 
_reflns.entry_id                     2HAQ 
_reflns.observed_criterion_sigma_I   1.0 
_reflns.observed_criterion_sigma_F   1.0 
_reflns.d_resolution_low             14.93 
_reflns.d_resolution_high            1.97 
_reflns.number_obs                   12516 
_reflns.number_all                   12644 
_reflns.percent_possible_obs         99.00 
_reflns.pdbx_Rmerge_I_obs            0.068 
_reflns.pdbx_Rsym_value              ? 
_reflns.pdbx_netI_over_sigmaI        30.1 
_reflns.B_iso_Wilson_estimate        24.4 
_reflns.pdbx_redundancy              8.1 
_reflns.R_free_details               ? 
_reflns.limit_h_max                  ? 
_reflns.limit_h_min                  ? 
_reflns.limit_k_max                  ? 
_reflns.limit_k_min                  ? 
_reflns.limit_l_max                  ? 
_reflns.limit_l_min                  ? 
_reflns.observed_criterion_F_max     ? 
_reflns.observed_criterion_F_min     ? 
_reflns.pdbx_chi_squared             ? 
_reflns.pdbx_scaling_rejects         ? 
_reflns.pdbx_diffrn_id               1 
_reflns.pdbx_ordinal                 1 
# 
_reflns_shell.d_res_high             1.97 
_reflns_shell.d_res_low              2.02 
_reflns_shell.percent_possible_all   86.60 
_reflns_shell.Rmerge_I_obs           0.293 
_reflns_shell.pdbx_Rsym_value        ? 
_reflns_shell.meanI_over_sigI_obs    4.50 
_reflns_shell.pdbx_redundancy        5.20 
_reflns_shell.percent_possible_obs   ? 
_reflns_shell.number_unique_all      ? 
_reflns_shell.number_measured_all    ? 
_reflns_shell.number_measured_obs    ? 
_reflns_shell.number_unique_obs      ? 
_reflns_shell.pdbx_chi_squared       ? 
_reflns_shell.pdbx_diffrn_id         ? 
_reflns_shell.pdbx_ordinal           1 
# 
_refine.entry_id                                 2HAQ 
_refine.ls_number_reflns_obs                     12137 
_refine.ls_number_reflns_all                     12644 
_refine.pdbx_ls_sigma_I                          ? 
_refine.pdbx_ls_sigma_F                          2.0 
_refine.pdbx_data_cutoff_high_absF               ? 
_refine.pdbx_data_cutoff_low_absF                ? 
_refine.pdbx_data_cutoff_high_rms_absF           ? 
_refine.ls_d_res_low                             14.93 
_refine.ls_d_res_high                            1.97 
_refine.ls_percent_reflns_obs                    96.1 
_refine.ls_R_factor_obs                          0.178 
_refine.ls_R_factor_all                          ? 
_refine.ls_R_factor_R_work                       0.178 
_refine.ls_R_factor_R_free                       0.197 
_refine.ls_R_factor_R_free_error                 0.007 
_refine.ls_R_factor_R_free_error_details         ? 
_refine.ls_percent_reflns_R_free                 6.1 
_refine.ls_number_reflns_R_free                  735 
_refine.ls_number_parameters                     ? 
_refine.ls_number_restraints                     ? 
_refine.occupancy_min                            ? 
_refine.occupancy_max                            ? 
_refine.correlation_coeff_Fo_to_Fc               ? 
_refine.correlation_coeff_Fo_to_Fc_free          ? 
_refine.B_iso_mean                               28.5 
_refine.aniso_B[1][1]                            2.94 
_refine.aniso_B[2][2]                            2.94 
_refine.aniso_B[3][3]                            -5.87 
_refine.aniso_B[1][2]                            0.00 
_refine.aniso_B[1][3]                            0.00 
_refine.aniso_B[2][3]                            0.00 
_refine.solvent_model_details                    ? 
_refine.solvent_model_param_ksol                 ? 
_refine.solvent_model_param_bsol                 ? 
_refine.pdbx_solvent_vdw_probe_radii             ? 
_refine.pdbx_solvent_ion_probe_radii             ? 
_refine.pdbx_solvent_shrinkage_radii             ? 
_refine.pdbx_ls_cross_valid_method               THROUGHOUT 
_refine.details                                  ? 
_refine.pdbx_starting_model                      1XO7.PDB 
_refine.pdbx_method_to_determine_struct          'MOLECULAR REPLACEMENT' 
_refine.pdbx_isotropic_thermal_model             RESTRAINED 
_refine.pdbx_stereochemistry_target_values       'Engh & Huber' 
_refine.pdbx_stereochem_target_val_spec_case     ? 
_refine.pdbx_R_Free_selection_details            RANDOM 
_refine.pdbx_overall_ESU_R                       ? 
_refine.pdbx_overall_ESU_R_Free                  ? 
_refine.overall_SU_ML                            ? 
_refine.overall_SU_B                             ? 
_refine.ls_redundancy_reflns_obs                 ? 
_refine.B_iso_min                                ? 
_refine.B_iso_max                                ? 
_refine.overall_SU_R_Cruickshank_DPI             ? 
_refine.overall_SU_R_free                        ? 
_refine.ls_wR_factor_R_free                      ? 
_refine.ls_wR_factor_R_work                      ? 
_refine.overall_FOM_free_R_set                   ? 
_refine.overall_FOM_work_R_set                   ? 
_refine.pdbx_refine_id                           'X-RAY DIFFRACTION' 
_refine.pdbx_diffrn_id                           1 
_refine.pdbx_TLS_residual_ADP_flag               ? 
_refine.pdbx_overall_phase_error                 ? 
_refine.pdbx_overall_SU_R_free_Cruickshank_DPI   ? 
_refine.pdbx_overall_SU_R_Blow_DPI               ? 
_refine.pdbx_overall_SU_R_free_Blow_DPI          ? 
# 
_refine_analyze.entry_id                        2HAQ 
_refine_analyze.Luzzati_coordinate_error_obs    0.20 
_refine_analyze.Luzzati_sigma_a_obs             0.15 
_refine_analyze.Luzzati_d_res_low_obs           15.00 
_refine_analyze.Luzzati_coordinate_error_free   0.23 
_refine_analyze.Luzzati_sigma_a_free            0.17 
_refine_analyze.Luzzati_d_res_low_free          ? 
_refine_analyze.number_disordered_residues      ? 
_refine_analyze.occupancy_sum_hydrogen          ? 
_refine_analyze.occupancy_sum_non_hydrogen      ? 
_refine_analyze.pdbx_Luzzati_d_res_high_obs     ? 
_refine_analyze.pdbx_refine_id                  'X-RAY DIFFRACTION' 
# 
_refine_hist.pdbx_refine_id                   'X-RAY DIFFRACTION' 
_refine_hist.cycle_id                         LAST 
_refine_hist.pdbx_number_atoms_protein        1274 
_refine_hist.pdbx_number_atoms_nucleic_acid   0 
_refine_hist.pdbx_number_atoms_ligand         0 
_refine_hist.number_atoms_solvent             102 
_refine_hist.number_atoms_total               1376 
_refine_hist.d_res_high                       1.97 
_refine_hist.d_res_low                        14.93 
# 
loop_
_refine_ls_restr.type 
_refine_ls_restr.dev_ideal 
_refine_ls_restr.dev_ideal_target 
_refine_ls_restr.weight 
_refine_ls_restr.number 
_refine_ls_restr.pdbx_refine_id 
_refine_ls_restr.pdbx_restraint_function 
c_bond_d           0.007 ? ? ? 'X-RAY DIFFRACTION' ? 
c_angle_deg        1.4   ? ? ? 'X-RAY DIFFRACTION' ? 
c_dihedral_angle_d 25.6  ? ? ? 'X-RAY DIFFRACTION' ? 
c_improper_angle_d 0.78  ? ? ? 'X-RAY DIFFRACTION' ? 
# 
_refine_ls_shell.pdbx_total_number_of_bins_used   6 
_refine_ls_shell.d_res_high                       1.97 
_refine_ls_shell.d_res_low                        2.09 
_refine_ls_shell.number_reflns_R_work             1702 
_refine_ls_shell.R_factor_R_work                  0.221 
_refine_ls_shell.percent_reflns_obs               89.1 
_refine_ls_shell.R_factor_R_free                  0.239 
_refine_ls_shell.R_factor_R_free_error            0.022 
_refine_ls_shell.percent_reflns_R_free            6.6 
_refine_ls_shell.number_reflns_R_free             120 
_refine_ls_shell.number_reflns_all                ? 
_refine_ls_shell.R_factor_all                     ? 
_refine_ls_shell.number_reflns_obs                ? 
_refine_ls_shell.redundancy_reflns_obs            ? 
_refine_ls_shell.pdbx_refine_id                   'X-RAY DIFFRACTION' 
# 
loop_
_pdbx_xplor_file.serial_no 
_pdbx_xplor_file.param_file 
_pdbx_xplor_file.topol_file 
_pdbx_xplor_file.pdbx_refine_id 
1 protein_rep.param protein.top 'X-RAY DIFFRACTION' 
2 water_rep.param   water.top   'X-RAY DIFFRACTION' 
# 
_struct.entry_id                  2HAQ 
_struct.title                     'Crystal Structure of Cyclophilin A from Leishmania Donovani' 
_struct.pdbx_model_details        ? 
_struct.pdbx_CASP_flag            ? 
_struct.pdbx_model_type_details   ? 
# 
_struct_keywords.entry_id        2HAQ 
_struct_keywords.pdbx_keywords   ISOMERASE 
_struct_keywords.text            'CYCLOPHILIN, ROTAMASE, PROLINE, ISOMERASE, CIS-TRANS, PROTOZOA, LEISHMANIA, DONOVANI, KALA-AZAR.' 
# 
loop_
_struct_asym.id 
_struct_asym.pdbx_blank_PDB_chainid_flag 
_struct_asym.pdbx_modified 
_struct_asym.entity_id 
_struct_asym.details 
A N N 1 ? 
B N N 2 ? 
# 
_struct_biol.id                    1 
_struct_biol.details               'The protein is a monomer' 
_struct_biol.pdbx_parent_biol_id   ? 
# 
loop_
_struct_conf.conf_type_id 
_struct_conf.id 
_struct_conf.pdbx_PDB_helix_id 
_struct_conf.beg_label_comp_id 
_struct_conf.beg_label_asym_id 
_struct_conf.beg_label_seq_id 
_struct_conf.pdbx_beg_PDB_ins_code 
_struct_conf.end_label_comp_id 
_struct_conf.end_label_asym_id 
_struct_conf.end_label_seq_id 
_struct_conf.pdbx_end_PDB_ins_code 
_struct_conf.beg_auth_comp_id 
_struct_conf.beg_auth_asym_id 
_struct_conf.beg_auth_seq_id 
_struct_conf.end_auth_comp_id 
_struct_conf.end_auth_asym_id 
_struct_conf.end_auth_seq_id 
_struct_conf.pdbx_PDB_helix_class 
_struct_conf.details 
_struct_conf.pdbx_PDB_helix_length 
HELX_P HELX_P1 1 ALA A 37  ? GLY A 50  ? ALA A 52  GLY A 65  1 ? 14 
HELX_P HELX_P2 2 THR A 126 ? ASP A 130 ? THR A 141 ASP A 145 5 ? 5  
HELX_P HELX_P3 3 GLY A 142 ? LYS A 151 ? GLY A 157 LYS A 166 1 ? 10 
HELX_P HELX_P4 4 ASN A 155 ? ARG A 159 ? ASN A 170 ARG A 174 5 ? 5  
# 
_struct_conf_type.id          HELX_P 
_struct_conf_type.criteria    ? 
_struct_conf_type.reference   ? 
# 
_struct_sheet.id               A 
_struct_sheet.type             ? 
_struct_sheet.number_strands   8 
_struct_sheet.details          ? 
# 
loop_
_struct_sheet_order.sheet_id 
_struct_sheet_order.range_id_1 
_struct_sheet_order.range_id_2 
_struct_sheet_order.offset 
_struct_sheet_order.sense 
A 1 2 ? anti-parallel 
A 2 3 ? anti-parallel 
A 3 4 ? anti-parallel 
A 4 5 ? anti-parallel 
A 5 6 ? anti-parallel 
A 6 7 ? anti-parallel 
A 7 8 ? anti-parallel 
# 
loop_
_struct_sheet_range.sheet_id 
_struct_sheet_range.id 
_struct_sheet_range.beg_label_comp_id 
_struct_sheet_range.beg_label_asym_id 
_struct_sheet_range.beg_label_seq_id 
_struct_sheet_range.pdbx_beg_PDB_ins_code 
_struct_sheet_range.end_label_comp_id 
_struct_sheet_range.end_label_asym_id 
_struct_sheet_range.end_label_seq_id 
_struct_sheet_range.pdbx_end_PDB_ins_code 
_struct_sheet_range.beg_auth_comp_id 
_struct_sheet_range.beg_auth_asym_id 
_struct_sheet_range.beg_auth_seq_id 
_struct_sheet_range.end_auth_comp_id 
_struct_sheet_range.end_auth_asym_id 
_struct_sheet_range.end_auth_seq_id 
A 1 ARG A 63  ? ILE A 65  ? ARG A 78  ILE A 80  
A 2 MET A 69  ? GLY A 72  ? MET A 84  GLY A 87  
A 3 PHE A 119 ? THR A 122 ? PHE A 134 THR A 137 
A 4 ALA A 104 ? MET A 107 ? ALA A 119 MET A 122 
A 5 VAL A 135 ? ASP A 141 ? VAL A 150 ASP A 156 
A 6 GLU A 23  ? LEU A 32  ? GLU A 38  LEU A 47  
A 7 VAL A 14  ? ILE A 20  ? VAL A 29  ILE A 35  
A 8 VAL A 164 ? GLU A 171 ? VAL A 179 GLU A 186 
# 
loop_
_pdbx_struct_sheet_hbond.sheet_id 
_pdbx_struct_sheet_hbond.range_id_1 
_pdbx_struct_sheet_hbond.range_id_2 
_pdbx_struct_sheet_hbond.range_1_label_atom_id 
_pdbx_struct_sheet_hbond.range_1_label_comp_id 
_pdbx_struct_sheet_hbond.range_1_label_asym_id 
_pdbx_struct_sheet_hbond.range_1_label_seq_id 
_pdbx_struct_sheet_hbond.range_1_PDB_ins_code 
_pdbx_struct_sheet_hbond.range_1_auth_atom_id 
_pdbx_struct_sheet_hbond.range_1_auth_comp_id 
_pdbx_struct_sheet_hbond.range_1_auth_asym_id 
_pdbx_struct_sheet_hbond.range_1_auth_seq_id 
_pdbx_struct_sheet_hbond.range_2_label_atom_id 
_pdbx_struct_sheet_hbond.range_2_label_comp_id 
_pdbx_struct_sheet_hbond.range_2_label_asym_id 
_pdbx_struct_sheet_hbond.range_2_label_seq_id 
_pdbx_struct_sheet_hbond.range_2_PDB_ins_code 
_pdbx_struct_sheet_hbond.range_2_auth_atom_id 
_pdbx_struct_sheet_hbond.range_2_auth_comp_id 
_pdbx_struct_sheet_hbond.range_2_auth_asym_id 
_pdbx_struct_sheet_hbond.range_2_auth_seq_id 
A 1 2 N ARG A 63  ? N ARG A 78  O GLN A 71  ? O GLN A 86  
A 2 3 N ILE A 70  ? N ILE A 85  O ILE A 121 ? O ILE A 136 
A 3 4 O PHE A 120 ? O PHE A 135 N SER A 106 ? N SER A 121 
A 4 5 N LEU A 105 ? N LEU A 120 O GLY A 137 ? O GLY A 152 
A 5 6 O LYS A 138 ? O LYS A 153 N GLY A 31  ? N GLY A 46  
A 6 7 O ILE A 30  ? O ILE A 45  N VAL A 14  ? N VAL A 29  
A 7 8 N ASP A 17  ? N ASP A 32  O ALA A 168 ? O ALA A 183 
# 
_atom_sites.entry_id                    2HAQ 
_atom_sites.fract_transf_matrix[1][1]   -0.01488751 
_atom_sites.fract_transf_matrix[1][2]   0.00403866 
_atom_sites.fract_transf_matrix[1][3]   0.01362306 
_atom_sites.fract_transf_matrix[2][1]   0.00930039 
_atom_sites.fract_transf_matrix[2][2]   -0.01214769 
_atom_sites.fract_transf_matrix[2][3]   0.01376491 
_atom_sites.fract_transf_matrix[3][1]   0.00369723 
_atom_sites.fract_transf_matrix[3][2]   0.00554592 
_atom_sites.fract_transf_matrix[3][3]   0.00239627 
_atom_sites.fract_transf_vector[1]      0.079315 
_atom_sites.fract_transf_vector[2]      0.555084 
_atom_sites.fract_transf_vector[3]      0.423889 
# 
loop_
_atom_type.symbol 
C 
N 
O 
S 
# 
loop_
_atom_site.group_PDB 
_atom_site.id 
_atom_site.type_symbol 
_atom_site.label_atom_id 
_atom_site.label_alt_id 
_atom_site.label_comp_id 
_atom_site.label_asym_id 
_atom_site.label_entity_id 
_atom_site.label_seq_id 
_atom_site.pdbx_PDB_ins_code 
_atom_site.Cartn_x 
_atom_site.Cartn_y 
_atom_site.Cartn_z 
_atom_site.occupancy 
_atom_site.B_iso_or_equiv 
_atom_site.pdbx_formal_charge 
_atom_site.auth_seq_id 
_atom_site.auth_comp_id 
_atom_site.auth_asym_id 
_atom_site.auth_atom_id 
_atom_site.pdbx_PDB_model_num 
ATOM   1    N N   . GLU A 1 7   ? 0.293   12.565  -15.161 1.00 58.43 ? 22  GLU A N   1 
ATOM   2    C CA  . GLU A 1 7   ? 0.624   11.360  -14.348 1.00 57.87 ? 22  GLU A CA  1 
ATOM   3    C C   . GLU A 1 7   ? 1.914   10.706  -14.847 1.00 54.73 ? 22  GLU A C   1 
ATOM   4    O O   . GLU A 1 7   ? 2.123   10.568  -16.052 1.00 55.63 ? 22  GLU A O   1 
ATOM   5    C CB  . GLU A 1 7   ? -0.528  10.369  -14.414 1.00 60.52 ? 22  GLU A CB  1 
ATOM   6    N N   . PRO A 1 8   ? 2.803   10.307  -13.921 1.00 49.30 ? 23  PRO A N   1 
ATOM   7    C CA  . PRO A 1 8   ? 4.067   9.668   -14.300 1.00 46.45 ? 23  PRO A CA  1 
ATOM   8    C C   . PRO A 1 8   ? 3.869   8.337   -15.027 1.00 43.49 ? 23  PRO A C   1 
ATOM   9    O O   . PRO A 1 8   ? 2.760   7.810   -15.092 1.00 45.08 ? 23  PRO A O   1 
ATOM   10   C CB  . PRO A 1 8   ? 4.801   9.525   -12.966 1.00 46.89 ? 23  PRO A CB  1 
ATOM   11   C CG  . PRO A 1 8   ? 3.691   9.480   -11.960 1.00 42.13 ? 23  PRO A CG  1 
ATOM   12   C CD  . PRO A 1 8   ? 2.736   10.517  -12.466 1.00 44.92 ? 23  PRO A CD  1 
ATOM   13   N N   . GLU A 1 9   ? 4.957   7.801   -15.568 1.00 40.18 ? 24  GLU A N   1 
ATOM   14   C CA  . GLU A 1 9   ? 4.932   6.557   -16.333 1.00 41.01 ? 24  GLU A CA  1 
ATOM   15   C C   . GLU A 1 9   ? 4.879   5.265   -15.515 1.00 36.02 ? 24  GLU A C   1 
ATOM   16   O O   . GLU A 1 9   ? 5.602   5.111   -14.532 1.00 32.58 ? 24  GLU A O   1 
ATOM   17   C CB  . GLU A 1 9   ? 6.159   6.521   -17.248 1.00 44.73 ? 24  GLU A CB  1 
ATOM   18   C CG  . GLU A 1 9   ? 6.157   5.429   -18.294 1.00 50.53 ? 24  GLU A CG  1 
ATOM   19   C CD  . GLU A 1 9   ? 7.301   5.588   -19.281 1.00 59.39 ? 24  GLU A CD  1 
ATOM   20   O OE1 . GLU A 1 9   ? 7.422   6.681   -19.874 1.00 57.34 ? 24  GLU A OE1 1 
ATOM   21   O OE2 . GLU A 1 9   ? 8.075   4.624   -19.460 1.00 63.64 ? 24  GLU A OE2 1 
ATOM   22   N N   . VAL A 1 10  ? 4.019   4.341   -15.940 1.00 33.48 ? 25  VAL A N   1 
ATOM   23   C CA  . VAL A 1 10  ? 3.889   3.040   -15.282 1.00 31.56 ? 25  VAL A CA  1 
ATOM   24   C C   . VAL A 1 10  ? 4.907   2.104   -15.935 1.00 30.09 ? 25  VAL A C   1 
ATOM   25   O O   . VAL A 1 10  ? 4.886   1.912   -17.148 1.00 35.25 ? 25  VAL A O   1 
ATOM   26   C CB  . VAL A 1 10  ? 2.473   2.455   -15.466 1.00 24.06 ? 25  VAL A CB  1 
ATOM   27   C CG1 . VAL A 1 10  ? 2.423   1.033   -14.931 1.00 26.01 ? 25  VAL A CG1 1 
ATOM   28   C CG2 . VAL A 1 10  ? 1.456   3.327   -14.742 1.00 27.23 ? 25  VAL A CG2 1 
ATOM   29   N N   . THR A 1 11  ? 5.791   1.521   -15.133 1.00 28.21 ? 26  THR A N   1 
ATOM   30   C CA  . THR A 1 11  ? 6.827   0.640   -15.659 1.00 30.87 ? 26  THR A CA  1 
ATOM   31   C C   . THR A 1 11  ? 6.691   -0.820  -15.245 1.00 35.77 ? 26  THR A C   1 
ATOM   32   O O   . THR A 1 11  ? 7.357   -1.692  -15.800 1.00 33.10 ? 26  THR A O   1 
ATOM   33   C CB  . THR A 1 11  ? 8.212   1.123   -15.228 1.00 33.87 ? 26  THR A CB  1 
ATOM   34   O OG1 . THR A 1 11  ? 8.371   0.908   -13.822 1.00 37.78 ? 26  THR A OG1 1 
ATOM   35   C CG2 . THR A 1 11  ? 8.366   2.607   -15.522 1.00 30.72 ? 26  THR A CG2 1 
ATOM   36   N N   . ALA A 1 12  ? 5.846   -1.091  -14.260 1.00 33.29 ? 27  ALA A N   1 
ATOM   37   C CA  . ALA A 1 12  ? 5.652   -2.463  -13.810 1.00 29.54 ? 27  ALA A CA  1 
ATOM   38   C C   . ALA A 1 12  ? 4.272   -2.577  -13.185 1.00 28.20 ? 27  ALA A C   1 
ATOM   39   O O   . ALA A 1 12  ? 3.716   -1.585  -12.715 1.00 26.06 ? 27  ALA A O   1 
ATOM   40   C CB  . ALA A 1 12  ? 6.733   -2.846  -12.799 1.00 25.96 ? 27  ALA A CB  1 
ATOM   41   N N   . LYS A 1 13  ? 3.712   -3.782  -13.198 1.00 25.61 ? 28  LYS A N   1 
ATOM   42   C CA  . LYS A 1 13  ? 2.394   -4.013  -12.624 1.00 26.67 ? 28  LYS A CA  1 
ATOM   43   C C   . LYS A 1 13  ? 2.452   -5.114  -11.574 1.00 24.51 ? 28  LYS A C   1 
ATOM   44   O O   . LYS A 1 13  ? 3.103   -6.141  -11.776 1.00 27.23 ? 28  LYS A O   1 
ATOM   45   C CB  . LYS A 1 13  ? 1.397   -4.428  -13.706 1.00 29.41 ? 28  LYS A CB  1 
ATOM   46   C CG  . LYS A 1 13  ? 1.134   -3.406  -14.796 1.00 38.10 ? 28  LYS A CG  1 
ATOM   47   C CD  . LYS A 1 13  ? 0.076   -3.944  -15.756 1.00 43.36 ? 28  LYS A CD  1 
ATOM   48   C CE  . LYS A 1 13  ? -0.205  -2.981  -16.898 1.00 52.31 ? 28  LYS A CE  1 
ATOM   49   N NZ  . LYS A 1 13  ? -1.274  -3.510  -17.794 1.00 55.10 ? 28  LYS A NZ  1 
ATOM   50   N N   . VAL A 1 14  ? 1.781   -4.890  -10.450 1.00 21.97 ? 29  VAL A N   1 
ATOM   51   C CA  . VAL A 1 14  ? 1.723   -5.881  -9.385  1.00 21.34 ? 29  VAL A CA  1 
ATOM   52   C C   . VAL A 1 14  ? 0.261   -5.991  -8.989  1.00 19.83 ? 29  VAL A C   1 
ATOM   53   O O   . VAL A 1 14  ? -0.544  -5.171  -9.414  1.00 20.58 ? 29  VAL A O   1 
ATOM   54   C CB  . VAL A 1 14  ? 2.596   -5.480  -8.163  1.00 21.91 ? 29  VAL A CB  1 
ATOM   55   C CG1 . VAL A 1 14  ? 4.049   -5.487  -8.566  1.00 23.15 ? 29  VAL A CG1 1 
ATOM   56   C CG2 . VAL A 1 14  ? 2.203   -4.095  -7.633  1.00 17.11 ? 29  VAL A CG2 1 
ATOM   57   N N   . TYR A 1 15  ? -0.085  -6.990  -8.183  1.00 17.49 ? 30  TYR A N   1 
ATOM   58   C CA  . TYR A 1 15  ? -1.472  -7.167  -7.785  1.00 18.78 ? 30  TYR A CA  1 
ATOM   59   C C   . TYR A 1 15  ? -1.626  -7.740  -6.387  1.00 17.69 ? 30  TYR A C   1 
ATOM   60   O O   . TYR A 1 15  ? -0.685  -8.273  -5.793  1.00 18.97 ? 30  TYR A O   1 
ATOM   61   C CB  . TYR A 1 15  ? -2.174  -8.117  -8.769  1.00 21.45 ? 30  TYR A CB  1 
ATOM   62   C CG  . TYR A 1 15  ? -1.831  -9.573  -8.533  1.00 20.52 ? 30  TYR A CG  1 
ATOM   63   C CD1 . TYR A 1 15  ? -2.638  -10.380 -7.725  1.00 23.57 ? 30  TYR A CD1 1 
ATOM   64   C CD2 . TYR A 1 15  ? -0.654  -10.124 -9.041  1.00 25.26 ? 30  TYR A CD2 1 
ATOM   65   C CE1 . TYR A 1 15  ? -2.273  -11.689 -7.424  1.00 24.93 ? 30  TYR A CE1 1 
ATOM   66   C CE2 . TYR A 1 15  ? -0.281  -11.435 -8.746  1.00 21.37 ? 30  TYR A CE2 1 
ATOM   67   C CZ  . TYR A 1 15  ? -1.092  -12.210 -7.937  1.00 21.89 ? 30  TYR A CZ  1 
ATOM   68   O OH  . TYR A 1 15  ? -0.727  -13.498 -7.632  1.00 25.36 ? 30  TYR A OH  1 
ATOM   69   N N   . PHE A 1 16  ? -2.842  -7.637  -5.895  1.00 16.75 ? 31  PHE A N   1 
ATOM   70   C CA  . PHE A 1 16  ? -3.212  -8.173  -4.613  1.00 14.76 ? 31  PHE A CA  1 
ATOM   71   C C   . PHE A 1 16  ? -4.559  -8.850  -4.775  1.00 16.46 ? 31  PHE A C   1 
ATOM   72   O O   . PHE A 1 16  ? -5.476  -8.283  -5.347  1.00 18.70 ? 31  PHE A O   1 
ATOM   73   C CB  . PHE A 1 16  ? -3.447  -7.067  -3.560  1.00 16.55 ? 31  PHE A CB  1 
ATOM   74   C CG  . PHE A 1 16  ? -2.234  -6.308  -3.071  1.00 18.05 ? 31  PHE A CG  1 
ATOM   75   C CD1 . PHE A 1 16  ? -1.013  -6.932  -2.863  1.00 22.08 ? 31  PHE A CD1 1 
ATOM   76   C CD2 . PHE A 1 16  ? -2.345  -4.942  -2.786  1.00 25.68 ? 31  PHE A CD2 1 
ATOM   77   C CE1 . PHE A 1 16  ? 0.091   -6.212  -2.387  1.00 19.02 ? 31  PHE A CE1 1 
ATOM   78   C CE2 . PHE A 1 16  ? -1.246  -4.212  -2.310  1.00 21.62 ? 31  PHE A CE2 1 
ATOM   79   C CZ  . PHE A 1 16  ? -0.029  -4.851  -2.109  1.00 27.11 ? 31  PHE A CZ  1 
ATOM   80   N N   . ASP A 1 17  ? -4.683  -10.069 -4.281  1.00 15.59 ? 32  ASP A N   1 
ATOM   81   C CA  . ASP A 1 17  ? -5.965  -10.741 -4.278  1.00 17.31 ? 32  ASP A CA  1 
ATOM   82   C C   . ASP A 1 17  ? -6.461  -10.575 -2.857  1.00 18.23 ? 32  ASP A C   1 
ATOM   83   O O   . ASP A 1 17  ? -5.743  -10.924 -1.920  1.00 18.05 ? 32  ASP A O   1 
ATOM   84   C CB  . ASP A 1 17  ? -5.824  -12.223 -4.658  1.00 18.80 ? 32  ASP A CB  1 
ATOM   85   C CG  . ASP A 1 17  ? -5.608  -12.428 -6.140  1.00 20.36 ? 32  ASP A CG  1 
ATOM   86   O OD1 . ASP A 1 17  ? -5.052  -13.480 -6.514  1.00 23.99 ? 32  ASP A OD1 1 
ATOM   87   O OD2 . ASP A 1 17  ? -6.009  -11.540 -6.928  1.00 19.73 ? 32  ASP A OD2 1 
ATOM   88   N N   . VAL A 1 18  ? -7.668  -10.038 -2.680  1.00 19.24 ? 33  VAL A N   1 
ATOM   89   C CA  . VAL A 1 18  ? -8.166  -9.767  -1.339  1.00 14.43 ? 33  VAL A CA  1 
ATOM   90   C C   . VAL A 1 18  ? -9.398  -10.565 -0.903  1.00 17.17 ? 33  VAL A C   1 
ATOM   91   O O   . VAL A 1 18  ? -10.295 -10.843 -1.695  1.00 17.80 ? 33  VAL A O   1 
ATOM   92   C CB  . VAL A 1 18  ? -8.462  -8.244  -1.199  1.00 16.14 ? 33  VAL A CB  1 
ATOM   93   C CG1 . VAL A 1 18  ? -8.947  -7.918  0.209   1.00 17.59 ? 33  VAL A CG1 1 
ATOM   94   C CG2 . VAL A 1 18  ? -7.216  -7.437  -1.540  1.00 19.71 ? 33  VAL A CG2 1 
ATOM   95   N N   . MET A 1 19  ? -9.420  -10.933 0.375   1.00 18.36 ? 34  MET A N   1 
ATOM   96   C CA  . MET A 1 19  ? -10.534 -11.677 0.955   1.00 14.17 ? 34  MET A CA  1 
ATOM   97   C C   . MET A 1 19  ? -10.856 -11.120 2.327   1.00 21.11 ? 34  MET A C   1 
ATOM   98   O O   . MET A 1 19  ? -9.978  -10.595 3.015   1.00 19.68 ? 34  MET A O   1 
ATOM   99   C CB  . MET A 1 19  ? -10.190 -13.164 1.134   1.00 23.27 ? 34  MET A CB  1 
ATOM   100  C CG  . MET A 1 19  ? -10.212 -14.007 -0.133  1.00 28.02 ? 34  MET A CG  1 
ATOM   101  S SD  . MET A 1 19  ? -10.241 -15.768 0.227   1.00 37.13 ? 34  MET A SD  1 
ATOM   102  C CE  . MET A 1 19  ? -11.964 -16.148 -0.047  1.00 40.26 ? 34  MET A CE  1 
ATOM   103  N N   . ILE A 1 20  ? -12.128 -11.220 2.705   1.00 17.53 ? 35  ILE A N   1 
ATOM   104  C CA  . ILE A 1 20  ? -12.591 -10.816 4.015   1.00 22.34 ? 35  ILE A CA  1 
ATOM   105  C C   . ILE A 1 20  ? -13.363 -12.003 4.536   1.00 27.36 ? 35  ILE A C   1 
ATOM   106  O O   . ILE A 1 20  ? -14.502 -12.224 4.141   1.00 29.95 ? 35  ILE A O   1 
ATOM   107  C CB  . ILE A 1 20  ? -13.491 -9.560  3.969   1.00 24.71 ? 35  ILE A CB  1 
ATOM   108  C CG1 . ILE A 1 20  ? -12.722 -8.381  3.363   1.00 28.03 ? 35  ILE A CG1 1 
ATOM   109  C CG2 . ILE A 1 20  ? -13.975 -9.191  5.363   1.00 31.79 ? 35  ILE A CG2 1 
ATOM   110  C CD1 . ILE A 1 20  ? -13.455 -7.064  3.453   1.00 26.43 ? 35  ILE A CD1 1 
ATOM   111  N N   . ASP A 1 21  ? -12.739 -12.764 5.433   1.00 26.36 ? 36  ASP A N   1 
ATOM   112  C CA  . ASP A 1 21  ? -13.350 -13.968 6.000   1.00 33.03 ? 36  ASP A CA  1 
ATOM   113  C C   . ASP A 1 21  ? -14.263 -14.747 5.048   1.00 36.42 ? 36  ASP A C   1 
ATOM   114  O O   . ASP A 1 21  ? -15.484 -14.602 5.087   1.00 51.90 ? 36  ASP A O   1 
ATOM   115  C CB  . ASP A 1 21  ? -14.124 -13.614 7.269   1.00 37.33 ? 36  ASP A CB  1 
ATOM   116  C CG  . ASP A 1 21  ? -14.864 -14.804 7.857   1.00 44.56 ? 36  ASP A CG  1 
ATOM   117  O OD1 . ASP A 1 21  ? -14.255 -15.885 8.006   1.00 44.08 ? 36  ASP A OD1 1 
ATOM   118  O OD2 . ASP A 1 21  ? -16.059 -14.651 8.174   1.00 47.67 ? 36  ASP A OD2 1 
ATOM   119  N N   . SER A 1 22  ? -13.664 -15.569 4.197   1.00 31.29 ? 37  SER A N   1 
ATOM   120  C CA  . SER A 1 22  ? -14.402 -16.414 3.239   1.00 35.73 ? 37  SER A CA  1 
ATOM   121  C C   . SER A 1 22  ? -15.020 -15.713 2.023   1.00 27.49 ? 37  SER A C   1 
ATOM   122  O O   . SER A 1 22  ? -15.432 -16.371 1.062   1.00 27.68 ? 37  SER A O   1 
ATOM   123  C CB  . SER A 1 22  ? -15.491 -17.231 3.960   1.00 41.33 ? 37  SER A CB  1 
ATOM   124  O OG  . SER A 1 22  ? -16.729 -16.541 4.028   1.00 45.69 ? 37  SER A OG  1 
ATOM   125  N N   . GLU A 1 23  ? -15.089 -14.388 2.053   1.00 22.86 ? 38  GLU A N   1 
ATOM   126  C CA  . GLU A 1 23  ? -15.649 -13.650 0.924   1.00 23.12 ? 38  GLU A CA  1 
ATOM   127  C C   . GLU A 1 23  ? -14.557 -13.078 0.019   1.00 19.36 ? 38  GLU A C   1 
ATOM   128  O O   . GLU A 1 23  ? -13.797 -12.204 0.437   1.00 19.71 ? 38  GLU A O   1 
ATOM   129  C CB  . GLU A 1 23  ? -16.522 -12.501 1.420   1.00 29.69 ? 38  GLU A CB  1 
ATOM   130  C CG  . GLU A 1 23  ? -17.568 -12.058 0.410   1.00 47.62 ? 38  GLU A CG  1 
ATOM   131  C CD  . GLU A 1 23  ? -18.633 -13.125 0.178   1.00 53.17 ? 38  GLU A CD  1 
ATOM   132  O OE1 . GLU A 1 23  ? -19.518 -12.912 -0.674  1.00 65.39 ? 38  GLU A OE1 1 
ATOM   133  O OE2 . GLU A 1 23  ? -18.589 -14.177 0.854   1.00 58.00 ? 38  GLU A OE2 1 
ATOM   134  N N   . PRO A 1 24  ? -14.447 -13.574 -1.225  1.00 18.77 ? 39  PRO A N   1 
ATOM   135  C CA  . PRO A 1 24  ? -13.414 -13.034 -2.117  1.00 18.75 ? 39  PRO A CA  1 
ATOM   136  C C   . PRO A 1 24  ? -13.884 -11.666 -2.608  1.00 18.07 ? 39  PRO A C   1 
ATOM   137  O O   . PRO A 1 24  ? -15.020 -11.525 -3.058  1.00 21.90 ? 39  PRO A O   1 
ATOM   138  C CB  . PRO A 1 24  ? -13.357 -14.070 -3.240  1.00 20.27 ? 39  PRO A CB  1 
ATOM   139  C CG  . PRO A 1 24  ? -14.764 -14.558 -3.319  1.00 17.69 ? 39  PRO A CG  1 
ATOM   140  C CD  . PRO A 1 24  ? -15.158 -14.699 -1.861  1.00 21.61 ? 39  PRO A CD  1 
ATOM   141  N N   . LEU A 1 25  ? -13.035 -10.649 -2.505  1.00 15.63 ? 40  LEU A N   1 
ATOM   142  C CA  . LEU A 1 25  ? -13.427 -9.315  -2.963  1.00 19.92 ? 40  LEU A CA  1 
ATOM   143  C C   . LEU A 1 25  ? -12.944 -9.027  -4.378  1.00 18.87 ? 40  LEU A C   1 
ATOM   144  O O   . LEU A 1 25  ? -13.485 -8.165  -5.071  1.00 19.99 ? 40  LEU A O   1 
ATOM   145  C CB  . LEU A 1 25  ? -12.874 -8.246  -2.016  1.00 21.71 ? 40  LEU A CB  1 
ATOM   146  C CG  . LEU A 1 25  ? -13.760 -7.823  -0.842  1.00 29.28 ? 40  LEU A CG  1 
ATOM   147  C CD1 . LEU A 1 25  ? -14.137 -9.017  0.014   1.00 32.81 ? 40  LEU A CD1 1 
ATOM   148  C CD2 . LEU A 1 25  ? -13.008 -6.787  -0.031  1.00 29.63 ? 40  LEU A CD2 1 
ATOM   149  N N   . GLY A 1 26  ? -11.922 -9.750  -4.812  1.00 18.30 ? 41  GLY A N   1 
ATOM   150  C CA  . GLY A 1 26  ? -11.396 -9.513  -6.138  1.00 18.14 ? 41  GLY A CA  1 
ATOM   151  C C   . GLY A 1 26  ? -9.938  -9.096  -6.129  1.00 17.70 ? 41  GLY A C   1 
ATOM   152  O O   . GLY A 1 26  ? -9.280  -9.074  -5.085  1.00 19.10 ? 41  GLY A O   1 
ATOM   153  N N   . ARG A 1 27  ? -9.454  -8.726  -7.308  1.00 17.07 ? 42  ARG A N   1 
ATOM   154  C CA  . ARG A 1 27  ? -8.064  -8.357  -7.520  1.00 17.26 ? 42  ARG A CA  1 
ATOM   155  C C   . ARG A 1 27  ? -7.835  -6.866  -7.725  1.00 15.36 ? 42  ARG A C   1 
ATOM   156  O O   . ARG A 1 27  ? -8.580  -6.204  -8.445  1.00 22.43 ? 42  ARG A O   1 
ATOM   157  C CB  . ARG A 1 27  ? -7.550  -9.137  -8.740  1.00 17.07 ? 42  ARG A CB  1 
ATOM   158  C CG  . ARG A 1 27  ? -6.135  -8.823  -9.201  1.00 16.26 ? 42  ARG A CG  1 
ATOM   159  C CD  . ARG A 1 27  ? -5.682  -9.871  -10.219 1.00 22.75 ? 42  ARG A CD  1 
ATOM   160  N NE  . ARG A 1 27  ? -5.586  -11.189 -9.591  1.00 20.20 ? 42  ARG A NE  1 
ATOM   161  C CZ  . ARG A 1 27  ? -5.491  -12.335 -10.251 1.00 21.54 ? 42  ARG A CZ  1 
ATOM   162  N NH1 . ARG A 1 27  ? -5.481  -12.344 -11.579 1.00 19.75 ? 42  ARG A NH1 1 
ATOM   163  N NH2 . ARG A 1 27  ? -5.400  -13.475 -9.579  1.00 21.92 ? 42  ARG A NH2 1 
ATOM   164  N N   . ILE A 1 28  ? -6.798  -6.351  -7.075  1.00 16.46 ? 43  ILE A N   1 
ATOM   165  C CA  . ILE A 1 28  ? -6.420  -4.947  -7.194  1.00 16.30 ? 43  ILE A CA  1 
ATOM   166  C C   . ILE A 1 28  ? -5.144  -4.927  -8.030  1.00 18.00 ? 43  ILE A C   1 
ATOM   167  O O   . ILE A 1 28  ? -4.149  -5.544  -7.656  1.00 16.82 ? 43  ILE A O   1 
ATOM   168  C CB  . ILE A 1 28  ? -6.105  -4.321  -5.812  1.00 16.19 ? 43  ILE A CB  1 
ATOM   169  C CG1 . ILE A 1 28  ? -7.347  -4.366  -4.917  1.00 16.87 ? 43  ILE A CG1 1 
ATOM   170  C CG2 . ILE A 1 28  ? -5.612  -2.888  -5.990  1.00 22.52 ? 43  ILE A CG2 1 
ATOM   171  C CD1 . ILE A 1 28  ? -7.083  -3.858  -3.502  1.00 22.13 ? 43  ILE A CD1 1 
ATOM   172  N N   . THR A 1 29  ? -5.178  -4.251  -9.175  1.00 16.51 ? 44  THR A N   1 
ATOM   173  C CA  . THR A 1 29  ? -3.991  -4.173  -10.022 1.00 19.78 ? 44  THR A CA  1 
ATOM   174  C C   . THR A 1 29  ? -3.348  -2.806  -9.826  1.00 19.86 ? 44  THR A C   1 
ATOM   175  O O   . THR A 1 29  ? -4.007  -1.778  -9.962  1.00 19.52 ? 44  THR A O   1 
ATOM   176  C CB  . THR A 1 29  ? -4.335  -4.356  -11.507 1.00 20.31 ? 44  THR A CB  1 
ATOM   177  O OG1 . THR A 1 29  ? -5.011  -5.604  -11.682 1.00 24.09 ? 44  THR A OG1 1 
ATOM   178  C CG2 . THR A 1 29  ? -3.054  -4.361  -12.350 1.00 22.82 ? 44  THR A CG2 1 
ATOM   179  N N   . ILE A 1 30  ? -2.057  -2.813  -9.514  1.00 15.24 ? 45  ILE A N   1 
ATOM   180  C CA  . ILE A 1 30  ? -1.310  -1.585  -9.251  1.00 22.74 ? 45  ILE A CA  1 
ATOM   181  C C   . ILE A 1 30  ? -0.186  -1.357  -10.261 1.00 21.66 ? 45  ILE A C   1 
ATOM   182  O O   . ILE A 1 30  ? 0.554   -2.279  -10.587 1.00 20.51 ? 45  ILE A O   1 
ATOM   183  C CB  . ILE A 1 30  ? -0.698  -1.637  -7.821  1.00 17.63 ? 45  ILE A CB  1 
ATOM   184  C CG1 . ILE A 1 30  ? -1.820  -1.661  -6.778  1.00 21.37 ? 45  ILE A CG1 1 
ATOM   185  C CG2 . ILE A 1 30  ? 0.237   -0.445  -7.590  1.00 19.85 ? 45  ILE A CG2 1 
ATOM   186  C CD1 . ILE A 1 30  ? -1.413  -2.247  -5.427  1.00 26.83 ? 45  ILE A CD1 1 
ATOM   187  N N   . GLY A 1 31  ? -0.081  -0.125  -10.755 1.00 20.43 ? 46  GLY A N   1 
ATOM   188  C CA  . GLY A 1 31  ? 0.973   0.223   -11.695 1.00 21.41 ? 46  GLY A CA  1 
ATOM   189  C C   . GLY A 1 31  ? 2.010   1.012   -10.919 1.00 18.78 ? 46  GLY A C   1 
ATOM   190  O O   . GLY A 1 31  ? 1.652   1.892   -10.135 1.00 25.06 ? 46  GLY A O   1 
ATOM   191  N N   . LEU A 1 32  ? 3.287   0.702   -11.119 1.00 18.33 ? 47  LEU A N   1 
ATOM   192  C CA  . LEU A 1 32  ? 4.359   1.380   -10.393 1.00 22.72 ? 47  LEU A CA  1 
ATOM   193  C C   . LEU A 1 32  ? 5.098   2.392   -11.272 1.00 27.74 ? 47  LEU A C   1 
ATOM   194  O O   . LEU A 1 32  ? 5.265   2.176   -12.468 1.00 26.60 ? 47  LEU A O   1 
ATOM   195  C CB  . LEU A 1 32  ? 5.355   0.347   -9.864  1.00 18.63 ? 47  LEU A CB  1 
ATOM   196  C CG  . LEU A 1 32  ? 4.803   -0.756  -8.953  1.00 29.70 ? 47  LEU A CG  1 
ATOM   197  C CD1 . LEU A 1 32  ? 5.900   -1.760  -8.671  1.00 24.96 ? 47  LEU A CD1 1 
ATOM   198  C CD2 . LEU A 1 32  ? 4.276   -0.158  -7.651  1.00 26.58 ? 47  LEU A CD2 1 
ATOM   199  N N   . PHE A 1 33  ? 5.536   3.493   -10.663 1.00 26.46 ? 48  PHE A N   1 
ATOM   200  C CA  . PHE A 1 33  ? 6.264   4.548   -11.376 1.00 28.84 ? 48  PHE A CA  1 
ATOM   201  C C   . PHE A 1 33  ? 7.760   4.287   -11.214 1.00 23.53 ? 48  PHE A C   1 
ATOM   202  O O   . PHE A 1 33  ? 8.446   4.985   -10.465 1.00 26.04 ? 48  PHE A O   1 
ATOM   203  C CB  . PHE A 1 33  ? 5.907   5.913   -10.785 1.00 21.35 ? 48  PHE A CB  1 
ATOM   204  C CG  . PHE A 1 33  ? 4.430   6.193   -10.757 1.00 25.06 ? 48  PHE A CG  1 
ATOM   205  C CD1 . PHE A 1 33  ? 3.883   6.983   -9.755  1.00 28.90 ? 48  PHE A CD1 1 
ATOM   206  C CD2 . PHE A 1 33  ? 3.589   5.667   -11.732 1.00 30.65 ? 48  PHE A CD2 1 
ATOM   207  C CE1 . PHE A 1 33  ? 2.519   7.248   -9.721  1.00 31.30 ? 48  PHE A CE1 1 
ATOM   208  C CE2 . PHE A 1 33  ? 2.227   5.926   -11.709 1.00 25.39 ? 48  PHE A CE2 1 
ATOM   209  C CZ  . PHE A 1 33  ? 1.686   6.717   -10.702 1.00 29.64 ? 48  PHE A CZ  1 
ATOM   210  N N   . GLY A 1 34  ? 8.258   3.280   -11.929 1.00 25.11 ? 49  GLY A N   1 
ATOM   211  C CA  . GLY A 1 34  ? 9.658   2.901   -11.833 1.00 25.43 ? 49  GLY A CA  1 
ATOM   212  C C   . GLY A 1 34  ? 10.686  3.965   -12.171 1.00 33.08 ? 49  GLY A C   1 
ATOM   213  O O   . GLY A 1 34  ? 11.781  3.977   -11.606 1.00 33.28 ? 49  GLY A O   1 
ATOM   214  N N   . LYS A 1 35  ? 10.352  4.859   -13.094 1.00 36.90 ? 50  LYS A N   1 
ATOM   215  C CA  . LYS A 1 35  ? 11.288  5.907   -13.476 1.00 42.64 ? 50  LYS A CA  1 
ATOM   216  C C   . LYS A 1 35  ? 11.352  7.041   -12.464 1.00 43.05 ? 50  LYS A C   1 
ATOM   217  O O   . LYS A 1 35  ? 12.417  7.619   -12.245 1.00 49.86 ? 50  LYS A O   1 
ATOM   218  C CB  . LYS A 1 35  ? 10.933  6.473   -14.851 1.00 45.55 ? 50  LYS A CB  1 
ATOM   219  C CG  . LYS A 1 35  ? 11.144  5.502   -16.005 1.00 54.64 ? 50  LYS A CG  1 
ATOM   220  C CD  . LYS A 1 35  ? 10.982  6.211   -17.341 1.00 57.13 ? 50  LYS A CD  1 
ATOM   221  C CE  . LYS A 1 35  ? 9.641   6.931   -17.415 1.00 59.21 ? 50  LYS A CE  1 
ATOM   222  N NZ  . LYS A 1 35  ? 9.567   7.899   -18.541 1.00 61.27 ? 50  LYS A NZ  1 
ATOM   223  N N   . ASP A 1 36  ? 10.222  7.361   -11.841 1.00 39.88 ? 51  ASP A N   1 
ATOM   224  C CA  . ASP A 1 36  ? 10.189  8.443   -10.862 1.00 35.64 ? 51  ASP A CA  1 
ATOM   225  C C   . ASP A 1 36  ? 10.626  8.037   -9.452  1.00 36.01 ? 51  ASP A C   1 
ATOM   226  O O   . ASP A 1 36  ? 11.056  8.883   -8.676  1.00 35.77 ? 51  ASP A O   1 
ATOM   227  C CB  . ASP A 1 36  ? 8.788   9.055   -10.786 1.00 38.42 ? 51  ASP A CB  1 
ATOM   228  C CG  . ASP A 1 36  ? 8.355   9.686   -12.091 1.00 49.80 ? 51  ASP A CG  1 
ATOM   229  O OD1 . ASP A 1 36  ? 8.136   8.939   -13.067 1.00 54.89 ? 51  ASP A OD1 1 
ATOM   230  O OD2 . ASP A 1 36  ? 8.240   10.930  -12.142 1.00 49.69 ? 51  ASP A OD2 1 
ATOM   231  N N   . ALA A 1 37  ? 10.515  6.754   -9.119  1.00 32.56 ? 52  ALA A N   1 
ATOM   232  C CA  . ALA A 1 37  ? 10.898  6.283   -7.788  1.00 28.02 ? 52  ALA A CA  1 
ATOM   233  C C   . ALA A 1 37  ? 11.420  4.847   -7.834  1.00 34.34 ? 52  ALA A C   1 
ATOM   234  O O   . ALA A 1 37  ? 10.765  3.917   -7.346  1.00 26.54 ? 52  ALA A O   1 
ATOM   235  C CB  . ALA A 1 37  ? 9.700   6.374   -6.840  1.00 26.47 ? 52  ALA A CB  1 
ATOM   236  N N   . PRO A 1 38  ? 12.625  4.653   -8.401  1.00 32.42 ? 53  PRO A N   1 
ATOM   237  C CA  . PRO A 1 38  ? 13.268  3.342   -8.532  1.00 32.80 ? 53  PRO A CA  1 
ATOM   238  C C   . PRO A 1 38  ? 13.462  2.540   -7.249  1.00 30.78 ? 53  PRO A C   1 
ATOM   239  O O   . PRO A 1 38  ? 13.140  1.354   -7.214  1.00 31.48 ? 53  PRO A O   1 
ATOM   240  C CB  . PRO A 1 38  ? 14.593  3.674   -9.223  1.00 30.52 ? 53  PRO A CB  1 
ATOM   241  C CG  . PRO A 1 38  ? 14.887  5.060   -8.739  1.00 30.26 ? 53  PRO A CG  1 
ATOM   242  C CD  . PRO A 1 38  ? 13.529  5.715   -8.881  1.00 34.90 ? 53  PRO A CD  1 
ATOM   243  N N   . LEU A 1 39  ? 13.996  3.163   -6.203  1.00 27.10 ? 54  LEU A N   1 
ATOM   244  C CA  . LEU A 1 39  ? 14.214  2.446   -4.948  1.00 26.33 ? 54  LEU A CA  1 
ATOM   245  C C   . LEU A 1 39  ? 12.899  2.047   -4.300  1.00 27.10 ? 54  LEU A C   1 
ATOM   246  O O   . LEU A 1 39  ? 12.769  0.949   -3.764  1.00 25.16 ? 54  LEU A O   1 
ATOM   247  C CB  . LEU A 1 39  ? 14.990  3.300   -3.946  1.00 35.67 ? 54  LEU A CB  1 
ATOM   248  C CG  . LEU A 1 39  ? 16.486  3.576   -4.097  1.00 39.54 ? 54  LEU A CG  1 
ATOM   249  C CD1 . LEU A 1 39  ? 17.101  3.465   -2.711  1.00 44.13 ? 54  LEU A CD1 1 
ATOM   250  C CD2 . LEU A 1 39  ? 17.148  2.587   -5.042  1.00 40.61 ? 54  LEU A CD2 1 
ATOM   251  N N   . THR A 1 40  ? 11.931  2.954   -4.348  1.00 23.36 ? 55  THR A N   1 
ATOM   252  C CA  . THR A 1 40  ? 10.627  2.721   -3.741  1.00 25.84 ? 55  THR A CA  1 
ATOM   253  C C   . THR A 1 40  ? 9.820   1.660   -4.481  1.00 24.06 ? 55  THR A C   1 
ATOM   254  O O   . THR A 1 40  ? 9.268   0.758   -3.853  1.00 21.73 ? 55  THR A O   1 
ATOM   255  C CB  . THR A 1 40  ? 9.810   4.031   -3.676  1.00 22.69 ? 55  THR A CB  1 
ATOM   256  O OG1 . THR A 1 40  ? 10.628  5.073   -3.127  1.00 26.46 ? 55  THR A OG1 1 
ATOM   257  C CG2 . THR A 1 40  ? 8.590   3.851   -2.784  1.00 22.20 ? 55  THR A CG2 1 
ATOM   258  N N   . THR A 1 41  ? 9.753   1.759   -5.806  1.00 24.18 ? 56  THR A N   1 
ATOM   259  C CA  . THR A 1 41  ? 8.996   0.787   -6.588  1.00 22.77 ? 56  THR A CA  1 
ATOM   260  C C   . THR A 1 41  ? 9.609   -0.608  -6.501  1.00 25.25 ? 56  THR A C   1 
ATOM   261  O O   . THR A 1 41  ? 8.881   -1.599  -6.435  1.00 22.64 ? 56  THR A O   1 
ATOM   262  C CB  . THR A 1 41  ? 8.900   1.192   -8.070  1.00 22.42 ? 56  THR A CB  1 
ATOM   263  O OG1 . THR A 1 41  ? 10.214  1.371   -8.601  1.00 24.82 ? 56  THR A OG1 1 
ATOM   264  C CG2 . THR A 1 41  ? 8.108   2.478   -8.225  1.00 22.30 ? 56  THR A CG2 1 
ATOM   265  N N   . GLU A 1 42  ? 10.938  -0.694  -6.496  1.00 22.23 ? 57  GLU A N   1 
ATOM   266  C CA  . GLU A 1 42  ? 11.601  -1.997  -6.413  1.00 23.69 ? 57  GLU A CA  1 
ATOM   267  C C   . GLU A 1 42  ? 11.330  -2.684  -5.085  1.00 23.78 ? 57  GLU A C   1 
ATOM   268  O O   . GLU A 1 42  ? 11.169  -3.906  -5.019  1.00 23.49 ? 57  GLU A O   1 
ATOM   269  C CB  . GLU A 1 42  ? 13.111  -1.855  -6.627  1.00 25.26 ? 57  GLU A CB  1 
ATOM   270  C CG  . GLU A 1 42  ? 13.523  -1.988  -8.078  1.00 31.58 ? 57  GLU A CG  1 
ATOM   271  C CD  . GLU A 1 42  ? 13.078  -3.318  -8.674  1.00 35.42 ? 57  GLU A CD  1 
ATOM   272  O OE1 . GLU A 1 42  ? 13.518  -4.374  -8.174  1.00 39.91 ? 57  GLU A OE1 1 
ATOM   273  O OE2 . GLU A 1 42  ? 12.283  -3.309  -9.635  1.00 36.02 ? 57  GLU A OE2 1 
ATOM   274  N N   . ASN A 1 43  ? 11.284  -1.890  -4.028  1.00 22.48 ? 58  ASN A N   1 
ATOM   275  C CA  . ASN A 1 43  ? 10.998  -2.404  -2.699  1.00 26.23 ? 58  ASN A CA  1 
ATOM   276  C C   . ASN A 1 43  ? 9.583   -2.989  -2.695  1.00 22.10 ? 58  ASN A C   1 
ATOM   277  O O   . ASN A 1 43  ? 9.368   -4.114  -2.251  1.00 19.70 ? 58  ASN A O   1 
ATOM   278  C CB  . ASN A 1 43  ? 11.095  -1.268  -1.675  1.00 20.83 ? 58  ASN A CB  1 
ATOM   279  C CG  . ASN A 1 43  ? 10.682  -1.697  -0.283  1.00 23.75 ? 58  ASN A CG  1 
ATOM   280  O OD1 . ASN A 1 43  ? 11.307  -2.568  0.327   1.00 28.00 ? 58  ASN A OD1 1 
ATOM   281  N ND2 . ASN A 1 43  ? 9.615   -1.088  0.228   1.00 21.43 ? 58  ASN A ND2 1 
ATOM   282  N N   . PHE A 1 44  ? 8.624   -2.229  -3.218  1.00 15.96 ? 59  PHE A N   1 
ATOM   283  C CA  . PHE A 1 44  ? 7.237   -2.680  -3.246  1.00 21.12 ? 59  PHE A CA  1 
ATOM   284  C C   . PHE A 1 44  ? 7.094   -3.922  -4.125  1.00 22.15 ? 59  PHE A C   1 
ATOM   285  O O   . PHE A 1 44  ? 6.444   -4.897  -3.740  1.00 17.62 ? 59  PHE A O   1 
ATOM   286  C CB  . PHE A 1 44  ? 6.340   -1.564  -3.780  1.00 19.88 ? 59  PHE A CB  1 
ATOM   287  C CG  . PHE A 1 44  ? 4.880   -1.783  -3.519  1.00 21.10 ? 59  PHE A CG  1 
ATOM   288  C CD1 . PHE A 1 44  ? 4.327   -1.470  -2.279  1.00 20.15 ? 59  PHE A CD1 1 
ATOM   289  C CD2 . PHE A 1 44  ? 4.051   -2.283  -4.520  1.00 19.61 ? 59  PHE A CD2 1 
ATOM   290  C CE1 . PHE A 1 44  ? 2.963   -1.648  -2.038  1.00 24.20 ? 59  PHE A CE1 1 
ATOM   291  C CE2 . PHE A 1 44  ? 2.691   -2.467  -4.294  1.00 21.46 ? 59  PHE A CE2 1 
ATOM   292  C CZ  . PHE A 1 44  ? 2.143   -2.146  -3.049  1.00 18.47 ? 59  PHE A CZ  1 
ATOM   293  N N   . ARG A 1 45  ? 7.719   -3.882  -5.300  1.00 21.95 ? 60  ARG A N   1 
ATOM   294  C CA  . ARG A 1 45  ? 7.663   -4.986  -6.249  1.00 23.23 ? 60  ARG A CA  1 
ATOM   295  C C   . ARG A 1 45  ? 8.159   -6.292  -5.646  1.00 27.61 ? 60  ARG A C   1 
ATOM   296  O O   . ARG A 1 45  ? 7.497   -7.323  -5.752  1.00 26.07 ? 60  ARG A O   1 
ATOM   297  C CB  . ARG A 1 45  ? 8.501   -4.669  -7.489  1.00 23.61 ? 60  ARG A CB  1 
ATOM   298  C CG  . ARG A 1 45  ? 8.106   -5.483  -8.718  1.00 24.93 ? 60  ARG A CG  1 
ATOM   299  C CD  . ARG A 1 45  ? 9.232   -5.534  -9.749  1.00 30.81 ? 60  ARG A CD  1 
ATOM   300  N NE  . ARG A 1 45  ? 9.840   -6.861  -9.759  1.00 45.01 ? 60  ARG A NE  1 
ATOM   301  C CZ  . ARG A 1 45  ? 11.103  -7.112  -9.445  1.00 40.19 ? 60  ARG A CZ  1 
ATOM   302  N NH1 . ARG A 1 45  ? 11.911  -6.124  -9.099  1.00 47.07 ? 60  ARG A NH1 1 
ATOM   303  N NH2 . ARG A 1 45  ? 11.553  -8.357  -9.456  1.00 52.24 ? 60  ARG A NH2 1 
ATOM   304  N N   . GLN A 1 46  ? 9.324   -6.251  -5.009  1.00 23.93 ? 61  GLN A N   1 
ATOM   305  C CA  . GLN A 1 46  ? 9.894   -7.453  -4.425  1.00 25.98 ? 61  GLN A CA  1 
ATOM   306  C C   . GLN A 1 46  ? 9.176   -7.935  -3.169  1.00 26.59 ? 61  GLN A C   1 
ATOM   307  O O   . GLN A 1 46  ? 9.267   -9.112  -2.809  1.00 20.69 ? 61  GLN A O   1 
ATOM   308  C CB  . GLN A 1 46  ? 11.397  -7.243  -4.185  1.00 25.03 ? 61  GLN A CB  1 
ATOM   309  C CG  . GLN A 1 46  ? 12.179  -7.252  -5.501  1.00 29.27 ? 61  GLN A CG  1 
ATOM   310  C CD  . GLN A 1 46  ? 13.632  -6.857  -5.346  1.00 32.07 ? 61  GLN A CD  1 
ATOM   311  O OE1 . GLN A 1 46  ? 14.326  -7.336  -4.454  1.00 32.56 ? 61  GLN A OE1 1 
ATOM   312  N NE2 . GLN A 1 46  ? 14.105  -5.983  -6.230  1.00 31.23 ? 61  GLN A NE2 1 
ATOM   313  N N   . LEU A 1 47  ? 8.450   -7.039  -2.507  1.00 22.50 ? 62  LEU A N   1 
ATOM   314  C CA  . LEU A 1 47  ? 7.693   -7.437  -1.327  1.00 22.85 ? 62  LEU A CA  1 
ATOM   315  C C   . LEU A 1 47  ? 6.425   -8.125  -1.815  1.00 24.77 ? 62  LEU A C   1 
ATOM   316  O O   . LEU A 1 47  ? 5.847   -8.952  -1.107  1.00 21.91 ? 62  LEU A O   1 
ATOM   317  C CB  . LEU A 1 47  ? 7.335   -6.227  -0.453  1.00 22.24 ? 62  LEU A CB  1 
ATOM   318  C CG  . LEU A 1 47  ? 8.515   -5.604  0.299   1.00 23.57 ? 62  LEU A CG  1 
ATOM   319  C CD1 . LEU A 1 47  ? 8.050   -4.413  1.092   1.00 20.37 ? 62  LEU A CD1 1 
ATOM   320  C CD2 . LEU A 1 47  ? 9.143   -6.645  1.221   1.00 19.55 ? 62  LEU A CD2 1 
ATOM   321  N N   . CYS A 1 48  ? 6.002   -7.780  -3.031  1.00 21.24 ? 63  CYS A N   1 
ATOM   322  C CA  . CYS A 1 48  ? 4.814   -8.380  -3.640  1.00 24.85 ? 63  CYS A CA  1 
ATOM   323  C C   . CYS A 1 48  ? 5.119   -9.799  -4.111  1.00 24.59 ? 63  CYS A C   1 
ATOM   324  O O   . CYS A 1 48  ? 4.280   -10.694 -4.004  1.00 21.18 ? 63  CYS A O   1 
ATOM   325  C CB  . CYS A 1 48  ? 4.341   -7.557  -4.846  1.00 17.79 ? 63  CYS A CB  1 
ATOM   326  S SG  . CYS A 1 48  ? 3.327   -6.108  -4.434  1.00 22.20 ? 63  CYS A SG  1 
ATOM   327  N N   . THR A 1 49  ? 6.318   -10.002 -4.651  1.00 24.27 ? 64  THR A N   1 
ATOM   328  C CA  . THR A 1 49  ? 6.692   -11.332 -5.129  1.00 27.42 ? 64  THR A CA  1 
ATOM   329  C C   . THR A 1 49  ? 7.119   -12.221 -3.965  1.00 29.17 ? 64  THR A C   1 
ATOM   330  O O   . THR A 1 49  ? 6.944   -13.434 -4.010  1.00 29.68 ? 64  THR A O   1 
ATOM   331  C CB  . THR A 1 49  ? 7.847   -11.269 -6.162  1.00 24.33 ? 64  THR A CB  1 
ATOM   332  O OG1 . THR A 1 49  ? 9.016   -10.729 -5.539  1.00 22.93 ? 64  THR A OG1 1 
ATOM   333  C CG2 . THR A 1 49  ? 7.460   -10.393 -7.355  1.00 27.66 ? 64  THR A CG2 1 
ATOM   334  N N   . GLY A 1 50  ? 7.667   -11.612 -2.917  1.00 31.19 ? 65  GLY A N   1 
ATOM   335  C CA  . GLY A 1 50  ? 8.124   -12.384 -1.775  1.00 34.39 ? 65  GLY A CA  1 
ATOM   336  C C   . GLY A 1 50  ? 9.448   -13.083 -2.057  1.00 34.19 ? 65  GLY A C   1 
ATOM   337  O O   . GLY A 1 50  ? 9.744   -14.127 -1.477  1.00 39.20 ? 65  GLY A O   1 
ATOM   338  N N   . GLU A 1 51  ? 10.237  -12.492 -2.952  1.00 35.00 ? 66  GLU A N   1 
ATOM   339  C CA  . GLU A 1 51  ? 11.545  -13.015 -3.363  1.00 36.99 ? 66  GLU A CA  1 
ATOM   340  C C   . GLU A 1 51  ? 12.546  -13.241 -2.231  1.00 38.23 ? 66  GLU A C   1 
ATOM   341  O O   . GLU A 1 51  ? 13.306  -14.210 -2.244  1.00 38.72 ? 66  GLU A O   1 
ATOM   342  C CB  . GLU A 1 51  ? 12.189  -12.055 -4.370  1.00 39.41 ? 66  GLU A CB  1 
ATOM   343  C CG  . GLU A 1 51  ? 11.602  -12.100 -5.763  1.00 40.11 ? 66  GLU A CG  1 
ATOM   344  C CD  . GLU A 1 51  ? 12.029  -10.912 -6.612  1.00 39.19 ? 66  GLU A CD  1 
ATOM   345  O OE1 . GLU A 1 51  ? 13.239  -10.603 -6.666  1.00 33.31 ? 66  GLU A OE1 1 
ATOM   346  O OE2 . GLU A 1 51  ? 11.147  -10.288 -7.237  1.00 47.56 ? 66  GLU A OE2 1 
ATOM   347  N N   . HIS A 1 52  ? 12.550  -12.340 -1.259  1.00 35.20 ? 67  HIS A N   1 
ATOM   348  C CA  . HIS A 1 52  ? 13.490  -12.419 -0.152  1.00 32.96 ? 67  HIS A CA  1 
ATOM   349  C C   . HIS A 1 52  ? 13.032  -13.282 1.010   1.00 35.81 ? 67  HIS A C   1 
ATOM   350  O O   . HIS A 1 52  ? 13.726  -13.391 2.019   1.00 40.00 ? 67  HIS A O   1 
ATOM   351  C CB  . HIS A 1 52  ? 13.800  -11.007 0.330   1.00 37.08 ? 67  HIS A CB  1 
ATOM   352  C CG  . HIS A 1 52  ? 14.278  -10.100 -0.757  1.00 40.88 ? 67  HIS A CG  1 
ATOM   353  N ND1 . HIS A 1 52  ? 15.615  -9.848  -0.986  1.00 46.97 ? 67  HIS A ND1 1 
ATOM   354  C CD2 . HIS A 1 52  ? 13.600  -9.421  -1.713  1.00 45.90 ? 67  HIS A CD2 1 
ATOM   355  C CE1 . HIS A 1 52  ? 15.738  -9.056  -2.035  1.00 44.01 ? 67  HIS A CE1 1 
ATOM   356  N NE2 . HIS A 1 52  ? 14.530  -8.783  -2.495  1.00 43.32 ? 67  HIS A NE2 1 
ATOM   357  N N   . GLY A 1 53  ? 11.865  -13.897 0.881   1.00 36.81 ? 68  GLY A N   1 
ATOM   358  C CA  . GLY A 1 53  ? 11.388  -14.746 1.955   1.00 34.38 ? 68  GLY A CA  1 
ATOM   359  C C   . GLY A 1 53  ? 10.306  -14.112 2.799   1.00 34.46 ? 68  GLY A C   1 
ATOM   360  O O   . GLY A 1 53  ? 9.733   -14.768 3.667   1.00 37.36 ? 68  GLY A O   1 
ATOM   361  N N   . PHE A 1 54  ? 10.031  -12.835 2.562   1.00 32.17 ? 69  PHE A N   1 
ATOM   362  C CA  . PHE A 1 54  ? 8.992   -12.130 3.301   1.00 27.75 ? 69  PHE A CA  1 
ATOM   363  C C   . PHE A 1 54  ? 8.278   -11.166 2.367   1.00 26.24 ? 69  PHE A C   1 
ATOM   364  O O   . PHE A 1 54  ? 8.799   -10.807 1.305   1.00 26.08 ? 69  PHE A O   1 
ATOM   365  C CB  . PHE A 1 54  ? 9.586   -11.381 4.496   1.00 24.45 ? 69  PHE A CB  1 
ATOM   366  C CG  . PHE A 1 54  ? 10.789  -10.556 4.157   1.00 34.72 ? 69  PHE A CG  1 
ATOM   367  C CD1 . PHE A 1 54  ? 10.658  -9.219  3.801   1.00 35.00 ? 69  PHE A CD1 1 
ATOM   368  C CD2 . PHE A 1 54  ? 12.059  -11.129 4.164   1.00 38.42 ? 69  PHE A CD2 1 
ATOM   369  C CE1 . PHE A 1 54  ? 11.778  -8.462  3.453   1.00 42.80 ? 69  PHE A CE1 1 
ATOM   370  C CE2 . PHE A 1 54  ? 13.182  -10.383 3.820   1.00 42.24 ? 69  PHE A CE2 1 
ATOM   371  C CZ  . PHE A 1 54  ? 13.042  -9.047  3.462   1.00 40.78 ? 69  PHE A CZ  1 
ATOM   372  N N   . GLY A 1 55  ? 7.077   -10.757 2.753   1.00 27.36 ? 70  GLY A N   1 
ATOM   373  C CA  . GLY A 1 55  ? 6.337   -9.878  1.874   1.00 24.33 ? 70  GLY A CA  1 
ATOM   374  C C   . GLY A 1 55  ? 4.890   -9.633  2.289   1.00 24.96 ? 70  GLY A C   1 
ATOM   375  O O   . GLY A 1 55  ? 4.479   -9.912  3.413   1.00 22.70 ? 70  GLY A O   1 
ATOM   376  N N   . TYR A 1 56  ? 4.126   -9.093  1.349   1.00 22.25 ? 71  TYR A N   1 
ATOM   377  C CA  . TYR A 1 56  ? 2.725   -8.741  1.566   1.00 18.91 ? 71  TYR A CA  1 
ATOM   378  C C   . TYR A 1 56  ? 1.771   -9.951  1.589   1.00 17.33 ? 71  TYR A C   1 
ATOM   379  O O   . TYR A 1 56  ? 0.690   -9.867  2.192   1.00 18.20 ? 71  TYR A O   1 
ATOM   380  C CB  . TYR A 1 56  ? 2.274   -7.715  0.518   1.00 18.97 ? 71  TYR A CB  1 
ATOM   381  C CG  . TYR A 1 56  ? 3.006   -6.393  0.604   1.00 18.76 ? 71  TYR A CG  1 
ATOM   382  C CD1 . TYR A 1 56  ? 3.468   -5.761  -0.542  1.00 21.74 ? 71  TYR A CD1 1 
ATOM   383  C CD2 . TYR A 1 56  ? 3.229   -5.777  1.829   1.00 20.62 ? 71  TYR A CD2 1 
ATOM   384  C CE1 . TYR A 1 56  ? 4.135   -4.551  -0.472  1.00 17.50 ? 71  TYR A CE1 1 
ATOM   385  C CE2 . TYR A 1 56  ? 3.894   -4.565  1.909   1.00 17.33 ? 71  TYR A CE2 1 
ATOM   386  C CZ  . TYR A 1 56  ? 4.343   -3.958  0.756   1.00 15.95 ? 71  TYR A CZ  1 
ATOM   387  O OH  . TYR A 1 56  ? 5.004   -2.753  0.832   1.00 17.91 ? 71  TYR A OH  1 
ATOM   388  N N   . LYS A 1 57  ? 2.155   -11.065 0.949   1.00 18.75 ? 72  LYS A N   1 
ATOM   389  C CA  . LYS A 1 57  ? 1.268   -12.238 0.948   1.00 22.07 ? 72  LYS A CA  1 
ATOM   390  C C   . LYS A 1 57  ? 0.852   -12.581 2.372   1.00 15.07 ? 72  LYS A C   1 
ATOM   391  O O   . LYS A 1 57  ? 1.691   -12.671 3.266   1.00 18.72 ? 72  LYS A O   1 
ATOM   392  C CB  . LYS A 1 57  ? 1.908   -13.478 0.298   1.00 19.37 ? 72  LYS A CB  1 
ATOM   393  C CG  . LYS A 1 57  ? 0.990   -14.712 0.343   1.00 27.72 ? 72  LYS A CG  1 
ATOM   394  C CD  . LYS A 1 57  ? 1.635   -15.939 -0.291  1.00 31.14 ? 72  LYS A CD  1 
ATOM   395  C CE  . LYS A 1 57  ? 0.637   -17.087 -0.472  1.00 37.61 ? 72  LYS A CE  1 
ATOM   396  N NZ  . LYS A 1 57  ? -0.061  -17.426 0.804   1.00 36.86 ? 72  LYS A NZ  1 
ATOM   397  N N   . ASP A 1 58  ? -0.449  -12.749 2.579   1.00 16.01 ? 73  ASP A N   1 
ATOM   398  C CA  . ASP A 1 58  ? -1.000  -13.095 3.883   1.00 21.27 ? 73  ASP A CA  1 
ATOM   399  C C   . ASP A 1 58  ? -0.944  -11.989 4.944   1.00 24.54 ? 73  ASP A C   1 
ATOM   400  O O   . ASP A 1 58  ? -1.049  -12.270 6.135   1.00 27.89 ? 73  ASP A O   1 
ATOM   401  C CB  . ASP A 1 58  ? -0.326  -14.373 4.404   1.00 25.12 ? 73  ASP A CB  1 
ATOM   402  C CG  . ASP A 1 58  ? -0.709  -15.604 3.592   1.00 28.11 ? 73  ASP A CG  1 
ATOM   403  O OD1 . ASP A 1 58  ? 0.081   -16.567 3.563   1.00 32.71 ? 73  ASP A OD1 1 
ATOM   404  O OD2 . ASP A 1 58  ? -1.810  -15.610 2.996   1.00 26.27 ? 73  ASP A OD2 1 
ATOM   405  N N   . SER A 1 59  ? -0.777  -10.741 4.520   1.00 18.66 ? 74  SER A N   1 
ATOM   406  C CA  . SER A 1 59  ? -0.773  -9.619  5.460   1.00 20.15 ? 74  SER A CA  1 
ATOM   407  C C   . SER A 1 59  ? -2.170  -8.983  5.362   1.00 18.43 ? 74  SER A C   1 
ATOM   408  O O   . SER A 1 59  ? -2.992  -9.425  4.561   1.00 19.69 ? 74  SER A O   1 
ATOM   409  C CB  . SER A 1 59  ? 0.307   -8.591  5.096   1.00 21.02 ? 74  SER A CB  1 
ATOM   410  O OG  . SER A 1 59  ? 0.094   -8.053  3.800   1.00 21.13 ? 74  SER A OG  1 
ATOM   411  N N   . ILE A 1 60  ? -2.440  -7.956  6.159   1.00 15.68 ? 75  ILE A N   1 
ATOM   412  C CA  . ILE A 1 60  ? -3.759  -7.325  6.147   1.00 14.80 ? 75  ILE A CA  1 
ATOM   413  C C   . ILE A 1 60  ? -3.697  -5.810  6.020   1.00 18.63 ? 75  ILE A C   1 
ATOM   414  O O   . ILE A 1 60  ? -2.632  -5.204  6.108   1.00 16.90 ? 75  ILE A O   1 
ATOM   415  C CB  . ILE A 1 60  ? -4.527  -7.594  7.464   1.00 16.40 ? 75  ILE A CB  1 
ATOM   416  C CG1 . ILE A 1 60  ? -3.795  -6.919  8.634   1.00 17.19 ? 75  ILE A CG1 1 
ATOM   417  C CG2 . ILE A 1 60  ? -4.651  -9.096  7.716   1.00 21.59 ? 75  ILE A CG2 1 
ATOM   418  C CD1 . ILE A 1 60  ? -4.611  -6.863  9.904   1.00 19.11 ? 75  ILE A CD1 1 
ATOM   419  N N   . PHE A 1 61  ? -4.854  -5.214  5.791   1.00 18.66 ? 76  PHE A N   1 
ATOM   420  C CA  . PHE A 1 61  ? -5.004  -3.768  5.773   1.00 16.84 ? 76  PHE A CA  1 
ATOM   421  C C   . PHE A 1 61  ? -5.425  -3.463  7.216   1.00 18.88 ? 76  PHE A C   1 
ATOM   422  O O   . PHE A 1 61  ? -6.594  -3.582  7.563   1.00 20.85 ? 76  PHE A O   1 
ATOM   423  C CB  . PHE A 1 61  ? -6.076  -3.314  4.765   1.00 20.87 ? 76  PHE A CB  1 
ATOM   424  C CG  . PHE A 1 61  ? -5.608  -3.399  3.366   1.00 21.52 ? 76  PHE A CG  1 
ATOM   425  C CD1 . PHE A 1 61  ? -4.795  -2.395  2.838   1.00 20.78 ? 76  PHE A CD1 1 
ATOM   426  C CD2 . PHE A 1 61  ? -5.936  -4.492  2.570   1.00 19.20 ? 76  PHE A CD2 1 
ATOM   427  C CE1 . PHE A 1 61  ? -4.313  -2.475  1.525   1.00 23.52 ? 76  PHE A CE1 1 
ATOM   428  C CE2 . PHE A 1 61  ? -5.459  -4.585  1.254   1.00 23.58 ? 76  PHE A CE2 1 
ATOM   429  C CZ  . PHE A 1 61  ? -4.644  -3.568  0.735   1.00 20.35 ? 76  PHE A CZ  1 
ATOM   430  N N   . HIS A 1 62  ? -4.469  -3.060  8.045   1.00 17.25 ? 77  HIS A N   1 
ATOM   431  C CA  . HIS A 1 62  ? -4.748  -2.855  9.453   1.00 20.98 ? 77  HIS A CA  1 
ATOM   432  C C   . HIS A 1 62  ? -5.475  -1.562  9.820   1.00 20.91 ? 77  HIS A C   1 
ATOM   433  O O   . HIS A 1 62  ? -6.001  -1.424  10.929  1.00 20.07 ? 77  HIS A O   1 
ATOM   434  C CB  . HIS A 1 62  ? -3.440  -2.924  10.232  1.00 17.68 ? 77  HIS A CB  1 
ATOM   435  C CG  . HIS A 1 62  ? -2.456  -1.803  9.903   1.00 14.38 ? 77  HIS A CG  1 
ATOM   436  N ND1 . HIS A 1 62  ? -1.599  -1.865  8.823   1.00 25.90 ? 77  HIS A ND1 1 
ATOM   437  C CD2 . HIS A 1 62  ? -2.207  -0.596  10.493  1.00 19.94 ? 77  HIS A CD2 1 
ATOM   438  C CE1 . HIS A 1 62  ? -0.875  -0.765  8.759   1.00 18.90 ? 77  HIS A CE1 1 
ATOM   439  N NE2 . HIS A 1 62  ? -1.223  0.022   9.762   1.00 25.01 ? 77  HIS A NE2 1 
ATOM   440  N N   . ARG A 1 63  ? -5.514  -0.609  8.897   1.00 17.05 ? 78  ARG A N   1 
ATOM   441  C CA  . ARG A 1 63  ? -6.195  0.648   9.175   1.00 21.51 ? 78  ARG A CA  1 
ATOM   442  C C   . ARG A 1 63  ? -7.016  1.114   7.973   1.00 17.04 ? 78  ARG A C   1 
ATOM   443  O O   . ARG A 1 63  ? -6.535  1.115   6.846   1.00 19.75 ? 78  ARG A O   1 
ATOM   444  C CB  . ARG A 1 63  ? -5.153  1.699   9.561   1.00 15.39 ? 78  ARG A CB  1 
ATOM   445  C CG  . ARG A 1 63  ? -5.709  2.981   10.096  1.00 32.74 ? 78  ARG A CG  1 
ATOM   446  C CD  . ARG A 1 63  ? -5.133  3.244   11.474  1.00 46.58 ? 78  ARG A CD  1 
ATOM   447  N NE  . ARG A 1 63  ? -5.100  4.667   11.776  1.00 55.49 ? 78  ARG A NE  1 
ATOM   448  C CZ  . ARG A 1 63  ? -4.330  5.538   11.137  1.00 61.76 ? 78  ARG A CZ  1 
ATOM   449  N NH1 . ARG A 1 63  ? -3.529  5.123   10.163  1.00 66.32 ? 78  ARG A NH1 1 
ATOM   450  N NH2 . ARG A 1 63  ? -4.359  6.823   11.468  1.00 61.52 ? 78  ARG A NH2 1 
ATOM   451  N N   . VAL A 1 64  ? -8.263  1.490   8.234   1.00 13.10 ? 79  VAL A N   1 
ATOM   452  C CA  . VAL A 1 64  ? -9.180  1.966   7.200   1.00 19.78 ? 79  VAL A CA  1 
ATOM   453  C C   . VAL A 1 64  ? -9.900  3.232   7.674   1.00 21.76 ? 79  VAL A C   1 
ATOM   454  O O   . VAL A 1 64  ? -10.630 3.205   8.671   1.00 23.50 ? 79  VAL A O   1 
ATOM   455  C CB  . VAL A 1 64  ? -10.247 0.892   6.864   1.00 25.93 ? 79  VAL A CB  1 
ATOM   456  C CG1 . VAL A 1 64  ? -11.421 1.529   6.121   1.00 27.13 ? 79  VAL A CG1 1 
ATOM   457  C CG2 . VAL A 1 64  ? -9.626  -0.228  6.010   1.00 22.42 ? 79  VAL A CG2 1 
ATOM   458  N N   . ILE A 1 65  ? -9.701  4.338   6.965   1.00 19.11 ? 80  ILE A N   1 
ATOM   459  C CA  . ILE A 1 65  ? -10.366 5.584   7.329   1.00 25.28 ? 80  ILE A CA  1 
ATOM   460  C C   . ILE A 1 65  ? -11.205 6.022   6.135   1.00 22.58 ? 80  ILE A C   1 
ATOM   461  O O   . ILE A 1 65  ? -10.681 6.488   5.121   1.00 19.33 ? 80  ILE A O   1 
ATOM   462  C CB  . ILE A 1 65  ? -9.344  6.675   7.710   1.00 24.98 ? 80  ILE A CB  1 
ATOM   463  C CG1 . ILE A 1 65  ? -8.438  6.143   8.832   1.00 28.44 ? 80  ILE A CG1 1 
ATOM   464  C CG2 . ILE A 1 65  ? -10.072 7.942   8.172   1.00 23.34 ? 80  ILE A CG2 1 
ATOM   465  C CD1 . ILE A 1 65  ? -7.286  7.046   9.184   1.00 33.57 ? 80  ILE A CD1 1 
ATOM   466  N N   . GLN A 1 66  ? -12.513 5.837   6.257   1.00 25.47 ? 81  GLN A N   1 
ATOM   467  C CA  . GLN A 1 66  ? -13.447 6.174   5.189   1.00 23.70 ? 81  GLN A CA  1 
ATOM   468  C C   . GLN A 1 66  ? -13.226 7.581   4.657   1.00 25.99 ? 81  GLN A C   1 
ATOM   469  O O   . GLN A 1 66  ? -13.021 8.521   5.426   1.00 21.41 ? 81  GLN A O   1 
ATOM   470  C CB  . GLN A 1 66  ? -14.888 6.011   5.692   1.00 23.88 ? 81  GLN A CB  1 
ATOM   471  N N   . ASN A 1 67  ? -13.256 7.720   3.333   1.00 26.38 ? 82  ASN A N   1 
ATOM   472  C CA  . ASN A 1 67  ? -13.066 9.013   2.681   1.00 29.85 ? 82  ASN A CA  1 
ATOM   473  C C   . ASN A 1 67  ? -11.666 9.579   2.866   1.00 30.34 ? 82  ASN A C   1 
ATOM   474  O O   . ASN A 1 67  ? -11.470 10.792  2.853   1.00 29.01 ? 82  ASN A O   1 
ATOM   475  C CB  . ASN A 1 67  ? -14.094 10.036  3.185   1.00 28.98 ? 82  ASN A CB  1 
ATOM   476  C CG  . ASN A 1 67  ? -15.519 9.661   2.811   1.00 33.96 ? 82  ASN A CG  1 
ATOM   477  O OD1 . ASN A 1 67  ? -15.792 9.278   1.679   1.00 37.46 ? 82  ASN A OD1 1 
ATOM   478  N ND2 . ASN A 1 67  ? -16.434 9.777   3.765   1.00 30.07 ? 82  ASN A ND2 1 
ATOM   479  N N   . PHE A 1 68  ? -10.689 8.694   3.039   1.00 24.76 ? 83  PHE A N   1 
ATOM   480  C CA  . PHE A 1 68  ? -9.309  9.116   3.214   1.00 18.81 ? 83  PHE A CA  1 
ATOM   481  C C   . PHE A 1 68  ? -8.361  8.078   2.637   1.00 18.66 ? 83  PHE A C   1 
ATOM   482  O O   . PHE A 1 68  ? -7.722  8.320   1.611   1.00 18.27 ? 83  PHE A O   1 
ATOM   483  C CB  . PHE A 1 68  ? -9.031  9.368   4.711   1.00 21.84 ? 83  PHE A CB  1 
ATOM   484  C CG  . PHE A 1 68  ? -7.587  9.677   5.042   1.00 25.90 ? 83  PHE A CG  1 
ATOM   485  C CD1 . PHE A 1 68  ? -6.701  10.141  4.075   1.00 35.01 ? 83  PHE A CD1 1 
ATOM   486  C CD2 . PHE A 1 68  ? -7.123  9.530   6.349   1.00 33.09 ? 83  PHE A CD2 1 
ATOM   487  C CE1 . PHE A 1 68  ? -5.376  10.456  4.404   1.00 37.37 ? 83  PHE A CE1 1 
ATOM   488  C CE2 . PHE A 1 68  ? -5.800  9.845   6.688   1.00 42.97 ? 83  PHE A CE2 1 
ATOM   489  C CZ  . PHE A 1 68  ? -4.926  10.307  5.711   1.00 35.18 ? 83  PHE A CZ  1 
ATOM   490  N N   . MET A 1 69  ? -8.273  6.913   3.270   1.00 18.25 ? 84  MET A N   1 
ATOM   491  C CA  . MET A 1 69  ? -7.365  5.897   2.760   1.00 18.41 ? 84  MET A CA  1 
ATOM   492  C C   . MET A 1 69  ? -7.472  4.584   3.519   1.00 17.89 ? 84  MET A C   1 
ATOM   493  O O   . MET A 1 69  ? -8.137  4.486   4.561   1.00 19.38 ? 84  MET A O   1 
ATOM   494  C CB  . MET A 1 69  ? -5.926  6.417   2.858   1.00 21.14 ? 84  MET A CB  1 
ATOM   495  C CG  . MET A 1 69  ? -5.504  6.834   4.263   1.00 24.52 ? 84  MET A CG  1 
ATOM   496  S SD  . MET A 1 69  ? -4.714  5.510   5.210   1.00 53.63 ? 84  MET A SD  1 
ATOM   497  C CE  . MET A 1 69  ? -6.040  5.031   6.320   1.00 42.53 ? 84  MET A CE  1 
ATOM   498  N N   . ILE A 1 70  ? -6.803  3.574   2.968   1.00 16.21 ? 85  ILE A N   1 
ATOM   499  C CA  . ILE A 1 70  ? -6.699  2.265   3.596   1.00 17.48 ? 85  ILE A CA  1 
ATOM   500  C C   . ILE A 1 70  ? -5.192  2.077   3.704   1.00 20.59 ? 85  ILE A C   1 
ATOM   501  O O   . ILE A 1 70  ? -4.444  2.499   2.817   1.00 18.26 ? 85  ILE A O   1 
ATOM   502  C CB  . ILE A 1 70  ? -7.363  1.118   2.780   1.00 13.55 ? 85  ILE A CB  1 
ATOM   503  C CG1 . ILE A 1 70  ? -6.714  0.967   1.405   1.00 18.10 ? 85  ILE A CG1 1 
ATOM   504  C CG2 . ILE A 1 70  ? -8.857  1.377   2.655   1.00 20.79 ? 85  ILE A CG2 1 
ATOM   505  C CD1 . ILE A 1 70  ? -7.285  -0.185  0.593   1.00 19.53 ? 85  ILE A CD1 1 
ATOM   506  N N   . GLN A 1 71  ? -4.745  1.442   4.778   1.00 13.88 ? 86  GLN A N   1 
ATOM   507  C CA  . GLN A 1 71  ? -3.330  1.263   5.010   1.00 19.17 ? 86  GLN A CA  1 
ATOM   508  C C   . GLN A 1 71  ? -2.978  -0.191  5.302   1.00 18.48 ? 86  GLN A C   1 
ATOM   509  O O   . GLN A 1 71  ? -3.708  -0.904  5.984   1.00 17.67 ? 86  GLN A O   1 
ATOM   510  C CB  . GLN A 1 71  ? -2.886  2.160   6.170   1.00 16.36 ? 86  GLN A CB  1 
ATOM   511  C CG  . GLN A 1 71  ? -1.397  2.064   6.492   1.00 18.09 ? 86  GLN A CG  1 
ATOM   512  C CD  . GLN A 1 71  ? -1.014  2.952   7.708   1.00 24.34 ? 86  GLN A CD  1 
ATOM   513  O OE1 . GLN A 1 71  ? -1.844  3.669   8.198   1.00 29.70 ? 86  GLN A OE1 1 
ATOM   514  N NE2 . GLN A 1 71  ? 0.195   2.955   8.236   1.00 18.55 ? 86  GLN A NE2 1 
ATOM   515  N N   . GLY A 1 72  ? -1.848  -0.626  4.760   1.00 17.97 ? 87  GLY A N   1 
ATOM   516  C CA  . GLY A 1 72  ? -1.398  -1.988  4.982   1.00 18.64 ? 87  GLY A CA  1 
ATOM   517  C C   . GLY A 1 72  ? 0.117   -2.049  4.984   1.00 18.96 ? 87  GLY A C   1 
ATOM   518  O O   . GLY A 1 72  ? 0.792   -1.026  5.128   1.00 16.58 ? 87  GLY A O   1 
ATOM   519  N N   . GLY A 1 73  ? 0.665   -3.252  4.836   1.00 14.04 ? 88  GLY A N   1 
ATOM   520  C CA  . GLY A 1 73  ? 2.111   -3.399  4.776   1.00 16.66 ? 88  GLY A CA  1 
ATOM   521  C C   . GLY A 1 73  ? 2.871   -3.812  6.023   1.00 15.27 ? 88  GLY A C   1 
ATOM   522  O O   . GLY A 1 73  ? 4.075   -4.068  5.946   1.00 19.59 ? 88  GLY A O   1 
ATOM   523  N N   . ASP A 1 74  ? 2.204   -3.888  7.169   1.00 17.72 ? 89  ASP A N   1 
ATOM   524  C CA  . ASP A 1 74  ? 2.914   -4.271  8.389   1.00 16.85 ? 89  ASP A CA  1 
ATOM   525  C C   . ASP A 1 74  ? 2.835   -5.776  8.535   1.00 18.60 ? 89  ASP A C   1 
ATOM   526  O O   . ASP A 1 74  ? 1.990   -6.295  9.271   1.00 17.27 ? 89  ASP A O   1 
ATOM   527  C CB  . ASP A 1 74  ? 2.294   -3.594  9.609   1.00 16.74 ? 89  ASP A CB  1 
ATOM   528  C CG  . ASP A 1 74  ? 3.033   -3.925  10.899  1.00 22.28 ? 89  ASP A CG  1 
ATOM   529  O OD1 . ASP A 1 74  ? 3.961   -4.764  10.864  1.00 21.23 ? 89  ASP A OD1 1 
ATOM   530  O OD2 . ASP A 1 74  ? 2.674   -3.353  11.949  1.00 18.15 ? 89  ASP A OD2 1 
ATOM   531  N N   . PHE A 1 75  ? 3.707   -6.479  7.824   1.00 15.70 ? 90  PHE A N   1 
ATOM   532  C CA  . PHE A 1 75  ? 3.681   -7.934  7.872   1.00 21.47 ? 90  PHE A CA  1 
ATOM   533  C C   . PHE A 1 75  ? 4.460   -8.533  9.037   1.00 22.19 ? 90  PHE A C   1 
ATOM   534  O O   . PHE A 1 75  ? 4.608   -9.746  9.120   1.00 24.42 ? 90  PHE A O   1 
ATOM   535  C CB  . PHE A 1 75  ? 4.169   -8.511  6.540   1.00 18.59 ? 90  PHE A CB  1 
ATOM   536  C CG  . PHE A 1 75  ? 5.497   -7.980  6.102   1.00 26.17 ? 90  PHE A CG  1 
ATOM   537  C CD1 . PHE A 1 75  ? 6.674   -8.412  6.711   1.00 24.53 ? 90  PHE A CD1 1 
ATOM   538  C CD2 . PHE A 1 75  ? 5.574   -7.027  5.090   1.00 26.35 ? 90  PHE A CD2 1 
ATOM   539  C CE1 . PHE A 1 75  ? 7.915   -7.900  6.311   1.00 30.77 ? 90  PHE A CE1 1 
ATOM   540  C CE2 . PHE A 1 75  ? 6.804   -6.509  4.682   1.00 22.97 ? 90  PHE A CE2 1 
ATOM   541  C CZ  . PHE A 1 75  ? 7.976   -6.946  5.297   1.00 29.04 ? 90  PHE A CZ  1 
ATOM   542  N N   . THR A 1 76  ? 4.957   -7.694  9.939   1.00 19.49 ? 91  THR A N   1 
ATOM   543  C CA  . THR A 1 76  ? 5.681   -8.217  11.096  1.00 23.68 ? 91  THR A CA  1 
ATOM   544  C C   . THR A 1 76  ? 4.862   -8.089  12.380  1.00 23.54 ? 91  THR A C   1 
ATOM   545  O O   . THR A 1 76  ? 4.805   -9.027  13.172  1.00 25.02 ? 91  THR A O   1 
ATOM   546  C CB  . THR A 1 76  ? 7.047   -7.514  11.305  1.00 22.06 ? 91  THR A CB  1 
ATOM   547  O OG1 . THR A 1 76  ? 6.853   -6.103  11.461  1.00 27.81 ? 91  THR A OG1 1 
ATOM   548  C CG2 . THR A 1 76  ? 7.966   -7.773  10.114  1.00 26.72 ? 91  THR A CG2 1 
ATOM   549  N N   . ASN A 1 77  ? 4.216   -6.942  12.582  1.00 20.74 ? 92  ASN A N   1 
ATOM   550  C CA  . ASN A 1 77  ? 3.430   -6.739  13.797  1.00 20.97 ? 92  ASN A CA  1 
ATOM   551  C C   . ASN A 1 77  ? 1.917   -6.635  13.613  1.00 22.41 ? 92  ASN A C   1 
ATOM   552  O O   . ASN A 1 77  ? 1.175   -6.653  14.593  1.00 20.84 ? 92  ASN A O   1 
ATOM   553  C CB  . ASN A 1 77  ? 3.926   -5.499  14.546  1.00 14.67 ? 92  ASN A CB  1 
ATOM   554  C CG  . ASN A 1 77  ? 5.349   -5.658  15.058  1.00 32.05 ? 92  ASN A CG  1 
ATOM   555  O OD1 . ASN A 1 77  ? 5.625   -5.438  16.237  1.00 33.74 ? 92  ASN A OD1 1 
ATOM   556  N ND2 . ASN A 1 77  ? 6.256   -6.039  14.173  1.00 25.08 ? 92  ASN A ND2 1 
ATOM   557  N N   . PHE A 1 78  ? 1.471   -6.492  12.369  1.00 20.27 ? 93  PHE A N   1 
ATOM   558  C CA  . PHE A 1 78  ? 0.045   -6.413  12.064  1.00 20.94 ? 93  PHE A CA  1 
ATOM   559  C C   . PHE A 1 78  ? -0.738  -5.331  12.800  1.00 22.46 ? 93  PHE A C   1 
ATOM   560  O O   . PHE A 1 78  ? -1.962  -5.429  12.925  1.00 19.36 ? 93  PHE A O   1 
ATOM   561  C CB  . PHE A 1 78  ? -0.625  -7.771  12.326  1.00 21.59 ? 93  PHE A CB  1 
ATOM   562  C CG  . PHE A 1 78  ? -0.050  -8.895  11.518  1.00 21.60 ? 93  PHE A CG  1 
ATOM   563  C CD1 . PHE A 1 78  ? 1.146   -9.492  11.891  1.00 23.88 ? 93  PHE A CD1 1 
ATOM   564  C CD2 . PHE A 1 78  ? -0.669  -9.307  10.346  1.00 23.93 ? 93  PHE A CD2 1 
ATOM   565  C CE1 . PHE A 1 78  ? 1.724   -10.480 11.099  1.00 23.88 ? 93  PHE A CE1 1 
ATOM   566  C CE2 . PHE A 1 78  ? -0.099  -10.294 9.544   1.00 26.03 ? 93  PHE A CE2 1 
ATOM   567  C CZ  . PHE A 1 78  ? 1.099   -10.879 9.921   1.00 20.07 ? 93  PHE A CZ  1 
ATOM   568  N N   . ASP A 1 79  ? -0.057  -4.298  13.279  1.00 19.01 ? 94  ASP A N   1 
ATOM   569  C CA  . ASP A 1 79  ? -0.756  -3.236  13.997  1.00 24.75 ? 94  ASP A CA  1 
ATOM   570  C C   . ASP A 1 79  ? -0.308  -1.833  13.623  1.00 21.96 ? 94  ASP A C   1 
ATOM   571  O O   . ASP A 1 79  ? -0.803  -0.860  14.188  1.00 21.44 ? 94  ASP A O   1 
ATOM   572  C CB  . ASP A 1 79  ? -0.629  -3.437  15.518  1.00 27.34 ? 94  ASP A CB  1 
ATOM   573  C CG  . ASP A 1 79  ? 0.802   -3.335  16.012  1.00 23.43 ? 94  ASP A CG  1 
ATOM   574  O OD1 . ASP A 1 79  ? 1.029   -3.534  17.228  1.00 27.15 ? 94  ASP A OD1 1 
ATOM   575  O OD2 . ASP A 1 79  ? 1.704   -3.058  15.200  1.00 24.06 ? 94  ASP A OD2 1 
ATOM   576  N N   . GLY A 1 80  ? 0.622   -1.718  12.679  1.00 22.98 ? 95  GLY A N   1 
ATOM   577  C CA  . GLY A 1 80  ? 1.077   -0.397  12.270  1.00 26.87 ? 95  GLY A CA  1 
ATOM   578  C C   . GLY A 1 80  ? 2.409   0.027   12.866  1.00 30.41 ? 95  GLY A C   1 
ATOM   579  O O   . GLY A 1 80  ? 2.920   1.105   12.557  1.00 25.51 ? 95  GLY A O   1 
ATOM   580  N N   . THR A 1 81  ? 2.984   -0.820  13.713  1.00 26.11 ? 96  THR A N   1 
ATOM   581  C CA  . THR A 1 81  ? 4.268   -0.503  14.331  1.00 28.25 ? 96  THR A CA  1 
ATOM   582  C C   . THR A 1 81  ? 5.452   -1.192  13.654  1.00 28.32 ? 96  THR A C   1 
ATOM   583  O O   . THR A 1 81  ? 6.599   -0.851  13.927  1.00 30.12 ? 96  THR A O   1 
ATOM   584  C CB  . THR A 1 81  ? 4.287   -0.896  15.831  1.00 20.61 ? 96  THR A CB  1 
ATOM   585  O OG1 . THR A 1 81  ? 4.165   -2.317  15.959  1.00 21.72 ? 96  THR A OG1 1 
ATOM   586  C CG2 . THR A 1 81  ? 3.141   -0.235  16.561  1.00 24.33 ? 96  THR A CG2 1 
ATOM   587  N N   . GLY A 1 82  ? 5.180   -2.136  12.755  1.00 24.25 ? 97  GLY A N   1 
ATOM   588  C CA  . GLY A 1 82  ? 6.274   -2.853  12.127  1.00 21.92 ? 97  GLY A CA  1 
ATOM   589  C C   . GLY A 1 82  ? 6.490   -2.694  10.636  1.00 26.14 ? 97  GLY A C   1 
ATOM   590  O O   . GLY A 1 82  ? 6.184   -1.658  10.045  1.00 24.94 ? 97  GLY A O   1 
ATOM   591  N N   . GLY A 1 83  ? 7.029   -3.752  10.040  1.00 20.70 ? 98  GLY A N   1 
ATOM   592  C CA  . GLY A 1 83  ? 7.329   -3.800  8.625   1.00 25.19 ? 98  GLY A CA  1 
ATOM   593  C C   . GLY A 1 83  ? 8.830   -3.523  8.421   1.00 26.39 ? 98  GLY A C   1 
ATOM   594  O O   . GLY A 1 83  ? 9.493   -2.985  9.306   1.00 26.18 ? 98  GLY A O   1 
ATOM   595  N N   . LYS A 1 84  ? 9.384   -3.882  7.278   1.00 24.95 ? 99  LYS A N   1 
ATOM   596  C CA  . LYS A 1 84  ? 10.817  -3.661  7.024   1.00 26.46 ? 99  LYS A CA  1 
ATOM   597  C C   . LYS A 1 84  ? 11.000  -3.691  5.506   1.00 25.53 ? 99  LYS A C   1 
ATOM   598  O O   . LYS A 1 84  ? 10.283  -4.438  4.834   1.00 23.26 ? 99  LYS A O   1 
ATOM   599  C CB  . LYS A 1 84  ? 11.665  -4.763  7.677   1.00 33.31 ? 99  LYS A CB  1 
ATOM   600  C CG  . LYS A 1 84  ? 11.511  -6.141  7.061   1.00 36.70 ? 99  LYS A CG  1 
ATOM   601  C CD  . LYS A 1 84  ? 12.223  -7.196  7.909   1.00 44.81 ? 99  LYS A CD  1 
ATOM   602  C CE  . LYS A 1 84  ? 11.616  -8.589  7.714   1.00 52.94 ? 99  LYS A CE  1 
ATOM   603  N NZ  . LYS A 1 84  ? 12.201  -9.585  8.661   1.00 54.88 ? 99  LYS A NZ  1 
ATOM   604  N N   . SER A 1 85  ? 11.920  -2.922  4.925   1.00 19.44 ? 100 SER A N   1 
ATOM   605  C CA  . SER A 1 85  ? 12.163  -2.894  3.478   1.00 25.45 ? 100 SER A CA  1 
ATOM   606  C C   . SER A 1 85  ? 13.123  -4.011  3.072   1.00 25.01 ? 100 SER A C   1 
ATOM   607  O O   . SER A 1 85  ? 13.638  -4.748  3.915   1.00 24.75 ? 100 SER A O   1 
ATOM   608  C CB  . SER A 1 85  ? 12.766  -1.548  3.046   1.00 26.76 ? 100 SER A CB  1 
ATOM   609  O OG  . SER A 1 85  ? 14.155  -1.501  3.320   1.00 28.76 ? 100 SER A OG  1 
ATOM   610  N N   . ILE A 1 86  ? 13.352  -4.139  1.772   1.00 27.66 ? 101 ILE A N   1 
ATOM   611  C CA  . ILE A 1 86  ? 14.273  -5.139  1.258   1.00 30.79 ? 101 ILE A CA  1 
ATOM   612  C C   . ILE A 1 86  ? 15.716  -4.650  1.404   1.00 32.08 ? 101 ILE A C   1 
ATOM   613  O O   . ILE A 1 86  ? 16.652  -5.423  1.233   1.00 36.51 ? 101 ILE A O   1 
ATOM   614  C CB  . ILE A 1 86  ? 14.003  -5.438  -0.229  1.00 31.05 ? 101 ILE A CB  1 
ATOM   615  C CG1 . ILE A 1 86  ? 14.198  -4.172  -1.064  1.00 30.88 ? 101 ILE A CG1 1 
ATOM   616  C CG2 . ILE A 1 86  ? 12.587  -5.975  -0.398  1.00 29.88 ? 101 ILE A CG2 1 
ATOM   617  C CD1 . ILE A 1 86  ? 14.066  -4.389  -2.560  1.00 30.77 ? 101 ILE A CD1 1 
ATOM   618  N N   . TYR A 1 87  ? 15.892  -3.371  1.724   1.00 29.99 ? 102 TYR A N   1 
ATOM   619  C CA  . TYR A 1 87  ? 17.231  -2.801  1.876   1.00 34.52 ? 102 TYR A CA  1 
ATOM   620  C C   . TYR A 1 87  ? 17.644  -2.808  3.338   1.00 42.68 ? 102 TYR A C   1 
ATOM   621  O O   . TYR A 1 87  ? 18.789  -2.509  3.673   1.00 50.79 ? 102 TYR A O   1 
ATOM   622  C CB  . TYR A 1 87  ? 17.257  -1.352  1.377   1.00 30.24 ? 102 TYR A CB  1 
ATOM   623  C CG  . TYR A 1 87  ? 16.606  -1.128  0.037   1.00 30.23 ? 102 TYR A CG  1 
ATOM   624  C CD1 . TYR A 1 87  ? 17.126  -1.715  -1.119  1.00 33.46 ? 102 TYR A CD1 1 
ATOM   625  C CD2 . TYR A 1 87  ? 15.460  -0.338  -0.078  1.00 23.39 ? 102 TYR A CD2 1 
ATOM   626  C CE1 . TYR A 1 87  ? 16.522  -1.523  -2.358  1.00 32.29 ? 102 TYR A CE1 1 
ATOM   627  C CE2 . TYR A 1 87  ? 14.846  -0.140  -1.314  1.00 28.21 ? 102 TYR A CE2 1 
ATOM   628  C CZ  . TYR A 1 87  ? 15.384  -0.737  -2.447  1.00 23.20 ? 102 TYR A CZ  1 
ATOM   629  O OH  . TYR A 1 87  ? 14.791  -0.552  -3.670  1.00 33.70 ? 102 TYR A OH  1 
ATOM   630  N N   . GLY A 1 88  ? 16.702  -3.145  4.210   1.00 43.60 ? 103 GLY A N   1 
ATOM   631  C CA  . GLY A 1 88  ? 16.976  -3.148  5.634   1.00 47.77 ? 103 GLY A CA  1 
ATOM   632  C C   . GLY A 1 88  ? 15.778  -2.569  6.362   1.00 51.93 ? 103 GLY A C   1 
ATOM   633  O O   . GLY A 1 88  ? 14.636  -2.807  5.967   1.00 56.62 ? 103 GLY A O   1 
ATOM   634  N N   . GLU A 1 89  ? 16.020  -1.792  7.409   1.00 53.03 ? 104 GLU A N   1 
ATOM   635  C CA  . GLU A 1 89  ? 14.915  -1.221  8.165   1.00 51.38 ? 104 GLU A CA  1 
ATOM   636  C C   . GLU A 1 89  ? 14.299  0.046   7.569   1.00 49.90 ? 104 GLU A C   1 
ATOM   637  O O   . GLU A 1 89  ? 13.084  0.222   7.637   1.00 54.45 ? 104 GLU A O   1 
ATOM   638  C CB  . GLU A 1 89  ? 15.350  -0.956  9.607   1.00 58.68 ? 104 GLU A CB  1 
ATOM   639  C CG  . GLU A 1 89  ? 14.274  -0.320  10.469  1.00 62.62 ? 104 GLU A CG  1 
ATOM   640  C CD  . GLU A 1 89  ? 14.759  0.005   11.871  1.00 67.77 ? 104 GLU A CD  1 
ATOM   641  O OE1 . GLU A 1 89  ? 15.861  0.585   11.998  1.00 66.90 ? 104 GLU A OE1 1 
ATOM   642  O OE2 . GLU A 1 89  ? 14.034  -0.314  12.839  1.00 64.19 ? 104 GLU A OE2 1 
ATOM   643  N N   . LYS A 1 90  ? 15.116  0.920   6.979   1.00 36.91 ? 105 LYS A N   1 
ATOM   644  C CA  . LYS A 1 90  ? 14.591  2.161   6.403   1.00 36.10 ? 105 LYS A CA  1 
ATOM   645  C C   . LYS A 1 90  ? 15.392  2.670   5.215   1.00 31.17 ? 105 LYS A C   1 
ATOM   646  O O   . LYS A 1 90  ? 16.601  2.455   5.135   1.00 36.93 ? 105 LYS A O   1 
ATOM   647  C CB  . LYS A 1 90  ? 14.591  3.286   7.449   1.00 37.31 ? 105 LYS A CB  1 
ATOM   648  C CG  . LYS A 1 90  ? 13.926  2.967   8.767   1.00 39.01 ? 105 LYS A CG  1 
ATOM   649  C CD  . LYS A 1 90  ? 12.456  2.680   8.585   1.00 48.14 ? 105 LYS A CD  1 
ATOM   650  C CE  . LYS A 1 90  ? 11.852  2.111   9.853   1.00 52.04 ? 105 LYS A CE  1 
ATOM   651  N NZ  . LYS A 1 90  ? 10.526  1.492   9.577   1.00 57.48 ? 105 LYS A NZ  1 
ATOM   652  N N   . PHE A 1 91  ? 14.719  3.350   4.293   1.00 28.36 ? 106 PHE A N   1 
ATOM   653  C CA  . PHE A 1 91  ? 15.409  3.945   3.162   1.00 28.02 ? 106 PHE A CA  1 
ATOM   654  C C   . PHE A 1 91  ? 14.878  5.360   2.945   1.00 29.20 ? 106 PHE A C   1 
ATOM   655  O O   . PHE A 1 91  ? 13.775  5.697   3.385   1.00 27.61 ? 106 PHE A O   1 
ATOM   656  C CB  . PHE A 1 91  ? 15.308  3.090   1.889   1.00 24.30 ? 106 PHE A CB  1 
ATOM   657  C CG  . PHE A 1 91  ? 13.911  2.818   1.425   1.00 24.94 ? 106 PHE A CG  1 
ATOM   658  C CD1 . PHE A 1 91  ? 13.159  1.791   1.992   1.00 24.59 ? 106 PHE A CD1 1 
ATOM   659  C CD2 . PHE A 1 91  ? 13.367  3.549   0.372   1.00 20.43 ? 106 PHE A CD2 1 
ATOM   660  C CE1 . PHE A 1 91  ? 11.881  1.488   1.512   1.00 20.01 ? 106 PHE A CE1 1 
ATOM   661  C CE2 . PHE A 1 91  ? 12.088  3.257   -0.120  1.00 23.08 ? 106 PHE A CE2 1 
ATOM   662  C CZ  . PHE A 1 91  ? 11.345  2.222   0.453   1.00 26.03 ? 106 PHE A CZ  1 
ATOM   663  N N   . ALA A 1 92  ? 15.676  6.186   2.281   1.00 25.50 ? 107 ALA A N   1 
ATOM   664  C CA  . ALA A 1 92  ? 15.347  7.592   2.062   1.00 27.39 ? 107 ALA A CA  1 
ATOM   665  C C   . ALA A 1 92  ? 14.169  7.920   1.148   1.00 26.61 ? 107 ALA A C   1 
ATOM   666  O O   . ALA A 1 92  ? 13.727  7.090   0.356   1.00 26.71 ? 107 ALA A O   1 
ATOM   667  C CB  . ALA A 1 92  ? 16.595  8.321   1.564   1.00 29.34 ? 107 ALA A CB  1 
ATOM   668  N N   . ASP A 1 93  ? 13.671  9.152   1.278   1.00 22.55 ? 108 ASP A N   1 
ATOM   669  C CA  . ASP A 1 93  ? 12.579  9.650   0.447   1.00 24.52 ? 108 ASP A CA  1 
ATOM   670  C C   . ASP A 1 93  ? 13.146  9.977   -0.936  1.00 25.55 ? 108 ASP A C   1 
ATOM   671  O O   . ASP A 1 93  ? 14.091  10.757  -1.054  1.00 33.25 ? 108 ASP A O   1 
ATOM   672  C CB  . ASP A 1 93  ? 11.978  10.921  1.057   1.00 23.68 ? 108 ASP A CB  1 
ATOM   673  C CG  . ASP A 1 93  ? 11.323  10.673  2.398   1.00 27.78 ? 108 ASP A CG  1 
ATOM   674  O OD1 . ASP A 1 93  ? 10.578  9.676   2.516   1.00 22.05 ? 108 ASP A OD1 1 
ATOM   675  O OD2 . ASP A 1 93  ? 11.536  11.479  3.330   1.00 24.96 ? 108 ASP A OD2 1 
ATOM   676  N N   . GLU A 1 94  ? 12.572  9.392   -1.982  1.00 25.29 ? 109 GLU A N   1 
ATOM   677  C CA  . GLU A 1 94  ? 13.058  9.629   -3.339  1.00 31.81 ? 109 GLU A CA  1 
ATOM   678  C C   . GLU A 1 94  ? 12.524  10.853  -4.060  1.00 32.73 ? 109 GLU A C   1 
ATOM   679  O O   . GLU A 1 94  ? 13.291  11.698  -4.510  1.00 40.75 ? 109 GLU A O   1 
ATOM   680  C CB  . GLU A 1 94  ? 12.775  8.424   -4.228  1.00 29.24 ? 109 GLU A CB  1 
ATOM   681  C CG  . GLU A 1 94  ? 13.706  7.266   -4.023  1.00 32.67 ? 109 GLU A CG  1 
ATOM   682  C CD  . GLU A 1 94  ? 13.427  6.163   -5.012  1.00 31.71 ? 109 GLU A CD  1 
ATOM   683  O OE1 . GLU A 1 94  ? 12.274  5.683   -5.040  1.00 29.61 ? 109 GLU A OE1 1 
ATOM   684  O OE2 . GLU A 1 94  ? 14.356  5.784   -5.754  1.00 31.28 ? 109 GLU A OE2 1 
ATOM   685  N N   . ASN A 1 95  ? 11.210  10.927  -4.203  1.00 32.08 ? 110 ASN A N   1 
ATOM   686  C CA  . ASN A 1 95  ? 10.587  12.034  -4.906  1.00 27.30 ? 110 ASN A CA  1 
ATOM   687  C C   . ASN A 1 95  ? 9.390   12.519  -4.111  1.00 26.57 ? 110 ASN A C   1 
ATOM   688  O O   . ASN A 1 95  ? 8.402   11.800  -3.956  1.00 30.54 ? 110 ASN A O   1 
ATOM   689  C CB  . ASN A 1 95  ? 10.160  11.567  -6.302  1.00 36.21 ? 110 ASN A CB  1 
ATOM   690  C CG  . ASN A 1 95  ? 9.500   12.663  -7.115  1.00 38.64 ? 110 ASN A CG  1 
ATOM   691  O OD1 . ASN A 1 95  ? 9.679   13.852  -6.847  1.00 49.32 ? 110 ASN A OD1 1 
ATOM   692  N ND2 . ASN A 1 95  ? 8.742   12.264  -8.127  1.00 46.46 ? 110 ASN A ND2 1 
ATOM   693  N N   . LEU A 1 96  ? 9.488   13.746  -3.612  1.00 23.67 ? 111 LEU A N   1 
ATOM   694  C CA  . LEU A 1 96  ? 8.430   14.340  -2.807  1.00 18.88 ? 111 LEU A CA  1 
ATOM   695  C C   . LEU A 1 96  ? 7.625   15.395  -3.558  1.00 24.98 ? 111 LEU A C   1 
ATOM   696  O O   . LEU A 1 96  ? 6.773   16.058  -2.971  1.00 30.32 ? 111 LEU A O   1 
ATOM   697  C CB  . LEU A 1 96  ? 9.042   14.954  -1.538  1.00 17.57 ? 111 LEU A CB  1 
ATOM   698  C CG  . LEU A 1 96  ? 9.681   13.936  -0.581  1.00 20.71 ? 111 LEU A CG  1 
ATOM   699  C CD1 . LEU A 1 96  ? 10.521  14.624  0.481   1.00 25.82 ? 111 LEU A CD1 1 
ATOM   700  C CD2 . LEU A 1 96  ? 8.577   13.117  0.050   1.00 21.52 ? 111 LEU A CD2 1 
ATOM   701  N N   . ASN A 1 97  ? 7.881   15.534  -4.855  1.00 23.50 ? 112 ASN A N   1 
ATOM   702  C CA  . ASN A 1 97  ? 7.194   16.526  -5.683  1.00 21.85 ? 112 ASN A CA  1 
ATOM   703  C C   . ASN A 1 97  ? 5.914   16.007  -6.350  1.00 27.25 ? 112 ASN A C   1 
ATOM   704  O O   . ASN A 1 97  ? 5.176   16.777  -6.957  1.00 29.36 ? 112 ASN A O   1 
ATOM   705  C CB  . ASN A 1 97  ? 8.150   17.038  -6.773  1.00 24.57 ? 112 ASN A CB  1 
ATOM   706  C CG  . ASN A 1 97  ? 9.333   17.809  -6.209  1.00 33.18 ? 112 ASN A CG  1 
ATOM   707  O OD1 . ASN A 1 97  ? 10.294  18.125  -6.931  1.00 34.74 ? 112 ASN A OD1 1 
ATOM   708  N ND2 . ASN A 1 97  ? 9.271   18.127  -4.923  1.00 45.03 ? 112 ASN A ND2 1 
ATOM   709  N N   . VAL A 1 98  ? 5.661   14.705  -6.259  1.00 25.54 ? 113 VAL A N   1 
ATOM   710  C CA  . VAL A 1 98  ? 4.465   14.121  -6.874  1.00 26.72 ? 113 VAL A CA  1 
ATOM   711  C C   . VAL A 1 98  ? 3.314   14.194  -5.890  1.00 25.82 ? 113 VAL A C   1 
ATOM   712  O O   . VAL A 1 98  ? 3.397   13.623  -4.809  1.00 27.41 ? 113 VAL A O   1 
ATOM   713  C CB  . VAL A 1 98  ? 4.697   12.641  -7.271  1.00 26.20 ? 113 VAL A CB  1 
ATOM   714  C CG1 . VAL A 1 98  ? 3.394   12.008  -7.793  1.00 23.14 ? 113 VAL A CG1 1 
ATOM   715  C CG2 . VAL A 1 98  ? 5.774   12.562  -8.333  1.00 26.81 ? 113 VAL A CG2 1 
ATOM   716  N N   . LYS A 1 99  ? 2.237   14.891  -6.247  1.00 21.87 ? 114 LYS A N   1 
ATOM   717  C CA  . LYS A 1 99  ? 1.121   14.992  -5.320  1.00 29.99 ? 114 LYS A CA  1 
ATOM   718  C C   . LYS A 1 99  ? 0.168   13.808  -5.382  1.00 26.28 ? 114 LYS A C   1 
ATOM   719  O O   . LYS A 1 99  ? 0.103   13.081  -6.382  1.00 26.45 ? 114 LYS A O   1 
ATOM   720  C CB  . LYS A 1 99  ? 0.363   16.315  -5.507  1.00 38.92 ? 114 LYS A CB  1 
ATOM   721  C CG  . LYS A 1 99  ? -0.029  16.669  -6.921  1.00 44.79 ? 114 LYS A CG  1 
ATOM   722  C CD  . LYS A 1 99  ? -0.478  18.131  -6.990  1.00 48.01 ? 114 LYS A CD  1 
ATOM   723  C CE  . LYS A 1 99  ? -1.613  18.420  -6.014  1.00 52.48 ? 114 LYS A CE  1 
ATOM   724  N NZ  . LYS A 1 99  ? -2.116  19.822  -6.121  1.00 58.38 ? 114 LYS A NZ  1 
ATOM   725  N N   . HIS A 1 100 ? -0.548  13.606  -4.282  1.00 24.58 ? 115 HIS A N   1 
ATOM   726  C CA  . HIS A 1 100 ? -1.491  12.508  -4.168  1.00 22.34 ? 115 HIS A CA  1 
ATOM   727  C C   . HIS A 1 100 ? -2.729  12.782  -5.010  1.00 25.41 ? 115 HIS A C   1 
ATOM   728  O O   . HIS A 1 100 ? -3.009  13.924  -5.378  1.00 21.97 ? 115 HIS A O   1 
ATOM   729  C CB  . HIS A 1 100 ? -1.884  12.301  -2.702  1.00 25.41 ? 115 HIS A CB  1 
ATOM   730  C CG  . HIS A 1 100 ? -0.748  11.865  -1.825  1.00 25.90 ? 115 HIS A CG  1 
ATOM   731  N ND1 . HIS A 1 100 ? 0.254   12.720  -1.418  1.00 23.66 ? 115 HIS A ND1 1 
ATOM   732  C CD2 . HIS A 1 100 ? -0.449  10.655  -1.291  1.00 23.16 ? 115 HIS A CD2 1 
ATOM   733  C CE1 . HIS A 1 100 ? 1.121   12.057  -0.673  1.00 23.72 ? 115 HIS A CE1 1 
ATOM   734  N NE2 . HIS A 1 100 ? 0.718   10.801  -0.582  1.00 17.62 ? 115 HIS A NE2 1 
ATOM   735  N N   . PHE A 1 101 ? -3.450  11.716  -5.326  1.00 21.68 ? 116 PHE A N   1 
ATOM   736  C CA  . PHE A 1 101 ? -4.668  11.781  -6.121  1.00 24.59 ? 116 PHE A CA  1 
ATOM   737  C C   . PHE A 1 101 ? -5.451  10.536  -5.730  1.00 28.86 ? 116 PHE A C   1 
ATOM   738  O O   . PHE A 1 101 ? -4.905  9.643   -5.077  1.00 21.75 ? 116 PHE A O   1 
ATOM   739  C CB  . PHE A 1 101 ? -4.331  11.770  -7.623  1.00 20.58 ? 116 PHE A CB  1 
ATOM   740  C CG  . PHE A 1 101 ? -3.375  10.687  -8.031  1.00 20.89 ? 116 PHE A CG  1 
ATOM   741  C CD1 . PHE A 1 101 ? -3.833  9.401   -8.319  1.00 25.29 ? 116 PHE A CD1 1 
ATOM   742  C CD2 . PHE A 1 101 ? -2.006  10.944  -8.105  1.00 20.90 ? 116 PHE A CD2 1 
ATOM   743  C CE1 . PHE A 1 101 ? -2.938  8.387   -8.674  1.00 23.95 ? 116 PHE A CE1 1 
ATOM   744  C CE2 . PHE A 1 101 ? -1.106  9.939   -8.460  1.00 24.50 ? 116 PHE A CE2 1 
ATOM   745  C CZ  . PHE A 1 101 ? -1.572  8.656   -8.743  1.00 20.57 ? 116 PHE A CZ  1 
ATOM   746  N N   . VAL A 1 102 ? -6.723  10.473  -6.101  1.00 20.65 ? 117 VAL A N   1 
ATOM   747  C CA  . VAL A 1 102 ? -7.523  9.313   -5.743  1.00 22.18 ? 117 VAL A CA  1 
ATOM   748  C C   . VAL A 1 102 ? -6.979  8.071   -6.432  1.00 22.66 ? 117 VAL A C   1 
ATOM   749  O O   . VAL A 1 102 ? -6.840  8.051   -7.645  1.00 18.27 ? 117 VAL A O   1 
ATOM   750  C CB  . VAL A 1 102 ? -9.007  9.525   -6.124  1.00 21.44 ? 117 VAL A CB  1 
ATOM   751  C CG1 . VAL A 1 102 ? -9.789  8.225   -5.946  1.00 21.81 ? 117 VAL A CG1 1 
ATOM   752  C CG2 . VAL A 1 102 ? -9.608  10.610  -5.242  1.00 24.25 ? 117 VAL A CG2 1 
ATOM   753  N N   . GLY A 1 103 ? -6.655  7.047   -5.645  1.00 20.26 ? 118 GLY A N   1 
ATOM   754  C CA  . GLY A 1 103 ? -6.125  5.811   -6.202  1.00 18.26 ? 118 GLY A CA  1 
ATOM   755  C C   . GLY A 1 103 ? -4.610  5.714   -6.162  1.00 18.43 ? 118 GLY A C   1 
ATOM   756  O O   . GLY A 1 103 ? -4.026  4.748   -6.658  1.00 22.06 ? 118 GLY A O   1 
ATOM   757  N N   . ALA A 1 104 ? -3.963  6.711   -5.566  1.00 18.39 ? 119 ALA A N   1 
ATOM   758  C CA  . ALA A 1 104 ? -2.509  6.723   -5.476  1.00 18.09 ? 119 ALA A CA  1 
ATOM   759  C C   . ALA A 1 104 ? -1.980  5.775   -4.405  1.00 17.55 ? 119 ALA A C   1 
ATOM   760  O O   . ALA A 1 104 ? -2.609  5.536   -3.366  1.00 18.90 ? 119 ALA A O   1 
ATOM   761  C CB  . ALA A 1 104 ? -2.004  8.150   -5.204  1.00 19.64 ? 119 ALA A CB  1 
ATOM   762  N N   . LEU A 1 105 ? -0.806  5.239   -4.688  1.00 18.05 ? 120 LEU A N   1 
ATOM   763  C CA  . LEU A 1 105 ? -0.081  4.378   -3.756  1.00 20.77 ? 120 LEU A CA  1 
ATOM   764  C C   . LEU A 1 105 ? 0.998   5.270   -3.142  1.00 20.59 ? 120 LEU A C   1 
ATOM   765  O O   . LEU A 1 105 ? 1.799   5.861   -3.861  1.00 21.51 ? 120 LEU A O   1 
ATOM   766  C CB  . LEU A 1 105 ? 0.591   3.186   -4.465  1.00 19.99 ? 120 LEU A CB  1 
ATOM   767  C CG  . LEU A 1 105 ? -0.204  1.881   -4.643  1.00 30.22 ? 120 LEU A CG  1 
ATOM   768  C CD1 . LEU A 1 105 ? -0.195  1.071   -3.357  1.00 24.59 ? 120 LEU A CD1 1 
ATOM   769  C CD2 . LEU A 1 105 ? -1.625  2.172   -5.103  1.00 26.19 ? 120 LEU A CD2 1 
ATOM   770  N N   . SER A 1 106 ? 1.048   5.374   -1.823  1.00 17.19 ? 121 SER A N   1 
ATOM   771  C CA  . SER A 1 106 ? 2.031   6.231   -1.170  1.00 21.71 ? 121 SER A CA  1 
ATOM   772  C C   . SER A 1 106 ? 2.636   5.512   0.041   1.00 23.89 ? 121 SER A C   1 
ATOM   773  O O   . SER A 1 106 ? 1.975   4.688   0.676   1.00 21.83 ? 121 SER A O   1 
ATOM   774  C CB  . SER A 1 106 ? 1.364   7.544   -0.748  1.00 13.73 ? 121 SER A CB  1 
ATOM   775  O OG  . SER A 1 106 ? 2.238   8.346   0.023   1.00 27.42 ? 121 SER A OG  1 
ATOM   776  N N   . MET A 1 107 ? 3.890   5.823   0.357   1.00 19.67 ? 122 MET A N   1 
ATOM   777  C CA  . MET A 1 107 ? 4.575   5.196   1.491   1.00 17.47 ? 122 MET A CA  1 
ATOM   778  C C   . MET A 1 107 ? 4.274   5.846   2.829   1.00 24.25 ? 122 MET A C   1 
ATOM   779  O O   . MET A 1 107 ? 4.453   7.063   2.988   1.00 23.90 ? 122 MET A O   1 
ATOM   780  C CB  . MET A 1 107 ? 6.095   5.246   1.309   1.00 20.94 ? 122 MET A CB  1 
ATOM   781  C CG  . MET A 1 107 ? 6.633   4.405   0.172   1.00 21.53 ? 122 MET A CG  1 
ATOM   782  S SD  . MET A 1 107 ? 6.262   2.658   0.381   1.00 20.20 ? 122 MET A SD  1 
ATOM   783  C CE  . MET A 1 107 ? 7.399   2.217   1.697   1.00 22.31 ? 122 MET A CE  1 
ATOM   784  N N   . ALA A 1 108 ? 3.824   5.038   3.794   1.00 20.34 ? 123 ALA A N   1 
ATOM   785  C CA  . ALA A 1 108 ? 3.627   5.574   5.131   1.00 20.89 ? 123 ALA A CA  1 
ATOM   786  C C   . ALA A 1 108 ? 5.027   5.717   5.720   1.00 20.85 ? 123 ALA A C   1 
ATOM   787  O O   . ALA A 1 108 ? 5.951   5.049   5.280   1.00 25.76 ? 123 ALA A O   1 
ATOM   788  C CB  . ALA A 1 108 ? 2.775   4.662   6.005   1.00 22.66 ? 123 ALA A CB  1 
ATOM   789  N N   . ASN A 1 109 ? 5.188   6.580   6.713   1.00 23.82 ? 124 ASN A N   1 
ATOM   790  C CA  . ASN A 1 109 ? 6.498   6.749   7.324   1.00 27.65 ? 124 ASN A CA  1 
ATOM   791  C C   . ASN A 1 109 ? 6.351   7.398   8.688   1.00 26.00 ? 124 ASN A C   1 
ATOM   792  O O   . ASN A 1 109 ? 5.239   7.720   9.117   1.00 25.93 ? 124 ASN A O   1 
ATOM   793  C CB  . ASN A 1 109 ? 7.424   7.596   6.427   1.00 19.85 ? 124 ASN A CB  1 
ATOM   794  C CG  . ASN A 1 109 ? 6.925   9.018   6.240   1.00 27.48 ? 124 ASN A CG  1 
ATOM   795  O OD1 . ASN A 1 109 ? 6.611   9.709   7.206   1.00 27.59 ? 124 ASN A OD1 1 
ATOM   796  N ND2 . ASN A 1 109 ? 6.859   9.467   4.985   1.00 26.29 ? 124 ASN A ND2 1 
ATOM   797  N N   . ALA A 1 110 ? 7.475   7.569   9.371   1.00 30.36 ? 125 ALA A N   1 
ATOM   798  C CA  . ALA A 1 110 ? 7.480   8.191   10.685  1.00 32.40 ? 125 ALA A CA  1 
ATOM   799  C C   . ALA A 1 110 ? 8.470   9.344   10.645  1.00 34.34 ? 125 ALA A C   1 
ATOM   800  O O   . ALA A 1 110 ? 9.326   9.476   11.517  1.00 36.15 ? 125 ALA A O   1 
ATOM   801  C CB  . ALA A 1 110 ? 7.894   7.175   11.748  1.00 27.71 ? 125 ALA A CB  1 
ATOM   802  N N   . GLY A 1 111 ? 8.349   10.179  9.620   1.00 33.82 ? 126 GLY A N   1 
ATOM   803  C CA  . GLY A 1 111 ? 9.251   11.305  9.478   1.00 32.32 ? 126 GLY A CA  1 
ATOM   804  C C   . GLY A 1 111 ? 10.092  11.120  8.231   1.00 27.24 ? 126 GLY A C   1 
ATOM   805  O O   . GLY A 1 111 ? 9.903   10.142  7.506   1.00 23.88 ? 126 GLY A O   1 
ATOM   806  N N   . PRO A 1 112 ? 11.030  12.036  7.951   1.00 26.09 ? 127 PRO A N   1 
ATOM   807  C CA  . PRO A 1 112 ? 11.878  11.926  6.760   1.00 26.22 ? 127 PRO A CA  1 
ATOM   808  C C   . PRO A 1 112 ? 12.786  10.704  6.727   1.00 24.31 ? 127 PRO A C   1 
ATOM   809  O O   . PRO A 1 112 ? 13.347  10.294  7.741   1.00 29.63 ? 127 PRO A O   1 
ATOM   810  C CB  . PRO A 1 112 ? 12.663  13.239  6.771   1.00 31.75 ? 127 PRO A CB  1 
ATOM   811  C CG  . PRO A 1 112 ? 12.737  13.586  8.230   1.00 32.03 ? 127 PRO A CG  1 
ATOM   812  C CD  . PRO A 1 112 ? 11.347  13.260  8.710   1.00 27.82 ? 127 PRO A CD  1 
ATOM   813  N N   . ASN A 1 113 ? 12.918  10.129  5.540   1.00 22.34 ? 128 ASN A N   1 
ATOM   814  C CA  . ASN A 1 113 ? 13.764  8.963   5.314   1.00 27.02 ? 128 ASN A CA  1 
ATOM   815  C C   . ASN A 1 113 ? 13.509  7.808   6.279   1.00 24.11 ? 128 ASN A C   1 
ATOM   816  O O   . ASN A 1 113 ? 14.447  7.280   6.878   1.00 24.12 ? 128 ASN A O   1 
ATOM   817  C CB  . ASN A 1 113 ? 15.239  9.372   5.381   1.00 24.75 ? 128 ASN A CB  1 
ATOM   818  C CG  . ASN A 1 113 ? 15.551  10.565  4.501   1.00 29.90 ? 128 ASN A CG  1 
ATOM   819  O OD1 . ASN A 1 113 ? 15.079  10.656  3.363   1.00 26.93 ? 128 ASN A OD1 1 
ATOM   820  N ND2 . ASN A 1 113 ? 16.363  11.482  5.015   1.00 39.00 ? 128 ASN A ND2 1 
ATOM   821  N N   . THR A 1 114 ? 12.245  7.420   6.434   1.00 19.59 ? 129 THR A N   1 
ATOM   822  C CA  . THR A 1 114 ? 11.901  6.299   7.310   1.00 25.41 ? 129 THR A CA  1 
ATOM   823  C C   . THR A 1 114 ? 10.951  5.330   6.608   1.00 23.13 ? 129 THR A C   1 
ATOM   824  O O   . THR A 1 114 ? 10.122  4.693   7.254   1.00 26.02 ? 129 THR A O   1 
ATOM   825  C CB  . THR A 1 114 ? 11.218  6.752   8.631   1.00 20.90 ? 129 THR A CB  1 
ATOM   826  O OG1 . THR A 1 114 ? 10.048  7.521   8.327   1.00 27.93 ? 129 THR A OG1 1 
ATOM   827  C CG2 . THR A 1 114 ? 12.171  7.568   9.495   1.00 24.46 ? 129 THR A CG2 1 
ATOM   828  N N   . ASN A 1 115 ? 11.075  5.221   5.289   1.00 20.53 ? 130 ASN A N   1 
ATOM   829  C CA  . ASN A 1 115 ? 10.230  4.313   4.517   1.00 22.24 ? 130 ASN A CA  1 
ATOM   830  C C   . ASN A 1 115 ? 10.597  2.869   4.821   1.00 21.36 ? 130 ASN A C   1 
ATOM   831  O O   . ASN A 1 115 ? 11.777  2.521   4.870   1.00 21.64 ? 130 ASN A O   1 
ATOM   832  C CB  . ASN A 1 115 ? 10.402  4.560   3.018   1.00 19.55 ? 130 ASN A CB  1 
ATOM   833  C CG  . ASN A 1 115 ? 10.027  5.968   2.619   1.00 23.97 ? 130 ASN A CG  1 
ATOM   834  O OD1 . ASN A 1 115 ? 8.868   6.355   2.698   1.00 20.20 ? 130 ASN A OD1 1 
ATOM   835  N ND2 . ASN A 1 115 ? 11.013  6.746   2.201   1.00 20.30 ? 130 ASN A ND2 1 
ATOM   836  N N   . GLY A 1 116 ? 9.581   2.032   5.016   1.00 16.25 ? 131 GLY A N   1 
ATOM   837  C CA  . GLY A 1 116 ? 9.826   0.629   5.301   1.00 20.13 ? 131 GLY A CA  1 
ATOM   838  C C   . GLY A 1 116 ? 8.999   -0.211  4.350   1.00 18.86 ? 131 GLY A C   1 
ATOM   839  O O   . GLY A 1 116 ? 9.347   -0.356  3.181   1.00 15.84 ? 131 GLY A O   1 
ATOM   840  N N   . SER A 1 117 ? 7.889   -0.755  4.839   1.00 19.09 ? 132 SER A N   1 
ATOM   841  C CA  . SER A 1 117 ? 7.023   -1.571  3.995   1.00 23.23 ? 132 SER A CA  1 
ATOM   842  C C   . SER A 1 117 ? 5.562   -1.109  4.025   1.00 15.71 ? 132 SER A C   1 
ATOM   843  O O   . SER A 1 117 ? 4.768   -1.534  3.183   1.00 18.09 ? 132 SER A O   1 
ATOM   844  C CB  . SER A 1 117 ? 7.095   -3.046  4.413   1.00 20.80 ? 132 SER A CB  1 
ATOM   845  O OG  . SER A 1 117 ? 6.646   -3.227  5.745   1.00 22.18 ? 132 SER A OG  1 
ATOM   846  N N   . GLN A 1 118 ? 5.206   -0.241  4.976   1.00 17.16 ? 133 GLN A N   1 
ATOM   847  C CA  . GLN A 1 118 ? 3.819   0.226   5.078   1.00 16.79 ? 133 GLN A CA  1 
ATOM   848  C C   . GLN A 1 118 ? 3.478   1.247   4.006   1.00 19.99 ? 133 GLN A C   1 
ATOM   849  O O   . GLN A 1 118 ? 4.295   2.091   3.644   1.00 17.40 ? 133 GLN A O   1 
ATOM   850  C CB  . GLN A 1 118 ? 3.537   0.805   6.469   1.00 15.42 ? 133 GLN A CB  1 
ATOM   851  C CG  . GLN A 1 118 ? 3.495   -0.257  7.556   1.00 16.74 ? 133 GLN A CG  1 
ATOM   852  C CD  . GLN A 1 118 ? 3.089   0.306   8.891   1.00 16.06 ? 133 GLN A CD  1 
ATOM   853  O OE1 . GLN A 1 118 ? 2.005   0.875   9.032   1.00 23.20 ? 133 GLN A OE1 1 
ATOM   854  N NE2 . GLN A 1 118 ? 3.960   0.154   9.891   1.00 22.38 ? 133 GLN A NE2 1 
ATOM   855  N N   . PHE A 1 119 ? 2.253   1.164   3.504   1.00 19.21 ? 134 PHE A N   1 
ATOM   856  C CA  . PHE A 1 119 ? 1.812   2.052   2.437   1.00 20.37 ? 134 PHE A CA  1 
ATOM   857  C C   . PHE A 1 119 ? 0.325   2.330   2.590   1.00 16.13 ? 134 PHE A C   1 
ATOM   858  O O   . PHE A 1 119 ? -0.371  1.624   3.333   1.00 17.67 ? 134 PHE A O   1 
ATOM   859  C CB  . PHE A 1 119 ? 2.034   1.351   1.074   1.00 15.60 ? 134 PHE A CB  1 
ATOM   860  C CG  . PHE A 1 119 ? 1.280   0.039   0.964   1.00 18.34 ? 134 PHE A CG  1 
ATOM   861  C CD1 . PHE A 1 119 ? 1.830   -1.142  1.472   1.00 19.55 ? 134 PHE A CD1 1 
ATOM   862  C CD2 . PHE A 1 119 ? 0.010   -0.014  0.393   1.00 20.09 ? 134 PHE A CD2 1 
ATOM   863  C CE1 . PHE A 1 119 ? 1.128   -2.360  1.408   1.00 19.42 ? 134 PHE A CE1 1 
ATOM   864  C CE2 . PHE A 1 119 ? -0.702  -1.227  0.325   1.00 25.52 ? 134 PHE A CE2 1 
ATOM   865  C CZ  . PHE A 1 119 ? -0.139  -2.402  0.835   1.00 23.63 ? 134 PHE A CZ  1 
ATOM   866  N N   . PHE A 1 120 ? -0.171  3.354   1.896   1.00 15.12 ? 135 PHE A N   1 
ATOM   867  C CA  . PHE A 1 120 ? -1.593  3.575   1.902   1.00 19.96 ? 135 PHE A CA  1 
ATOM   868  C C   . PHE A 1 120 ? -2.062  3.727   0.473   1.00 18.01 ? 135 PHE A C   1 
ATOM   869  O O   . PHE A 1 120 ? -1.282  4.023   -0.426  1.00 17.59 ? 135 PHE A O   1 
ATOM   870  C CB  . PHE A 1 120 ? -2.060  4.788   2.697   1.00 34.44 ? 135 PHE A CB  1 
ATOM   871  C CG  . PHE A 1 120 ? -1.024  5.676   3.291   1.00 36.22 ? 135 PHE A CG  1 
ATOM   872  C CD1 . PHE A 1 120 ? -0.802  5.639   4.668   1.00 44.59 ? 135 PHE A CD1 1 
ATOM   873  C CD2 . PHE A 1 120 ? -0.358  6.625   2.532   1.00 38.47 ? 135 PHE A CD2 1 
ATOM   874  C CE1 . PHE A 1 120 ? 0.077   6.534   5.278   1.00 43.60 ? 135 PHE A CE1 1 
ATOM   875  C CE2 . PHE A 1 120 ? 0.522   7.521   3.125   1.00 35.48 ? 135 PHE A CE2 1 
ATOM   876  C CZ  . PHE A 1 120 ? 0.738   7.479   4.502   1.00 42.82 ? 135 PHE A CZ  1 
ATOM   877  N N   . ILE A 1 121 ? -3.344  3.497   0.291   1.00 15.94 ? 136 ILE A N   1 
ATOM   878  C CA  . ILE A 1 121 ? -3.980  3.690   -0.996  1.00 19.62 ? 136 ILE A CA  1 
ATOM   879  C C   . ILE A 1 121 ? -5.006  4.775   -0.699  1.00 18.68 ? 136 ILE A C   1 
ATOM   880  O O   . ILE A 1 121 ? -5.916  4.564   0.098   1.00 18.80 ? 136 ILE A O   1 
ATOM   881  C CB  . ILE A 1 121 ? -4.700  2.431   -1.519  1.00 21.07 ? 136 ILE A CB  1 
ATOM   882  C CG1 . ILE A 1 121 ? -3.694  1.288   -1.711  1.00 19.12 ? 136 ILE A CG1 1 
ATOM   883  C CG2 . ILE A 1 121 ? -5.423  2.737   -2.840  1.00 17.24 ? 136 ILE A CG2 1 
ATOM   884  C CD1 . ILE A 1 121 ? -4.320  -0.005  -2.205  1.00 26.16 ? 136 ILE A CD1 1 
ATOM   885  N N   . THR A 1 122 ? -4.882  5.946   -1.319  1.00 20.89 ? 137 THR A N   1 
ATOM   886  C CA  . THR A 1 122 ? -5.824  7.031   -1.035  1.00 20.79 ? 137 THR A CA  1 
ATOM   887  C C   . THR A 1 122 ? -7.125  6.871   -1.809  1.00 22.60 ? 137 THR A C   1 
ATOM   888  O O   . THR A 1 122 ? -7.122  6.459   -2.969  1.00 25.15 ? 137 THR A O   1 
ATOM   889  C CB  . THR A 1 122 ? -5.221  8.402   -1.373  1.00 23.52 ? 137 THR A CB  1 
ATOM   890  O OG1 . THR A 1 122 ? -4.906  8.457   -2.769  1.00 26.25 ? 137 THR A OG1 1 
ATOM   891  C CG2 . THR A 1 122 ? -3.964  8.646   -0.551  1.00 24.11 ? 137 THR A CG2 1 
ATOM   892  N N   . THR A 1 123 ? -8.236  7.208   -1.159  1.00 18.33 ? 138 THR A N   1 
ATOM   893  C CA  . THR A 1 123 ? -9.561  7.091   -1.763  1.00 23.32 ? 138 THR A CA  1 
ATOM   894  C C   . THR A 1 123 ? -10.214 8.457   -1.930  1.00 27.51 ? 138 THR A C   1 
ATOM   895  O O   . THR A 1 123 ? -11.369 8.557   -2.345  1.00 25.14 ? 138 THR A O   1 
ATOM   896  C CB  . THR A 1 123 ? -10.488 6.260   -0.883  1.00 22.11 ? 138 THR A CB  1 
ATOM   897  O OG1 . THR A 1 123 ? -10.512 6.826   0.436   1.00 25.32 ? 138 THR A OG1 1 
ATOM   898  C CG2 . THR A 1 123 ? -10.011 4.816   -0.804  1.00 23.14 ? 138 THR A CG2 1 
ATOM   899  N N   . ALA A 1 124 ? -9.470  9.501   -1.597  1.00 28.93 ? 139 ALA A N   1 
ATOM   900  C CA  . ALA A 1 124 ? -9.982  10.864  -1.690  1.00 32.92 ? 139 ALA A CA  1 
ATOM   901  C C   . ALA A 1 124 ? -8.810  11.827  -1.795  1.00 28.43 ? 139 ALA A C   1 
ATOM   902  O O   . ALA A 1 124 ? -7.651  11.422  -1.678  1.00 29.35 ? 139 ALA A O   1 
ATOM   903  C CB  . ALA A 1 124 ? -10.820 11.186  -0.448  1.00 31.65 ? 139 ALA A CB  1 
ATOM   904  N N   . PRO A 1 125 ? -9.089  13.119  -2.027  1.00 27.59 ? 140 PRO A N   1 
ATOM   905  C CA  . PRO A 1 125 ? -7.966  14.055  -2.125  1.00 26.80 ? 140 PRO A CA  1 
ATOM   906  C C   . PRO A 1 125 ? -7.300  14.134  -0.748  1.00 24.82 ? 140 PRO A C   1 
ATOM   907  O O   . PRO A 1 125 ? -7.990  14.191  0.266   1.00 28.40 ? 140 PRO A O   1 
ATOM   908  C CB  . PRO A 1 125 ? -8.649  15.369  -2.513  1.00 29.81 ? 140 PRO A CB  1 
ATOM   909  C CG  . PRO A 1 125 ? -9.862  14.910  -3.274  1.00 29.66 ? 140 PRO A CG  1 
ATOM   910  C CD  . PRO A 1 125 ? -10.354 13.776  -2.399  1.00 31.51 ? 140 PRO A CD  1 
ATOM   911  N N   . THR A 1 126 ? -5.973  14.117  -0.704  1.00 25.99 ? 141 THR A N   1 
ATOM   912  C CA  . THR A 1 126 ? -5.276  14.185  0.579   1.00 26.49 ? 141 THR A CA  1 
ATOM   913  C C   . THR A 1 126 ? -4.118  15.170  0.522   1.00 25.46 ? 141 THR A C   1 
ATOM   914  O O   . THR A 1 126 ? -2.957  14.798  0.694   1.00 26.66 ? 141 THR A O   1 
ATOM   915  C CB  . THR A 1 126 ? -4.748  12.787  1.014   1.00 24.19 ? 141 THR A CB  1 
ATOM   916  O OG1 . THR A 1 126 ? -3.844  12.279  0.024   1.00 21.81 ? 141 THR A OG1 1 
ATOM   917  C CG2 . THR A 1 126 ? -5.903  11.806  1.175   1.00 19.13 ? 141 THR A CG2 1 
ATOM   918  N N   . PRO A 1 127 ? -4.426  16.458  0.298   1.00 29.82 ? 142 PRO A N   1 
ATOM   919  C CA  . PRO A 1 127 ? -3.389  17.492  0.217   1.00 29.42 ? 142 PRO A CA  1 
ATOM   920  C C   . PRO A 1 127 ? -2.462  17.599  1.431   1.00 28.14 ? 142 PRO A C   1 
ATOM   921  O O   . PRO A 1 127 ? -1.299  17.955  1.284   1.00 30.93 ? 142 PRO A O   1 
ATOM   922  C CB  . PRO A 1 127 ? -4.189  18.777  -0.056  1.00 28.06 ? 142 PRO A CB  1 
ATOM   923  C CG  . PRO A 1 127 ? -5.547  18.481  0.519   1.00 36.78 ? 142 PRO A CG  1 
ATOM   924  C CD  . PRO A 1 127 ? -5.773  17.037  0.145   1.00 27.30 ? 142 PRO A CD  1 
ATOM   925  N N   . TRP A 1 128 ? -2.954  17.266  2.622   1.00 29.87 ? 143 TRP A N   1 
ATOM   926  C CA  . TRP A 1 128 ? -2.125  17.358  3.825   1.00 22.48 ? 143 TRP A CA  1 
ATOM   927  C C   . TRP A 1 128 ? -1.045  16.277  3.914   1.00 26.21 ? 143 TRP A C   1 
ATOM   928  O O   . TRP A 1 128 ? -0.315  16.198  4.902   1.00 30.66 ? 143 TRP A O   1 
ATOM   929  C CB  . TRP A 1 128 ? -3.006  17.334  5.082   1.00 32.49 ? 143 TRP A CB  1 
ATOM   930  C CG  . TRP A 1 128 ? -3.772  16.063  5.263   1.00 29.10 ? 143 TRP A CG  1 
ATOM   931  C CD1 . TRP A 1 128 ? -3.349  14.932  5.901   1.00 28.16 ? 143 TRP A CD1 1 
ATOM   932  C CD2 . TRP A 1 128 ? -5.068  15.765  4.735   1.00 27.63 ? 143 TRP A CD2 1 
ATOM   933  N NE1 . TRP A 1 128 ? -4.299  13.946  5.799   1.00 33.23 ? 143 TRP A NE1 1 
ATOM   934  C CE2 . TRP A 1 128 ? -5.365  14.431  5.087   1.00 29.59 ? 143 TRP A CE2 1 
ATOM   935  C CE3 . TRP A 1 128 ? -6.008  16.497  3.994   1.00 31.06 ? 143 TRP A CE3 1 
ATOM   936  C CZ2 . TRP A 1 128 ? -6.563  13.811  4.721   1.00 26.86 ? 143 TRP A CZ2 1 
ATOM   937  C CZ3 . TRP A 1 128 ? -7.203  15.879  3.630   1.00 33.87 ? 143 TRP A CZ3 1 
ATOM   938  C CH2 . TRP A 1 128 ? -7.469  14.549  3.995   1.00 31.10 ? 143 TRP A CH2 1 
ATOM   939  N N   . LEU A 1 129 ? -0.950  15.435  2.888   1.00 23.89 ? 144 LEU A N   1 
ATOM   940  C CA  . LEU A 1 129 ? 0.082   14.398  2.851   1.00 23.48 ? 144 LEU A CA  1 
ATOM   941  C C   . LEU A 1 129 ? 1.125   14.776  1.804   1.00 22.23 ? 144 LEU A C   1 
ATOM   942  O O   . LEU A 1 129 ? 2.246   14.266  1.815   1.00 21.79 ? 144 LEU A O   1 
ATOM   943  C CB  . LEU A 1 129 ? -0.507  13.038  2.470   1.00 22.08 ? 144 LEU A CB  1 
ATOM   944  C CG  . LEU A 1 129 ? -1.420  12.301  3.450   1.00 26.18 ? 144 LEU A CG  1 
ATOM   945  C CD1 . LEU A 1 129 ? -1.802  10.956  2.842   1.00 26.71 ? 144 LEU A CD1 1 
ATOM   946  C CD2 . LEU A 1 129 ? -0.719  12.103  4.781   1.00 32.98 ? 144 LEU A CD2 1 
ATOM   947  N N   . ASP A 1 130 ? 0.736   15.665  0.895   1.00 22.02 ? 145 ASP A N   1 
ATOM   948  C CA  . ASP A 1 130 ? 1.621   16.091  -0.175  1.00 21.35 ? 145 ASP A CA  1 
ATOM   949  C C   . ASP A 1 130 ? 2.946   16.655  0.318   1.00 20.41 ? 145 ASP A C   1 
ATOM   950  O O   . ASP A 1 130 ? 2.994   17.424  1.278   1.00 24.70 ? 145 ASP A O   1 
ATOM   951  C CB  . ASP A 1 130 ? 0.916   17.117  -1.060  1.00 18.23 ? 145 ASP A CB  1 
ATOM   952  C CG  . ASP A 1 130 ? -0.170  16.489  -1.917  1.00 26.19 ? 145 ASP A CG  1 
ATOM   953  O OD1 . ASP A 1 130 ? -0.069  15.280  -2.211  1.00 27.90 ? 145 ASP A OD1 1 
ATOM   954  O OD2 . ASP A 1 130 ? -1.111  17.199  -2.320  1.00 21.48 ? 145 ASP A OD2 1 
ATOM   955  N N   . GLY A 1 131 ? 4.017   16.257  -0.357  1.00 21.86 ? 146 GLY A N   1 
ATOM   956  C CA  . GLY A 1 131 ? 5.349   16.722  -0.013  1.00 18.21 ? 146 GLY A CA  1 
ATOM   957  C C   . GLY A 1 131 ? 5.991   15.974  1.140   1.00 23.81 ? 146 GLY A C   1 
ATOM   958  O O   . GLY A 1 131 ? 7.178   16.146  1.397   1.00 25.83 ? 146 GLY A O   1 
ATOM   959  N N   . ARG A 1 132 ? 5.221   15.139  1.834   1.00 19.91 ? 147 ARG A N   1 
ATOM   960  C CA  . ARG A 1 132 ? 5.767   14.399  2.967   1.00 20.92 ? 147 ARG A CA  1 
ATOM   961  C C   . ARG A 1 132 ? 5.780   12.885  2.803   1.00 21.15 ? 147 ARG A C   1 
ATOM   962  O O   . ARG A 1 132 ? 6.430   12.182  3.571   1.00 22.82 ? 147 ARG A O   1 
ATOM   963  C CB  . ARG A 1 132 ? 5.009   14.778  4.241   1.00 23.02 ? 147 ARG A CB  1 
ATOM   964  C CG  . ARG A 1 132 ? 5.482   16.096  4.834   1.00 29.21 ? 147 ARG A CG  1 
ATOM   965  C CD  . ARG A 1 132 ? 4.342   16.915  5.397   1.00 23.29 ? 147 ARG A CD  1 
ATOM   966  N NE  . ARG A 1 132 ? 3.521   17.504  4.343   1.00 26.60 ? 147 ARG A NE  1 
ATOM   967  C CZ  . ARG A 1 132 ? 2.436   18.238  4.568   1.00 31.50 ? 147 ARG A CZ  1 
ATOM   968  N NH1 . ARG A 1 132 ? 2.044   18.475  5.813   1.00 38.31 ? 147 ARG A NH1 1 
ATOM   969  N NH2 . ARG A 1 132 ? 1.736   18.726  3.552   1.00 30.44 ? 147 ARG A NH2 1 
ATOM   970  N N   . HIS A 1 133 ? 5.071   12.386  1.800   1.00 19.50 ? 148 HIS A N   1 
ATOM   971  C CA  . HIS A 1 133 ? 5.009   10.950  1.551   1.00 21.13 ? 148 HIS A CA  1 
ATOM   972  C C   . HIS A 1 133 ? 5.303   10.719  0.087   1.00 19.61 ? 148 HIS A C   1 
ATOM   973  O O   . HIS A 1 133 ? 4.803   11.438  -0.776  1.00 23.45 ? 148 HIS A O   1 
ATOM   974  C CB  . HIS A 1 133 ? 3.614   10.416  1.901   1.00 17.49 ? 148 HIS A CB  1 
ATOM   975  C CG  . HIS A 1 133 ? 3.290   10.503  3.359   1.00 22.15 ? 148 HIS A CG  1 
ATOM   976  N ND1 . HIS A 1 133 ? 3.591   9.495   4.252   1.00 25.10 ? 148 HIS A ND1 1 
ATOM   977  C CD2 . HIS A 1 133 ? 2.743   11.501  4.091   1.00 23.91 ? 148 HIS A CD2 1 
ATOM   978  C CE1 . HIS A 1 133 ? 3.245   9.868   5.470   1.00 20.71 ? 148 HIS A CE1 1 
ATOM   979  N NE2 . HIS A 1 133 ? 2.729   11.082  5.401   1.00 24.32 ? 148 HIS A NE2 1 
ATOM   980  N N   . VAL A 1 134 ? 6.124   9.714   -0.183  1.00 20.34 ? 149 VAL A N   1 
ATOM   981  C CA  . VAL A 1 134 ? 6.510   9.384   -1.541  1.00 18.29 ? 149 VAL A CA  1 
ATOM   982  C C   . VAL A 1 134 ? 5.413   8.618   -2.274  1.00 23.82 ? 149 VAL A C   1 
ATOM   983  O O   . VAL A 1 134 ? 5.042   7.515   -1.871  1.00 20.99 ? 149 VAL A O   1 
ATOM   984  C CB  . VAL A 1 134 ? 7.810   8.545   -1.540  1.00 17.09 ? 149 VAL A CB  1 
ATOM   985  C CG1 . VAL A 1 134 ? 8.171   8.136   -2.959  1.00 20.54 ? 149 VAL A CG1 1 
ATOM   986  C CG2 . VAL A 1 134 ? 8.948   9.352   -0.901  1.00 16.08 ? 149 VAL A CG2 1 
ATOM   987  N N   . VAL A 1 135 ? 4.888   9.218   -3.338  1.00 18.69 ? 150 VAL A N   1 
ATOM   988  C CA  . VAL A 1 135 ? 3.853   8.585   -4.154  1.00 20.75 ? 150 VAL A CA  1 
ATOM   989  C C   . VAL A 1 135 ? 4.626   7.757   -5.176  1.00 22.74 ? 150 VAL A C   1 
ATOM   990  O O   . VAL A 1 135 ? 5.480   8.288   -5.883  1.00 24.19 ? 150 VAL A O   1 
ATOM   991  C CB  . VAL A 1 135 ? 2.983   9.655   -4.859  1.00 24.18 ? 150 VAL A CB  1 
ATOM   992  C CG1 . VAL A 1 135 ? 1.963   8.991   -5.791  1.00 20.49 ? 150 VAL A CG1 1 
ATOM   993  C CG2 . VAL A 1 135 ? 2.268   10.498  -3.807  1.00 22.43 ? 150 VAL A CG2 1 
ATOM   994  N N   . PHE A 1 136 ? 4.345   6.459   -5.254  1.00 17.92 ? 151 PHE A N   1 
ATOM   995  C CA  . PHE A 1 136 ? 5.104   5.606   -6.163  1.00 18.36 ? 151 PHE A CA  1 
ATOM   996  C C   . PHE A 1 136 ? 4.295   4.751   -7.132  1.00 21.73 ? 151 PHE A C   1 
ATOM   997  O O   . PHE A 1 136 ? 4.867   3.937   -7.857  1.00 22.03 ? 151 PHE A O   1 
ATOM   998  C CB  . PHE A 1 136 ? 6.029   4.687   -5.353  1.00 21.21 ? 151 PHE A CB  1 
ATOM   999  C CG  . PHE A 1 136 ? 5.293   3.773   -4.409  1.00 19.25 ? 151 PHE A CG  1 
ATOM   1000 C CD1 . PHE A 1 136 ? 4.889   4.228   -3.157  1.00 21.07 ? 151 PHE A CD1 1 
ATOM   1001 C CD2 . PHE A 1 136 ? 4.956   2.480   -4.794  1.00 19.37 ? 151 PHE A CD2 1 
ATOM   1002 C CE1 . PHE A 1 136 ? 4.152   3.405   -2.294  1.00 19.81 ? 151 PHE A CE1 1 
ATOM   1003 C CE2 . PHE A 1 136 ? 4.219   1.643   -3.944  1.00 18.21 ? 151 PHE A CE2 1 
ATOM   1004 C CZ  . PHE A 1 136 ? 3.817   2.112   -2.690  1.00 23.57 ? 151 PHE A CZ  1 
ATOM   1005 N N   . GLY A 1 137 ? 2.977   4.924   -7.149  1.00 19.18 ? 152 GLY A N   1 
ATOM   1006 C CA  . GLY A 1 137 ? 2.166   4.135   -8.057  1.00 18.19 ? 152 GLY A CA  1 
ATOM   1007 C C   . GLY A 1 137 ? 0.700   4.493   -7.997  1.00 17.90 ? 152 GLY A C   1 
ATOM   1008 O O   . GLY A 1 137 ? 0.310   5.471   -7.353  1.00 22.63 ? 152 GLY A O   1 
ATOM   1009 N N   . LYS A 1 138 ? -0.123  3.704   -8.670  1.00 17.93 ? 153 LYS A N   1 
ATOM   1010 C CA  . LYS A 1 138 ? -1.561  3.944   -8.668  1.00 21.43 ? 153 LYS A CA  1 
ATOM   1011 C C   . LYS A 1 138 ? -2.346  2.692   -9.031  1.00 17.16 ? 153 LYS A C   1 
ATOM   1012 O O   . LYS A 1 138 ? -1.829  1.798   -9.698  1.00 19.37 ? 153 LYS A O   1 
ATOM   1013 C CB  . LYS A 1 138 ? -1.927  5.066   -9.647  1.00 22.35 ? 153 LYS A CB  1 
ATOM   1014 C CG  . LYS A 1 138 ? -1.812  4.693   -11.110 1.00 30.45 ? 153 LYS A CG  1 
ATOM   1015 C CD  . LYS A 1 138 ? -2.404  5.800   -11.958 1.00 35.27 ? 153 LYS A CD  1 
ATOM   1016 C CE  . LYS A 1 138 ? -2.529  5.400   -13.411 1.00 45.79 ? 153 LYS A CE  1 
ATOM   1017 N NZ  . LYS A 1 138 ? -3.242  6.454   -14.197 1.00 52.93 ? 153 LYS A NZ  1 
ATOM   1018 N N   . VAL A 1 139 ? -3.595  2.642   -8.575  1.00 18.93 ? 154 VAL A N   1 
ATOM   1019 C CA  . VAL A 1 139 ? -4.487  1.527   -8.855  1.00 21.20 ? 154 VAL A CA  1 
ATOM   1020 C C   . VAL A 1 139 ? -4.905  1.632   -10.320 1.00 23.73 ? 154 VAL A C   1 
ATOM   1021 O O   . VAL A 1 139 ? -5.470  2.647   -10.733 1.00 20.58 ? 154 VAL A O   1 
ATOM   1022 C CB  . VAL A 1 139 ? -5.738  1.600   -7.956  1.00 22.72 ? 154 VAL A CB  1 
ATOM   1023 C CG1 . VAL A 1 139 ? -6.704  0.492   -8.300  1.00 22.27 ? 154 VAL A CG1 1 
ATOM   1024 C CG2 . VAL A 1 139 ? -5.324  1.519   -6.492  1.00 20.20 ? 154 VAL A CG2 1 
ATOM   1025 N N   . LEU A 1 140 ? -4.599  0.600   -11.105 1.00 21.07 ? 155 LEU A N   1 
ATOM   1026 C CA  . LEU A 1 140 ? -4.947  0.574   -12.527 1.00 22.22 ? 155 LEU A CA  1 
ATOM   1027 C C   . LEU A 1 140 ? -6.301  -0.098  -12.730 1.00 22.38 ? 155 LEU A C   1 
ATOM   1028 O O   . LEU A 1 140 ? -7.061  0.268   -13.617 1.00 26.09 ? 155 LEU A O   1 
ATOM   1029 C CB  . LEU A 1 140 ? -3.885  -0.187  -13.331 1.00 24.14 ? 155 LEU A CB  1 
ATOM   1030 C CG  . LEU A 1 140 ? -2.445  0.337   -13.361 1.00 30.14 ? 155 LEU A CG  1 
ATOM   1031 C CD1 . LEU A 1 140 ? -1.589  -0.589  -14.207 1.00 26.09 ? 155 LEU A CD1 1 
ATOM   1032 C CD2 . LEU A 1 140 ? -2.409  1.745   -13.923 1.00 29.50 ? 155 LEU A CD2 1 
ATOM   1033 N N   . ASP A 1 141 ? -6.598  -1.094  -11.907 1.00 20.69 ? 156 ASP A N   1 
ATOM   1034 C CA  . ASP A 1 141 ? -7.866  -1.796  -12.014 1.00 23.49 ? 156 ASP A CA  1 
ATOM   1035 C C   . ASP A 1 141 ? -8.233  -2.312  -10.630 1.00 20.55 ? 156 ASP A C   1 
ATOM   1036 O O   . ASP A 1 141 ? -7.357  -2.535  -9.795  1.00 18.92 ? 156 ASP A O   1 
ATOM   1037 C CB  . ASP A 1 141 ? -7.743  -2.954  -13.014 1.00 20.26 ? 156 ASP A CB  1 
ATOM   1038 C CG  . ASP A 1 141 ? -9.073  -3.636  -13.287 1.00 30.89 ? 156 ASP A CG  1 
ATOM   1039 O OD1 . ASP A 1 141 ? -10.065 -2.935  -13.586 1.00 33.34 ? 156 ASP A OD1 1 
ATOM   1040 O OD2 . ASP A 1 141 ? -9.120  -4.883  -13.210 1.00 33.36 ? 156 ASP A OD2 1 
ATOM   1041 N N   . GLY A 1 142 ? -9.527  -2.476  -10.381 1.00 20.41 ? 157 GLY A N   1 
ATOM   1042 C CA  . GLY A 1 142 ? -9.958  -2.968  -9.085  1.00 21.55 ? 157 GLY A CA  1 
ATOM   1043 C C   . GLY A 1 142 ? -10.164 -1.871  -8.059  1.00 21.22 ? 157 GLY A C   1 
ATOM   1044 O O   . GLY A 1 142 ? -10.093 -2.123  -6.857  1.00 21.63 ? 157 GLY A O   1 
ATOM   1045 N N   . MET A 1 143 ? -10.402 -0.645  -8.517  1.00 19.98 ? 158 MET A N   1 
ATOM   1046 C CA  . MET A 1 143 ? -10.640 0.455   -7.596  1.00 18.86 ? 158 MET A CA  1 
ATOM   1047 C C   . MET A 1 143 ? -11.927 0.160   -6.811  1.00 22.62 ? 158 MET A C   1 
ATOM   1048 O O   . MET A 1 143 ? -12.088 0.610   -5.679  1.00 23.18 ? 158 MET A O   1 
ATOM   1049 C CB  . MET A 1 143 ? -10.777 1.778   -8.363  1.00 22.42 ? 158 MET A CB  1 
ATOM   1050 C CG  . MET A 1 143 ? -10.767 3.030   -7.494  1.00 22.35 ? 158 MET A CG  1 
ATOM   1051 S SD  . MET A 1 143 ? -9.233  3.242   -6.532  1.00 28.86 ? 158 MET A SD  1 
ATOM   1052 C CE  . MET A 1 143 ? -9.874  4.128   -5.139  1.00 27.03 ? 158 MET A CE  1 
ATOM   1053 N N   . ASP A 1 144 ? -12.846 -0.599  -7.410  1.00 20.55 ? 159 ASP A N   1 
ATOM   1054 C CA  . ASP A 1 144 ? -14.088 -0.939  -6.721  1.00 22.27 ? 159 ASP A CA  1 
ATOM   1055 C C   . ASP A 1 144 ? -13.783 -1.812  -5.502  1.00 24.14 ? 159 ASP A C   1 
ATOM   1056 O O   . ASP A 1 144 ? -14.486 -1.747  -4.497  1.00 20.63 ? 159 ASP A O   1 
ATOM   1057 C CB  . ASP A 1 144 ? -15.060 -1.668  -7.664  1.00 24.36 ? 159 ASP A CB  1 
ATOM   1058 C CG  . ASP A 1 144 ? -14.438 -2.885  -8.321  1.00 26.52 ? 159 ASP A CG  1 
ATOM   1059 O OD1 . ASP A 1 144 ? -13.434 -2.733  -9.047  1.00 27.77 ? 159 ASP A OD1 1 
ATOM   1060 O OD2 . ASP A 1 144 ? -14.951 -3.997  -8.108  1.00 27.29 ? 159 ASP A OD2 1 
ATOM   1061 N N   . VAL A 1 145 ? -12.742 -2.635  -5.588  1.00 18.93 ? 160 VAL A N   1 
ATOM   1062 C CA  . VAL A 1 145 ? -12.373 -3.484  -4.456  1.00 19.64 ? 160 VAL A CA  1 
ATOM   1063 C C   . VAL A 1 145 ? -11.876 -2.583  -3.322  1.00 18.05 ? 160 VAL A C   1 
ATOM   1064 O O   . VAL A 1 145 ? -12.175 -2.815  -2.148  1.00 16.02 ? 160 VAL A O   1 
ATOM   1065 C CB  . VAL A 1 145 ? -11.246 -4.475  -4.825  1.00 20.02 ? 160 VAL A CB  1 
ATOM   1066 C CG1 . VAL A 1 145 ? -10.913 -5.352  -3.618  1.00 16.52 ? 160 VAL A CG1 1 
ATOM   1067 C CG2 . VAL A 1 145 ? -11.676 -5.334  -6.004  1.00 20.45 ? 160 VAL A CG2 1 
ATOM   1068 N N   . VAL A 1 146 ? -11.106 -1.559  -3.684  1.00 16.80 ? 161 VAL A N   1 
ATOM   1069 C CA  . VAL A 1 146 ? -10.591 -0.602  -2.702  1.00 15.89 ? 161 VAL A CA  1 
ATOM   1070 C C   . VAL A 1 146 ? -11.763 0.118   -2.034  1.00 17.72 ? 161 VAL A C   1 
ATOM   1071 O O   . VAL A 1 146 ? -11.806 0.260   -0.812  1.00 17.73 ? 161 VAL A O   1 
ATOM   1072 C CB  . VAL A 1 146 ? -9.680  0.461   -3.370  1.00 19.96 ? 161 VAL A CB  1 
ATOM   1073 C CG1 . VAL A 1 146 ? -9.326  1.554   -2.367  1.00 24.59 ? 161 VAL A CG1 1 
ATOM   1074 C CG2 . VAL A 1 146 ? -8.403  -0.196  -3.897  1.00 17.89 ? 161 VAL A CG2 1 
ATOM   1075 N N   . LEU A 1 147 ? -12.723 0.569   -2.835  1.00 14.97 ? 162 LEU A N   1 
ATOM   1076 C CA  . LEU A 1 147 ? -13.867 1.286   -2.285  1.00 22.08 ? 162 LEU A CA  1 
ATOM   1077 C C   . LEU A 1 147 ? -14.719 0.410   -1.378  1.00 20.36 ? 162 LEU A C   1 
ATOM   1078 O O   . LEU A 1 147 ? -15.337 0.906   -0.430  1.00 19.72 ? 162 LEU A O   1 
ATOM   1079 C CB  . LEU A 1 147 ? -14.718 1.883   -3.409  1.00 17.19 ? 162 LEU A CB  1 
ATOM   1080 C CG  . LEU A 1 147 ? -13.982 2.888   -4.300  1.00 28.99 ? 162 LEU A CG  1 
ATOM   1081 C CD1 . LEU A 1 147 ? -14.938 3.429   -5.368  1.00 29.05 ? 162 LEU A CD1 1 
ATOM   1082 C CD2 . LEU A 1 147 ? -13.432 4.023   -3.446  1.00 28.30 ? 162 LEU A CD2 1 
ATOM   1083 N N   . ARG A 1 148 ? -14.746 -0.889  -1.649  1.00 19.86 ? 163 ARG A N   1 
ATOM   1084 C CA  . ARG A 1 148 ? -15.510 -1.812  -0.819  1.00 22.43 ? 163 ARG A CA  1 
ATOM   1085 C C   . ARG A 1 148 ? -14.838 -1.983  0.550   1.00 23.73 ? 163 ARG A C   1 
ATOM   1086 O O   . ARG A 1 148 ? -15.507 -2.028  1.591   1.00 20.29 ? 163 ARG A O   1 
ATOM   1087 C CB  . ARG A 1 148 ? -15.632 -3.177  -1.509  1.00 25.58 ? 163 ARG A CB  1 
ATOM   1088 C CG  . ARG A 1 148 ? -16.199 -4.246  -0.602  1.00 31.94 ? 163 ARG A CG  1 
ATOM   1089 C CD  . ARG A 1 148 ? -17.505 -4.804  -1.127  1.00 40.64 ? 163 ARG A CD  1 
ATOM   1090 N NE  . ARG A 1 148 ? -17.296 -5.902  -2.059  1.00 34.62 ? 163 ARG A NE  1 
ATOM   1091 C CZ  . ARG A 1 148 ? -17.726 -7.143  -1.854  1.00 32.71 ? 163 ARG A CZ  1 
ATOM   1092 N NH1 . ARG A 1 148 ? -18.390 -7.447  -0.748  1.00 35.62 ? 163 ARG A NH1 1 
ATOM   1093 N NH2 . ARG A 1 148 ? -17.492 -8.080  -2.754  1.00 29.74 ? 163 ARG A NH2 1 
ATOM   1094 N N   . ILE A 1 149 ? -13.514 -2.091  0.538   1.00 20.17 ? 164 ILE A N   1 
ATOM   1095 C CA  . ILE A 1 149 ? -12.731 -2.235  1.766   1.00 17.82 ? 164 ILE A CA  1 
ATOM   1096 C C   . ILE A 1 149 ? -12.898 -1.001  2.645   1.00 23.53 ? 164 ILE A C   1 
ATOM   1097 O O   . ILE A 1 149 ? -12.997 -1.093  3.869   1.00 23.59 ? 164 ILE A O   1 
ATOM   1098 C CB  . ILE A 1 149 ? -11.236 -2.379  1.445   1.00 17.60 ? 164 ILE A CB  1 
ATOM   1099 C CG1 . ILE A 1 149 ? -10.989 -3.693  0.702   1.00 17.07 ? 164 ILE A CG1 1 
ATOM   1100 C CG2 . ILE A 1 149 ? -10.420 -2.286  2.722   1.00 21.04 ? 164 ILE A CG2 1 
ATOM   1101 C CD1 . ILE A 1 149 ? -9.571  -3.826  0.156   1.00 23.07 ? 164 ILE A CD1 1 
ATOM   1102 N N   . GLU A 1 150 ? -12.913 0.162   2.006   1.00 24.04 ? 165 GLU A N   1 
ATOM   1103 C CA  . GLU A 1 150 ? -13.058 1.422   2.714   1.00 24.70 ? 165 GLU A CA  1 
ATOM   1104 C C   . GLU A 1 150 ? -14.347 1.479   3.537   1.00 26.49 ? 165 GLU A C   1 
ATOM   1105 O O   . GLU A 1 150 ? -14.411 2.167   4.558   1.00 26.52 ? 165 GLU A O   1 
ATOM   1106 C CB  . GLU A 1 150 ? -13.031 2.578   1.701   1.00 25.11 ? 165 GLU A CB  1 
ATOM   1107 C CG  . GLU A 1 150 ? -13.308 3.932   2.311   1.00 36.15 ? 165 GLU A CG  1 
ATOM   1108 C CD  . GLU A 1 150 ? -13.304 5.045   1.287   1.00 34.31 ? 165 GLU A CD  1 
ATOM   1109 O OE1 . GLU A 1 150 ? -14.078 4.969   0.310   1.00 31.24 ? 165 GLU A OE1 1 
ATOM   1110 O OE2 . GLU A 1 150 ? -12.526 6.000   1.468   1.00 39.25 ? 165 GLU A OE2 1 
ATOM   1111 N N   . LYS A 1 151 ? -15.368 0.754   3.089   1.00 22.63 ? 166 LYS A N   1 
ATOM   1112 C CA  . LYS A 1 151 ? -16.672 0.736   3.752   1.00 26.20 ? 166 LYS A CA  1 
ATOM   1113 C C   . LYS A 1 151 ? -16.797 -0.343  4.815   1.00 27.89 ? 166 LYS A C   1 
ATOM   1114 O O   . LYS A 1 151 ? -17.811 -0.417  5.505   1.00 28.51 ? 166 LYS A O   1 
ATOM   1115 C CB  . LYS A 1 151 ? -17.786 0.516   2.720   1.00 25.16 ? 166 LYS A CB  1 
ATOM   1116 C CG  . LYS A 1 151 ? -18.026 1.674   1.764   1.00 33.93 ? 166 LYS A CG  1 
ATOM   1117 C CD  . LYS A 1 151 ? -18.659 2.854   2.481   1.00 39.93 ? 166 LYS A CD  1 
ATOM   1118 C CE  . LYS A 1 151 ? -19.134 3.921   1.498   1.00 45.22 ? 166 LYS A CE  1 
ATOM   1119 N NZ  . LYS A 1 151 ? -18.029 4.560   0.742   1.00 40.76 ? 166 LYS A NZ  1 
ATOM   1120 N N   . THR A 1 152 ? -15.777 -1.181  4.948   1.00 25.69 ? 167 THR A N   1 
ATOM   1121 C CA  . THR A 1 152 ? -15.849 -2.256  5.923   1.00 28.61 ? 167 THR A CA  1 
ATOM   1122 C C   . THR A 1 152 ? -16.012 -1.702  7.328   1.00 27.76 ? 167 THR A C   1 
ATOM   1123 O O   . THR A 1 152 ? -15.492 -0.634  7.659   1.00 27.80 ? 167 THR A O   1 
ATOM   1124 C CB  . THR A 1 152 ? -14.604 -3.165  5.856   1.00 27.98 ? 167 THR A CB  1 
ATOM   1125 O OG1 . THR A 1 152 ? -14.920 -4.439  6.433   1.00 37.32 ? 167 THR A OG1 1 
ATOM   1126 C CG2 . THR A 1 152 ? -13.437 -2.547  6.616   1.00 26.00 ? 167 THR A CG2 1 
ATOM   1127 N N   . LYS A 1 153 ? -16.749 -2.432  8.153   1.00 29.86 ? 168 LYS A N   1 
ATOM   1128 C CA  . LYS A 1 153 ? -16.997 -2.011  9.516   1.00 33.49 ? 168 LYS A CA  1 
ATOM   1129 C C   . LYS A 1 153 ? -15.714 -1.985  10.336  1.00 34.39 ? 168 LYS A C   1 
ATOM   1130 O O   . LYS A 1 153 ? -14.970 -2.964  10.398  1.00 34.10 ? 168 LYS A O   1 
ATOM   1131 C CB  . LYS A 1 153 ? -18.024 -2.937  10.166  1.00 38.82 ? 168 LYS A CB  1 
ATOM   1132 C CG  . LYS A 1 153 ? -18.524 -2.470  11.526  1.00 49.52 ? 168 LYS A CG  1 
ATOM   1133 C CD  . LYS A 1 153 ? -19.827 -3.177  11.879  1.00 57.33 ? 168 LYS A CD  1 
ATOM   1134 C CE  . LYS A 1 153 ? -19.669 -4.695  11.839  1.00 61.14 ? 168 LYS A CE  1 
ATOM   1135 N NZ  . LYS A 1 153 ? -20.981 -5.401  11.714  1.00 61.91 ? 168 LYS A NZ  1 
ATOM   1136 N N   . THR A 1 154 ? -15.442 -0.835  10.933  1.00 29.20 ? 169 THR A N   1 
ATOM   1137 C CA  . THR A 1 154 ? -14.267 -0.687  11.768  1.00 37.42 ? 169 THR A CA  1 
ATOM   1138 C C   . THR A 1 154 ? -14.835 -0.475  13.156  1.00 45.55 ? 169 THR A C   1 
ATOM   1139 O O   . THR A 1 154 ? -16.054 -0.434  13.340  1.00 47.81 ? 169 THR A O   1 
ATOM   1140 C CB  . THR A 1 154 ? -13.421 0.548   11.382  1.00 37.61 ? 169 THR A CB  1 
ATOM   1141 O OG1 . THR A 1 154 ? -14.194 1.736   11.590  1.00 39.99 ? 169 THR A OG1 1 
ATOM   1142 C CG2 . THR A 1 154 ? -12.989 0.476   9.920   1.00 31.35 ? 169 THR A CG2 1 
ATOM   1143 N N   . ASN A 1 155 ? -13.958 -0.350  14.135  1.00 45.85 ? 170 ASN A N   1 
ATOM   1144 C CA  . ASN A 1 155 ? -14.424 -0.131  15.484  1.00 52.76 ? 170 ASN A CA  1 
ATOM   1145 C C   . ASN A 1 155 ? -13.464 0.851   16.095  1.00 57.12 ? 170 ASN A C   1 
ATOM   1146 O O   . ASN A 1 155 ? -13.248 1.943   15.562  1.00 54.66 ? 170 ASN A O   1 
ATOM   1147 N N   . SER A 1 156 ? -12.884 0.465   17.219  1.00 59.46 ? 171 SER A N   1 
ATOM   1148 C CA  . SER A 1 156 ? -11.917 1.319   17.870  1.00 61.22 ? 171 SER A CA  1 
ATOM   1149 C C   . SER A 1 156 ? -10.682 1.316   16.974  1.00 58.55 ? 171 SER A C   1 
ATOM   1150 O O   . SER A 1 156 ? -10.449 0.359   16.225  1.00 55.40 ? 171 SER A O   1 
ATOM   1151 C CB  . SER A 1 156 ? -11.576 0.771   19.248  1.00 63.11 ? 171 SER A CB  1 
ATOM   1152 N N   . HIS A 1 157 ? -9.921  2.402   17.046  1.00 52.17 ? 172 HIS A N   1 
ATOM   1153 C CA  . HIS A 1 157 ? -8.687  2.574   16.289  1.00 48.27 ? 172 HIS A CA  1 
ATOM   1154 C C   . HIS A 1 157 ? -8.761  2.490   14.767  1.00 42.17 ? 172 HIS A C   1 
ATOM   1155 O O   . HIS A 1 157 ? -7.726  2.402   14.108  1.00 36.43 ? 172 HIS A O   1 
ATOM   1156 C CB  . HIS A 1 157 ? -7.634  1.581   16.787  1.00 54.63 ? 172 HIS A CB  1 
ATOM   1157 C CG  . HIS A 1 157 ? -7.291  1.742   18.234  1.00 63.35 ? 172 HIS A CG  1 
ATOM   1158 N ND1 . HIS A 1 157 ? -7.234  2.974   18.850  1.00 65.90 ? 172 HIS A ND1 1 
ATOM   1159 C CD2 . HIS A 1 157 ? -6.924  0.835   19.170  1.00 64.28 ? 172 HIS A CD2 1 
ATOM   1160 C CE1 . HIS A 1 157 ? -6.844  2.820   20.102  1.00 65.45 ? 172 HIS A CE1 1 
ATOM   1161 N NE2 . HIS A 1 157 ? -6.649  1.532   20.323  1.00 63.92 ? 172 HIS A NE2 1 
ATOM   1162 N N   . ASP A 1 158 ? -9.960  2.523   14.201  1.00 35.92 ? 173 ASP A N   1 
ATOM   1163 C CA  . ASP A 1 158 ? -10.093 2.450   12.752  1.00 33.36 ? 173 ASP A CA  1 
ATOM   1164 C C   . ASP A 1 158 ? -9.569  1.135   12.182  1.00 32.51 ? 173 ASP A C   1 
ATOM   1165 O O   . ASP A 1 158 ? -9.049  1.098   11.066  1.00 28.37 ? 173 ASP A O   1 
ATOM   1166 C CB  . ASP A 1 158 ? -9.338  3.603   12.089  1.00 36.60 ? 173 ASP A CB  1 
ATOM   1167 C CG  . ASP A 1 158 ? -9.699  4.948   12.680  1.00 45.76 ? 173 ASP A CG  1 
ATOM   1168 O OD1 . ASP A 1 158 ? -10.909 5.251   12.754  1.00 41.37 ? 173 ASP A OD1 1 
ATOM   1169 O OD2 . ASP A 1 158 ? -8.775  5.694   13.071  1.00 47.39 ? 173 ASP A OD2 1 
ATOM   1170 N N   . ARG A 1 159 ? -9.676  0.055   12.942  1.00 31.58 ? 174 ARG A N   1 
ATOM   1171 C CA  . ARG A 1 159 ? -9.224  -1.224  12.417  1.00 33.34 ? 174 ARG A CA  1 
ATOM   1172 C C   . ARG A 1 159 ? -10.418 -2.095  12.067  1.00 31.43 ? 174 ARG A C   1 
ATOM   1173 O O   . ARG A 1 159 ? -11.373 -2.205  12.837  1.00 30.91 ? 174 ARG A O   1 
ATOM   1174 C CB  . ARG A 1 159 ? -8.289  -1.937  13.403  1.00 37.50 ? 174 ARG A CB  1 
ATOM   1175 C CG  . ARG A 1 159 ? -8.483  -1.608  14.855  1.00 43.39 ? 174 ARG A CG  1 
ATOM   1176 C CD  . ARG A 1 159 ? -7.190  -1.880  15.604  1.00 47.15 ? 174 ARG A CD  1 
ATOM   1177 N NE  . ARG A 1 159 ? -7.336  -1.705  17.043  1.00 55.79 ? 174 ARG A NE  1 
ATOM   1178 C CZ  . ARG A 1 159 ? -7.982  -2.555  17.833  1.00 51.96 ? 174 ARG A CZ  1 
ATOM   1179 N NH1 . ARG A 1 159 ? -8.539  -3.645  17.323  1.00 57.45 ? 174 ARG A NH1 1 
ATOM   1180 N NH2 . ARG A 1 159 ? -8.071  -2.315  19.134  1.00 54.58 ? 174 ARG A NH2 1 
ATOM   1181 N N   . PRO A 1 160 ? -10.392 -2.711  10.876  1.00 25.44 ? 175 PRO A N   1 
ATOM   1182 C CA  . PRO A 1 160 ? -11.494 -3.576  10.439  1.00 25.14 ? 175 PRO A CA  1 
ATOM   1183 C C   . PRO A 1 160 ? -11.862 -4.620  11.487  1.00 20.50 ? 175 PRO A C   1 
ATOM   1184 O O   . PRO A 1 160 ? -10.984 -5.250  12.073  1.00 22.71 ? 175 PRO A O   1 
ATOM   1185 C CB  . PRO A 1 160 ? -10.948 -4.208  9.162   1.00 23.98 ? 175 PRO A CB  1 
ATOM   1186 C CG  . PRO A 1 160 ? -10.082 -3.107  8.603   1.00 23.38 ? 175 PRO A CG  1 
ATOM   1187 C CD  . PRO A 1 160 ? -9.360  -2.591  9.831   1.00 22.36 ? 175 PRO A CD  1 
ATOM   1188 N N   . VAL A 1 161 ? -13.158 -4.799  11.714  1.00 26.98 ? 176 VAL A N   1 
ATOM   1189 C CA  . VAL A 1 161 ? -13.650 -5.777  12.681  1.00 30.54 ? 176 VAL A CA  1 
ATOM   1190 C C   . VAL A 1 161 ? -13.287 -7.180  12.198  1.00 32.37 ? 176 VAL A C   1 
ATOM   1191 O O   . VAL A 1 161 ? -12.962 -8.063  12.990  1.00 33.95 ? 176 VAL A O   1 
ATOM   1192 C CB  . VAL A 1 161 ? -15.181 -5.656  12.840  1.00 35.35 ? 176 VAL A CB  1 
ATOM   1193 C CG1 . VAL A 1 161 ? -15.696 -6.720  13.782  1.00 39.37 ? 176 VAL A CG1 1 
ATOM   1194 C CG2 . VAL A 1 161 ? -15.530 -4.268  13.362  1.00 37.70 ? 176 VAL A CG2 1 
ATOM   1195 N N   . LYS A 1 162 ? -13.356 -7.371  10.886  1.00 29.59 ? 177 LYS A N   1 
ATOM   1196 C CA  . LYS A 1 162 ? -13.005 -8.641  10.253  1.00 31.87 ? 177 LYS A CA  1 
ATOM   1197 C C   . LYS A 1 162 ? -11.696 -8.337  9.528   1.00 29.40 ? 177 LYS A C   1 
ATOM   1198 O O   . LYS A 1 162 ? -11.571 -7.301  8.879   1.00 29.17 ? 177 LYS A O   1 
ATOM   1199 C CB  . LYS A 1 162 ? -14.064 -9.044  9.226   1.00 40.22 ? 177 LYS A CB  1 
ATOM   1200 C CG  . LYS A 1 162 ? -15.490 -9.108  9.764   1.00 46.84 ? 177 LYS A CG  1 
ATOM   1201 C CD  . LYS A 1 162 ? -15.820 -10.463 10.366  1.00 55.42 ? 177 LYS A CD  1 
ATOM   1202 C CE  . LYS A 1 162 ? -15.916 -11.543 9.296   1.00 62.17 ? 177 LYS A CE  1 
ATOM   1203 N NZ  . LYS A 1 162 ? -16.336 -12.849 9.877   1.00 63.30 ? 177 LYS A NZ  1 
ATOM   1204 N N   . PRO A 1 163 ? -10.700 -9.224  9.636   1.00 27.61 ? 178 PRO A N   1 
ATOM   1205 C CA  . PRO A 1 163 ? -9.437  -8.947  8.948   1.00 24.74 ? 178 PRO A CA  1 
ATOM   1206 C C   . PRO A 1 163 ? -9.605  -8.841  7.434   1.00 20.71 ? 178 PRO A C   1 
ATOM   1207 O O   . PRO A 1 163 ? -10.257 -9.678  6.817   1.00 21.29 ? 178 PRO A O   1 
ATOM   1208 C CB  . PRO A 1 163 ? -8.561  -10.143 9.337   1.00 23.16 ? 178 PRO A CB  1 
ATOM   1209 C CG  . PRO A 1 163 ? -9.122  -10.559 10.688  1.00 24.01 ? 178 PRO A CG  1 
ATOM   1210 C CD  . PRO A 1 163 ? -10.607 -10.442 10.461  1.00 30.40 ? 178 PRO A CD  1 
ATOM   1211 N N   . VAL A 1 164 ? -9.041  -7.792  6.852   1.00 18.80 ? 179 VAL A N   1 
ATOM   1212 C CA  . VAL A 1 164 ? -9.060  -7.613  5.392   1.00 18.20 ? 179 VAL A CA  1 
ATOM   1213 C C   . VAL A 1 164 ? -7.728  -8.172  4.935   1.00 15.81 ? 179 VAL A C   1 
ATOM   1214 O O   . VAL A 1 164 ? -6.697  -7.518  5.065   1.00 18.45 ? 179 VAL A O   1 
ATOM   1215 C CB  . VAL A 1 164 ? -9.189  -6.136  4.989   1.00 23.39 ? 179 VAL A CB  1 
ATOM   1216 C CG1 . VAL A 1 164 ? -9.180  -5.990  3.470   1.00 16.84 ? 179 VAL A CG1 1 
ATOM   1217 C CG2 . VAL A 1 164 ? -10.467 -5.542  5.581   1.00 21.67 ? 179 VAL A CG2 1 
ATOM   1218 N N   . LYS A 1 165 ? -7.751  -9.379  4.383   1.00 15.76 ? 180 LYS A N   1 
ATOM   1219 C CA  . LYS A 1 165 ? -6.512  -10.071 4.036   1.00 18.47 ? 180 LYS A CA  1 
ATOM   1220 C C   . LYS A 1 165 ? -6.096  -10.128 2.569   1.00 17.54 ? 180 LYS A C   1 
ATOM   1221 O O   . LYS A 1 165 ? -6.923  -10.318 1.680   1.00 20.89 ? 180 LYS A O   1 
ATOM   1222 C CB  . LYS A 1 165 ? -6.605  -11.499 4.577   1.00 19.36 ? 180 LYS A CB  1 
ATOM   1223 C CG  . LYS A 1 165 ? -5.384  -12.347 4.337   1.00 28.63 ? 180 LYS A CG  1 
ATOM   1224 C CD  . LYS A 1 165 ? -5.534  -13.676 5.062   1.00 32.01 ? 180 LYS A CD  1 
ATOM   1225 C CE  . LYS A 1 165 ? -4.312  -14.546 4.836   1.00 31.52 ? 180 LYS A CE  1 
ATOM   1226 N NZ  . LYS A 1 165 ? -4.424  -15.859 5.521   1.00 31.27 ? 180 LYS A NZ  1 
ATOM   1227 N N   . ILE A 1 166 ? -4.805  -9.942  2.349   1.00 17.44 ? 181 ILE A N   1 
ATOM   1228 C CA  . ILE A 1 166 ? -4.200  -10.082 1.044   1.00 16.02 ? 181 ILE A CA  1 
ATOM   1229 C C   . ILE A 1 166 ? -3.791  -11.555 1.008   1.00 20.05 ? 181 ILE A C   1 
ATOM   1230 O O   . ILE A 1 166 ? -2.790  -11.951 1.610   1.00 19.31 ? 181 ILE A O   1 
ATOM   1231 C CB  . ILE A 1 166 ? -2.960  -9.183  0.908   1.00 22.80 ? 181 ILE A CB  1 
ATOM   1232 C CG1 . ILE A 1 166 ? -3.393  -7.710  0.929   1.00 20.81 ? 181 ILE A CG1 1 
ATOM   1233 C CG2 . ILE A 1 166 ? -2.207  -9.490  -0.371  1.00 20.70 ? 181 ILE A CG2 1 
ATOM   1234 C CD1 . ILE A 1 166 ? -2.243  -6.731  0.998   1.00 21.26 ? 181 ILE A CD1 1 
ATOM   1235 N N   . VAL A 1 167 ? -4.583  -12.371 0.323   1.00 18.59 ? 182 VAL A N   1 
ATOM   1236 C CA  . VAL A 1 167 ? -4.308  -13.799 0.254   1.00 21.32 ? 182 VAL A CA  1 
ATOM   1237 C C   . VAL A 1 167 ? -3.302  -14.183 -0.826  1.00 21.99 ? 182 VAL A C   1 
ATOM   1238 O O   . VAL A 1 167 ? -2.843  -15.327 -0.882  1.00 21.12 ? 182 VAL A O   1 
ATOM   1239 C CB  . VAL A 1 167 ? -5.614  -14.603 0.061   1.00 19.08 ? 182 VAL A CB  1 
ATOM   1240 C CG1 . VAL A 1 167 ? -6.524  -14.442 1.270   1.00 23.37 ? 182 VAL A CG1 1 
ATOM   1241 C CG2 . VAL A 1 167 ? -6.339  -14.161 -1.201  1.00 21.96 ? 182 VAL A CG2 1 
ATOM   1242 N N   . ALA A 1 168 ? -2.953  -13.226 -1.680  1.00 15.58 ? 183 ALA A N   1 
ATOM   1243 C CA  . ALA A 1 168 ? -1.992  -13.472 -2.740  1.00 21.19 ? 183 ALA A CA  1 
ATOM   1244 C C   . ALA A 1 168 ? -1.491  -12.157 -3.302  1.00 18.85 ? 183 ALA A C   1 
ATOM   1245 O O   . ALA A 1 168 ? -2.234  -11.180 -3.389  1.00 18.39 ? 183 ALA A O   1 
ATOM   1246 C CB  . ALA A 1 168 ? -2.626  -14.300 -3.861  1.00 17.56 ? 183 ALA A CB  1 
ATOM   1247 N N   . SER A 1 169 ? -0.221  -12.134 -3.680  1.00 17.82 ? 184 SER A N   1 
ATOM   1248 C CA  . SER A 1 169 ? 0.360   -10.938 -4.267  1.00 20.38 ? 184 SER A CA  1 
ATOM   1249 C C   . SER A 1 169 ? 1.463   -11.378 -5.204  1.00 18.88 ? 184 SER A C   1 
ATOM   1250 O O   . SER A 1 169 ? 1.979   -12.489 -5.094  1.00 20.66 ? 184 SER A O   1 
ATOM   1251 C CB  . SER A 1 169 ? 0.931   -10.008 -3.189  1.00 20.01 ? 184 SER A CB  1 
ATOM   1252 O OG  . SER A 1 169 ? 2.011   -10.615 -2.504  1.00 30.32 ? 184 SER A OG  1 
ATOM   1253 N N   . GLY A 1 170 ? 1.814   -10.512 -6.140  1.00 19.78 ? 185 GLY A N   1 
ATOM   1254 C CA  . GLY A 1 170 ? 2.863   -10.860 -7.071  1.00 22.18 ? 185 GLY A CA  1 
ATOM   1255 C C   . GLY A 1 170 ? 2.945   -9.845  -8.178  1.00 23.18 ? 185 GLY A C   1 
ATOM   1256 O O   . GLY A 1 170 ? 2.325   -8.781  -8.120  1.00 25.36 ? 185 GLY A O   1 
ATOM   1257 N N   . GLU A 1 171 ? 3.715   -10.183 -9.199  1.00 23.57 ? 186 GLU A N   1 
ATOM   1258 C CA  . GLU A 1 171 ? 3.897   -9.308  -10.334 1.00 23.49 ? 186 GLU A CA  1 
ATOM   1259 C C   . GLU A 1 171 ? 3.084   -9.846  -11.503 1.00 30.60 ? 186 GLU A C   1 
ATOM   1260 O O   . GLU A 1 171 ? 2.935   -11.057 -11.663 1.00 30.85 ? 186 GLU A O   1 
ATOM   1261 C CB  . GLU A 1 171 ? 5.384   -9.242  -10.679 1.00 28.33 ? 186 GLU A CB  1 
ATOM   1262 C CG  . GLU A 1 171 ? 5.721   -8.459  -11.926 1.00 33.34 ? 186 GLU A CG  1 
ATOM   1263 C CD  . GLU A 1 171 ? 7.156   -7.960  -11.909 1.00 36.08 ? 186 GLU A CD  1 
ATOM   1264 O OE1 . GLU A 1 171 ? 8.011   -8.617  -11.277 1.00 34.50 ? 186 GLU A OE1 1 
ATOM   1265 O OE2 . GLU A 1 171 ? 7.432   -6.916  -12.538 1.00 41.04 ? 186 GLU A OE2 1 
ATOM   1266 N N   . LEU A 1 172 ? 2.549   -8.933  -12.305 1.00 26.94 ? 187 LEU A N   1 
ATOM   1267 C CA  . LEU A 1 172 ? 1.747   -9.285  -13.466 1.00 29.03 ? 187 LEU A CA  1 
ATOM   1268 C C   . LEU A 1 172 ? 2.571   -8.993  -14.719 1.00 36.70 ? 187 LEU A C   1 
ATOM   1269 O O   . LEU A 1 172 ? 2.684   -9.849  -15.611 1.00 47.08 ? 187 LEU A O   1 
ATOM   1270 C CB  . LEU A 1 172 ? 0.477   -8.440  -13.473 1.00 28.83 ? 187 LEU A CB  1 
ATOM   1271 C CG  . LEU A 1 172 ? -0.885  -9.106  -13.286 1.00 36.29 ? 187 LEU A CG  1 
ATOM   1272 C CD1 . LEU A 1 172 ? -0.784  -10.311 -12.368 1.00 40.26 ? 187 LEU A CD1 1 
ATOM   1273 C CD2 . LEU A 1 172 ? -1.862  -8.068  -12.741 1.00 39.26 ? 187 LEU A CD2 1 
ATOM   1274 O OXT . LEU A 1 172 ? 3.100   -7.865  -14.797 1.00 28.51 ? 187 LEU A OXT 1 
HETATM 1275 O O   . HOH B 2 .   ? 8.852   18.180  0.566   1.00 17.63 ? 188 HOH A O   1 
HETATM 1276 O O   . HOH B 2 .   ? -0.373  -7.002  8.002   1.00 17.91 ? 189 HOH A O   1 
HETATM 1277 O O   . HOH B 2 .   ? -0.674  -4.190  7.859   1.00 16.80 ? 190 HOH A O   1 
HETATM 1278 O O   . HOH B 2 .   ? -7.566  -5.797  -11.093 1.00 25.48 ? 191 HOH A O   1 
HETATM 1279 O O   . HOH B 2 .   ? -10.484 -12.153 -4.057  1.00 21.35 ? 192 HOH A O   1 
HETATM 1280 O O   . HOH B 2 .   ? -7.804  -5.898  8.608   1.00 17.95 ? 193 HOH A O   1 
HETATM 1281 O O   . HOH B 2 .   ? 6.738   2.642   5.281   1.00 22.87 ? 194 HOH A O   1 
HETATM 1282 O O   . HOH B 2 .   ? 4.702   -11.654 -0.626  1.00 20.76 ? 195 HOH A O   1 
HETATM 1283 O O   . HOH B 2 .   ? 10.493  -10.280 -0.739  1.00 24.43 ? 196 HOH A O   1 
HETATM 1284 O O   . HOH B 2 .   ? 9.080   12.521  4.236   1.00 27.12 ? 197 HOH A O   1 
HETATM 1285 O O   . HOH B 2 .   ? 10.181  8.638   4.941   1.00 23.51 ? 198 HOH A O   1 
HETATM 1286 O O   . HOH B 2 .   ? -4.228  -4.505  13.741  1.00 29.88 ? 199 HOH A O   1 
HETATM 1287 O O   . HOH B 2 .   ? -0.890  -5.406  3.998   1.00 20.36 ? 200 HOH A O   1 
HETATM 1288 O O   . HOH B 2 .   ? 5.532   12.032  -3.851  1.00 28.22 ? 201 HOH A O   1 
HETATM 1289 O O   . HOH B 2 .   ? 3.743   13.916  -1.974  1.00 27.71 ? 202 HOH A O   1 
HETATM 1290 O O   . HOH B 2 .   ? -17.355 -10.550 -3.542  1.00 32.66 ? 203 HOH A O   1 
HETATM 1291 O O   . HOH B 2 .   ? 8.137   0.823   -1.264  1.00 27.13 ? 204 HOH A O   1 
HETATM 1292 O O   . HOH B 2 .   ? 7.747   6.212   -13.516 1.00 29.89 ? 205 HOH A O   1 
HETATM 1293 O O   . HOH B 2 .   ? 3.899   -13.685 -2.680  1.00 33.02 ? 206 HOH A O   1 
HETATM 1294 O O   . HOH B 2 .   ? 11.412  6.829   -1.147  1.00 24.76 ? 207 HOH A O   1 
HETATM 1295 O O   . HOH B 2 .   ? -5.349  11.318  -2.596  1.00 29.48 ? 208 HOH A O   1 
HETATM 1296 O O   . HOH B 2 .   ? 3.228   -4.911  18.185  1.00 29.74 ? 209 HOH A O   1 
HETATM 1297 O O   . HOH B 2 .   ? -3.075  -15.126 -7.209  1.00 20.86 ? 210 HOH A O   1 
HETATM 1298 O O   . HOH B 2 .   ? -3.003  -17.198 1.193   1.00 32.24 ? 211 HOH A O   1 
HETATM 1299 O O   . HOH B 2 .   ? 5.892   12.242  7.530   1.00 41.75 ? 212 HOH A O   1 
HETATM 1300 O O   . HOH B 2 .   ? 11.797  15.382  -4.238  1.00 39.11 ? 213 HOH A O   1 
HETATM 1301 O O   . HOH B 2 .   ? 7.523   8.495   2.368   1.00 28.92 ? 214 HOH A O   1 
HETATM 1302 O O   . HOH B 2 .   ? 18.207  5.002   1.601   1.00 35.94 ? 215 HOH A O   1 
HETATM 1303 O O   . HOH B 2 .   ? -10.858 -12.243 7.457   1.00 30.72 ? 216 HOH A O   1 
HETATM 1304 O O   . HOH B 2 .   ? -16.074 -4.646  -5.758  1.00 34.46 ? 217 HOH A O   1 
HETATM 1305 O O   . HOH B 2 .   ? -15.820 -6.890  -4.404  1.00 30.19 ? 218 HOH A O   1 
HETATM 1306 O O   . HOH B 2 .   ? -1.180  2.435   11.492  1.00 37.70 ? 219 HOH A O   1 
HETATM 1307 O O   . HOH B 2 .   ? -8.428  -5.837  11.349  1.00 32.11 ? 220 HOH A O   1 
HETATM 1308 O O   . HOH B 2 .   ? 7.236   -0.301  7.628   1.00 32.03 ? 221 HOH A O   1 
HETATM 1309 O O   . HOH B 2 .   ? -12.782 -5.324  -10.351 1.00 36.94 ? 222 HOH A O   1 
HETATM 1310 O O   . HOH B 2 .   ? 13.892  10.906  10.580  1.00 41.03 ? 223 HOH A O   1 
HETATM 1311 O O   . HOH B 2 .   ? -3.528  -5.121  -16.834 1.00 42.81 ? 224 HOH A O   1 
HETATM 1312 O O   . HOH B 2 .   ? 2.196   15.456  -9.245  1.00 40.32 ? 225 HOH A O   1 
HETATM 1313 O O   . HOH B 2 .   ? -10.287 0.433   -11.379 1.00 45.00 ? 226 HOH A O   1 
HETATM 1314 O O   . HOH B 2 .   ? 5.322   -6.181  -14.161 1.00 37.91 ? 227 HOH A O   1 
HETATM 1315 O O   . HOH B 2 .   ? -14.650 -5.636  9.069   1.00 45.97 ? 228 HOH A O   1 
HETATM 1316 O O   . HOH B 2 .   ? 7.583   10.164  -6.650  1.00 47.26 ? 229 HOH A O   1 
HETATM 1317 O O   . HOH B 2 .   ? 0.928   -14.988 -3.806  1.00 40.12 ? 230 HOH A O   1 
HETATM 1318 O O   . HOH B 2 .   ? -12.585 3.949   10.658  1.00 45.54 ? 231 HOH A O   1 
HETATM 1319 O O   . HOH B 2 .   ? -5.307  -7.497  -13.711 1.00 40.06 ? 232 HOH A O   1 
HETATM 1320 O O   . HOH B 2 .   ? -10.345 15.399  1.202   1.00 47.25 ? 233 HOH A O   1 
HETATM 1321 O O   . HOH B 2 .   ? 2.945   -11.607 5.367   1.00 33.95 ? 234 HOH A O   1 
HETATM 1322 O O   . HOH B 2 .   ? 16.787  7.254   -6.210  1.00 44.25 ? 235 HOH A O   1 
HETATM 1323 O O   . HOH B 2 .   ? -2.592  -12.722 8.127   1.00 32.11 ? 236 HOH A O   1 
HETATM 1324 O O   . HOH B 2 .   ? -15.213 1.924   7.054   1.00 31.28 ? 237 HOH A O   1 
HETATM 1325 O O   . HOH B 2 .   ? -16.306 6.463   1.706   1.00 40.92 ? 238 HOH A O   1 
HETATM 1326 O O   . HOH B 2 .   ? 4.348   -13.349 3.423   1.00 43.18 ? 239 HOH A O   1 
HETATM 1327 O O   . HOH B 2 .   ? 0.080   -12.032 -16.094 1.00 43.13 ? 240 HOH A O   1 
HETATM 1328 O O   . HOH B 2 .   ? 7.308   9.902   -15.389 1.00 52.33 ? 241 HOH A O   1 
HETATM 1329 O O   . HOH B 2 .   ? 8.292   13.369  6.642   1.00 32.26 ? 242 HOH A O   1 
HETATM 1330 O O   . HOH B 2 .   ? 4.815   -12.676 -8.903  1.00 35.41 ? 243 HOH A O   1 
HETATM 1331 O O   . HOH B 2 .   ? -11.875 -5.399  -12.784 1.00 43.54 ? 244 HOH A O   1 
HETATM 1332 O O   . HOH B 2 .   ? 6.090   -12.024 5.310   1.00 34.49 ? 245 HOH A O   1 
HETATM 1333 O O   . HOH B 2 .   ? -19.375 -4.899  1.084   1.00 48.36 ? 246 HOH A O   1 
HETATM 1334 O O   . HOH B 2 .   ? -0.453  14.966  -14.759 1.00 47.05 ? 247 HOH A O   1 
HETATM 1335 O O   . HOH B 2 .   ? -9.432  -7.721  13.559  1.00 47.12 ? 248 HOH A O   1 
HETATM 1336 O O   . HOH B 2 .   ? -17.139 -3.795  2.578   1.00 48.41 ? 249 HOH A O   1 
HETATM 1337 O O   . HOH B 2 .   ? 7.743   -14.680 5.133   1.00 45.82 ? 250 HOH A O   1 
HETATM 1338 O O   . HOH B 2 .   ? 8.550   1.183   15.002  1.00 55.01 ? 251 HOH A O   1 
HETATM 1339 O O   . HOH B 2 .   ? 16.146  12.285  0.014   1.00 45.06 ? 252 HOH A O   1 
HETATM 1340 O O   . HOH B 2 .   ? -4.517  -15.864 8.469   1.00 36.37 ? 253 HOH A O   1 
HETATM 1341 O O   . HOH B 2 .   ? 0.711   -14.690 -17.282 1.00 48.46 ? 254 HOH A O   1 
HETATM 1342 O O   . HOH B 2 .   ? 12.740  17.694  -3.026  1.00 48.83 ? 255 HOH A O   1 
HETATM 1343 O O   . HOH B 2 .   ? 5.907   -13.489 1.296   1.00 39.93 ? 256 HOH A O   1 
HETATM 1344 O O   . HOH B 2 .   ? 2.636   7.775   7.867   1.00 45.46 ? 257 HOH A O   1 
HETATM 1345 O O   . HOH B 2 .   ? -5.968  -10.281 -13.699 1.00 43.23 ? 258 HOH A O   1 
HETATM 1346 O O   . HOH B 2 .   ? 10.392  -0.494  -13.009 1.00 48.55 ? 259 HOH A O   1 
HETATM 1347 O O   . HOH B 2 .   ? 11.165  -1.126  -9.989  1.00 43.48 ? 260 HOH A O   1 
HETATM 1348 O O   . HOH B 2 .   ? 9.058   -7.194  14.607  1.00 50.65 ? 261 HOH A O   1 
HETATM 1349 O O   . HOH B 2 .   ? -2.841  -17.808 -2.653  1.00 47.23 ? 262 HOH A O   1 
HETATM 1350 O O   . HOH B 2 .   ? -16.077 3.624   -0.584  1.00 32.85 ? 263 HOH A O   1 
HETATM 1351 O O   . HOH B 2 .   ? -11.522 4.287   17.617  1.00 59.45 ? 264 HOH A O   1 
HETATM 1352 O O   . HOH B 2 .   ? 12.299  8.813   -18.160 1.00 56.89 ? 265 HOH A O   1 
HETATM 1353 O O   . HOH B 2 .   ? 4.975   -6.778  -17.009 1.00 60.95 ? 266 HOH A O   1 
HETATM 1354 O O   . HOH B 2 .   ? -1.521  -19.596 0.253   1.00 48.85 ? 267 HOH A O   1 
HETATM 1355 O O   . HOH B 2 .   ? 9.851   -5.607  -13.382 1.00 47.28 ? 268 HOH A O   1 
HETATM 1356 O O   . HOH B 2 .   ? -4.355  -8.609  -15.949 1.00 55.08 ? 269 HOH A O   1 
HETATM 1357 O O   . HOH B 2 .   ? 0.025   13.407  -9.581  1.00 54.21 ? 270 HOH A O   1 
HETATM 1358 O O   . HOH B 2 .   ? 19.154  2.112   2.457   1.00 53.10 ? 271 HOH A O   1 
HETATM 1359 O O   . HOH B 2 .   ? 4.644   10.474  9.398   1.00 43.21 ? 272 HOH A O   1 
HETATM 1360 O O   . HOH B 2 .   ? -3.870  -0.991  14.003  1.00 53.21 ? 273 HOH A O   1 
HETATM 1361 O O   . HOH B 2 .   ? 15.301  12.882  -5.213  1.00 46.22 ? 274 HOH A O   1 
HETATM 1362 O O   . HOH B 2 .   ? -6.504  -3.957  12.225  1.00 39.31 ? 275 HOH A O   1 
HETATM 1363 O O   . HOH B 2 .   ? -14.482 -18.778 0.955   1.00 52.73 ? 276 HOH A O   1 
HETATM 1364 O O   . HOH B 2 .   ? -18.242 -4.639  7.269   1.00 44.77 ? 277 HOH A O   1 
HETATM 1365 O O   . HOH B 2 .   ? -16.845 -5.718  4.658   1.00 44.92 ? 278 HOH A O   1 
HETATM 1366 O O   . HOH B 2 .   ? 8.387   -11.057 -11.519 1.00 52.11 ? 279 HOH A O   1 
HETATM 1367 O O   . HOH B 2 .   ? -3.145  15.855  -3.442  1.00 49.65 ? 280 HOH A O   1 
HETATM 1368 O O   . HOH B 2 .   ? -3.741  15.652  -7.644  1.00 42.86 ? 281 HOH A O   1 
HETATM 1369 O O   . HOH B 2 .   ? 17.006  1.570   9.582   1.00 48.73 ? 282 HOH A O   1 
HETATM 1370 O O   . HOH B 2 .   ? -9.958  -5.081  15.307  1.00 49.61 ? 283 HOH A O   1 
HETATM 1371 O O   . HOH B 2 .   ? 5.011   -3.158  19.213  1.00 57.24 ? 284 HOH A O   1 
HETATM 1372 O O   . HOH B 2 .   ? 19.014  -6.228  -0.713  1.00 57.83 ? 285 HOH A O   1 
HETATM 1373 O O   . HOH B 2 .   ? -10.900 8.189   12.134  1.00 51.71 ? 286 HOH A O   1 
HETATM 1374 O O   . HOH B 2 .   ? -17.346 -6.837  8.808   1.00 61.45 ? 287 HOH A O   1 
HETATM 1375 O O   . HOH B 2 .   ? -17.169 -11.296 4.720   1.00 51.83 ? 288 HOH A O   1 
HETATM 1376 O O   . HOH B 2 .   ? -8.774  -8.344  -12.653 1.00 60.71 ? 289 HOH A O   1 
# 
loop_
_pdbx_poly_seq_scheme.asym_id 
_pdbx_poly_seq_scheme.entity_id 
_pdbx_poly_seq_scheme.seq_id 
_pdbx_poly_seq_scheme.mon_id 
_pdbx_poly_seq_scheme.ndb_seq_num 
_pdbx_poly_seq_scheme.pdb_seq_num 
_pdbx_poly_seq_scheme.auth_seq_num 
_pdbx_poly_seq_scheme.pdb_mon_id 
_pdbx_poly_seq_scheme.auth_mon_id 
_pdbx_poly_seq_scheme.pdb_strand_id 
_pdbx_poly_seq_scheme.pdb_ins_code 
_pdbx_poly_seq_scheme.hetero 
A 1 1   HIS 1   16  ?   ?   ?   A . n 
A 1 2   HIS 2   17  ?   ?   ?   A . n 
A 1 3   HIS 3   18  ?   ?   ?   A . n 
A 1 4   HIS 4   19  ?   ?   ?   A . n 
A 1 5   HIS 5   20  ?   ?   ?   A . n 
A 1 6   HIS 6   21  ?   ?   ?   A . n 
A 1 7   GLU 7   22  22  GLU GLU A . n 
A 1 8   PRO 8   23  23  PRO PRO A . n 
A 1 9   GLU 9   24  24  GLU GLU A . n 
A 1 10  VAL 10  25  25  VAL VAL A . n 
A 1 11  THR 11  26  26  THR THR A . n 
A 1 12  ALA 12  27  27  ALA ALA A . n 
A 1 13  LYS 13  28  28  LYS LYS A . n 
A 1 14  VAL 14  29  29  VAL VAL A . n 
A 1 15  TYR 15  30  30  TYR TYR A . n 
A 1 16  PHE 16  31  31  PHE PHE A . n 
A 1 17  ASP 17  32  32  ASP ASP A . n 
A 1 18  VAL 18  33  33  VAL VAL A . n 
A 1 19  MET 19  34  34  MET MET A . n 
A 1 20  ILE 20  35  35  ILE ILE A . n 
A 1 21  ASP 21  36  36  ASP ASP A . n 
A 1 22  SER 22  37  37  SER SER A . n 
A 1 23  GLU 23  38  38  GLU GLU A . n 
A 1 24  PRO 24  39  39  PRO PRO A . n 
A 1 25  LEU 25  40  40  LEU LEU A . n 
A 1 26  GLY 26  41  41  GLY GLY A . n 
A 1 27  ARG 27  42  42  ARG ARG A . n 
A 1 28  ILE 28  43  43  ILE ILE A . n 
A 1 29  THR 29  44  44  THR THR A . n 
A 1 30  ILE 30  45  45  ILE ILE A . n 
A 1 31  GLY 31  46  46  GLY GLY A . n 
A 1 32  LEU 32  47  47  LEU LEU A . n 
A 1 33  PHE 33  48  48  PHE PHE A . n 
A 1 34  GLY 34  49  49  GLY GLY A . n 
A 1 35  LYS 35  50  50  LYS LYS A . n 
A 1 36  ASP 36  51  51  ASP ASP A . n 
A 1 37  ALA 37  52  52  ALA ALA A . n 
A 1 38  PRO 38  53  53  PRO PRO A . n 
A 1 39  LEU 39  54  54  LEU LEU A . n 
A 1 40  THR 40  55  55  THR THR A . n 
A 1 41  THR 41  56  56  THR THR A . n 
A 1 42  GLU 42  57  57  GLU GLU A . n 
A 1 43  ASN 43  58  58  ASN ASN A . n 
A 1 44  PHE 44  59  59  PHE PHE A . n 
A 1 45  ARG 45  60  60  ARG ARG A . n 
A 1 46  GLN 46  61  61  GLN GLN A . n 
A 1 47  LEU 47  62  62  LEU LEU A . n 
A 1 48  CYS 48  63  63  CYS CYS A . n 
A 1 49  THR 49  64  64  THR THR A . n 
A 1 50  GLY 50  65  65  GLY GLY A . n 
A 1 51  GLU 51  66  66  GLU GLU A . n 
A 1 52  HIS 52  67  67  HIS HIS A . n 
A 1 53  GLY 53  68  68  GLY GLY A . n 
A 1 54  PHE 54  69  69  PHE PHE A . n 
A 1 55  GLY 55  70  70  GLY GLY A . n 
A 1 56  TYR 56  71  71  TYR TYR A . n 
A 1 57  LYS 57  72  72  LYS LYS A . n 
A 1 58  ASP 58  73  73  ASP ASP A . n 
A 1 59  SER 59  74  74  SER SER A . n 
A 1 60  ILE 60  75  75  ILE ILE A . n 
A 1 61  PHE 61  76  76  PHE PHE A . n 
A 1 62  HIS 62  77  77  HIS HIS A . n 
A 1 63  ARG 63  78  78  ARG ARG A . n 
A 1 64  VAL 64  79  79  VAL VAL A . n 
A 1 65  ILE 65  80  80  ILE ILE A . n 
A 1 66  GLN 66  81  81  GLN GLN A . n 
A 1 67  ASN 67  82  82  ASN ASN A . n 
A 1 68  PHE 68  83  83  PHE PHE A . n 
A 1 69  MET 69  84  84  MET MET A . n 
A 1 70  ILE 70  85  85  ILE ILE A . n 
A 1 71  GLN 71  86  86  GLN GLN A . n 
A 1 72  GLY 72  87  87  GLY GLY A . n 
A 1 73  GLY 73  88  88  GLY GLY A . n 
A 1 74  ASP 74  89  89  ASP ASP A . n 
A 1 75  PHE 75  90  90  PHE PHE A . n 
A 1 76  THR 76  91  91  THR THR A . n 
A 1 77  ASN 77  92  92  ASN ASN A . n 
A 1 78  PHE 78  93  93  PHE PHE A . n 
A 1 79  ASP 79  94  94  ASP ASP A . n 
A 1 80  GLY 80  95  95  GLY GLY A . n 
A 1 81  THR 81  96  96  THR THR A . n 
A 1 82  GLY 82  97  97  GLY GLY A . n 
A 1 83  GLY 83  98  98  GLY GLY A . n 
A 1 84  LYS 84  99  99  LYS LYS A . n 
A 1 85  SER 85  100 100 SER SER A . n 
A 1 86  ILE 86  101 101 ILE ILE A . n 
A 1 87  TYR 87  102 102 TYR TYR A . n 
A 1 88  GLY 88  103 103 GLY GLY A . n 
A 1 89  GLU 89  104 104 GLU GLU A . n 
A 1 90  LYS 90  105 105 LYS LYS A . n 
A 1 91  PHE 91  106 106 PHE PHE A . n 
A 1 92  ALA 92  107 107 ALA ALA A . n 
A 1 93  ASP 93  108 108 ASP ASP A . n 
A 1 94  GLU 94  109 109 GLU GLU A . n 
A 1 95  ASN 95  110 110 ASN ASN A . n 
A 1 96  LEU 96  111 111 LEU LEU A . n 
A 1 97  ASN 97  112 112 ASN ASN A . n 
A 1 98  VAL 98  113 113 VAL VAL A . n 
A 1 99  LYS 99  114 114 LYS LYS A . n 
A 1 100 HIS 100 115 115 HIS HIS A . n 
A 1 101 PHE 101 116 116 PHE PHE A . n 
A 1 102 VAL 102 117 117 VAL VAL A . n 
A 1 103 GLY 103 118 118 GLY GLY A . n 
A 1 104 ALA 104 119 119 ALA ALA A . n 
A 1 105 LEU 105 120 120 LEU LEU A . n 
A 1 106 SER 106 121 121 SER SER A . n 
A 1 107 MET 107 122 122 MET MET A . n 
A 1 108 ALA 108 123 123 ALA ALA A . n 
A 1 109 ASN 109 124 124 ASN ASN A . n 
A 1 110 ALA 110 125 125 ALA ALA A . n 
A 1 111 GLY 111 126 126 GLY GLY A . n 
A 1 112 PRO 112 127 127 PRO PRO A . n 
A 1 113 ASN 113 128 128 ASN ASN A . n 
A 1 114 THR 114 129 129 THR THR A . n 
A 1 115 ASN 115 130 130 ASN ASN A . n 
A 1 116 GLY 116 131 131 GLY GLY A . n 
A 1 117 SER 117 132 132 SER SER A . n 
A 1 118 GLN 118 133 133 GLN GLN A . n 
A 1 119 PHE 119 134 134 PHE PHE A . n 
A 1 120 PHE 120 135 135 PHE PHE A . n 
A 1 121 ILE 121 136 136 ILE ILE A . n 
A 1 122 THR 122 137 137 THR THR A . n 
A 1 123 THR 123 138 138 THR THR A . n 
A 1 124 ALA 124 139 139 ALA ALA A . n 
A 1 125 PRO 125 140 140 PRO PRO A . n 
A 1 126 THR 126 141 141 THR THR A . n 
A 1 127 PRO 127 142 142 PRO PRO A . n 
A 1 128 TRP 128 143 143 TRP TRP A . n 
A 1 129 LEU 129 144 144 LEU LEU A . n 
A 1 130 ASP 130 145 145 ASP ASP A . n 
A 1 131 GLY 131 146 146 GLY GLY A . n 
A 1 132 ARG 132 147 147 ARG ARG A . n 
A 1 133 HIS 133 148 148 HIS HIS A . n 
A 1 134 VAL 134 149 149 VAL VAL A . n 
A 1 135 VAL 135 150 150 VAL VAL A . n 
A 1 136 PHE 136 151 151 PHE PHE A . n 
A 1 137 GLY 137 152 152 GLY GLY A . n 
A 1 138 LYS 138 153 153 LYS LYS A . n 
A 1 139 VAL 139 154 154 VAL VAL A . n 
A 1 140 LEU 140 155 155 LEU LEU A . n 
A 1 141 ASP 141 156 156 ASP ASP A . n 
A 1 142 GLY 142 157 157 GLY GLY A . n 
A 1 143 MET 143 158 158 MET MET A . n 
A 1 144 ASP 144 159 159 ASP ASP A . n 
A 1 145 VAL 145 160 160 VAL VAL A . n 
A 1 146 VAL 146 161 161 VAL VAL A . n 
A 1 147 LEU 147 162 162 LEU LEU A . n 
A 1 148 ARG 148 163 163 ARG ARG A . n 
A 1 149 ILE 149 164 164 ILE ILE A . n 
A 1 150 GLU 150 165 165 GLU GLU A . n 
A 1 151 LYS 151 166 166 LYS LYS A . n 
A 1 152 THR 152 167 167 THR THR A . n 
A 1 153 LYS 153 168 168 LYS LYS A . n 
A 1 154 THR 154 169 169 THR THR A . n 
A 1 155 ASN 155 170 170 ASN ASN A . n 
A 1 156 SER 156 171 171 SER SER A . n 
A 1 157 HIS 157 172 172 HIS HIS A . n 
A 1 158 ASP 158 173 173 ASP ASP A . n 
A 1 159 ARG 159 174 174 ARG ARG A . n 
A 1 160 PRO 160 175 175 PRO PRO A . n 
A 1 161 VAL 161 176 176 VAL VAL A . n 
A 1 162 LYS 162 177 177 LYS LYS A . n 
A 1 163 PRO 163 178 178 PRO PRO A . n 
A 1 164 VAL 164 179 179 VAL VAL A . n 
A 1 165 LYS 165 180 180 LYS LYS A . n 
A 1 166 ILE 166 181 181 ILE ILE A . n 
A 1 167 VAL 167 182 182 VAL VAL A . n 
A 1 168 ALA 168 183 183 ALA ALA A . n 
A 1 169 SER 169 184 184 SER SER A . n 
A 1 170 GLY 170 185 185 GLY GLY A . n 
A 1 171 GLU 171 186 186 GLU GLU A . n 
A 1 172 LEU 172 187 187 LEU LEU A . n 
# 
loop_
_pdbx_nonpoly_scheme.asym_id 
_pdbx_nonpoly_scheme.entity_id 
_pdbx_nonpoly_scheme.mon_id 
_pdbx_nonpoly_scheme.ndb_seq_num 
_pdbx_nonpoly_scheme.pdb_seq_num 
_pdbx_nonpoly_scheme.auth_seq_num 
_pdbx_nonpoly_scheme.pdb_mon_id 
_pdbx_nonpoly_scheme.auth_mon_id 
_pdbx_nonpoly_scheme.pdb_strand_id 
_pdbx_nonpoly_scheme.pdb_ins_code 
B 2 HOH 1   188 1   HOH HOH A . 
B 2 HOH 2   189 2   HOH HOH A . 
B 2 HOH 3   190 3   HOH HOH A . 
B 2 HOH 4   191 4   HOH HOH A . 
B 2 HOH 5   192 5   HOH HOH A . 
B 2 HOH 6   193 6   HOH HOH A . 
B 2 HOH 7   194 7   HOH HOH A . 
B 2 HOH 8   195 8   HOH HOH A . 
B 2 HOH 9   196 9   HOH HOH A . 
B 2 HOH 10  197 10  HOH HOH A . 
B 2 HOH 11  198 11  HOH HOH A . 
B 2 HOH 12  199 12  HOH HOH A . 
B 2 HOH 13  200 13  HOH HOH A . 
B 2 HOH 14  201 14  HOH HOH A . 
B 2 HOH 15  202 15  HOH HOH A . 
B 2 HOH 16  203 16  HOH HOH A . 
B 2 HOH 17  204 17  HOH HOH A . 
B 2 HOH 18  205 18  HOH HOH A . 
B 2 HOH 19  206 19  HOH HOH A . 
B 2 HOH 20  207 20  HOH HOH A . 
B 2 HOH 21  208 21  HOH HOH A . 
B 2 HOH 22  209 22  HOH HOH A . 
B 2 HOH 23  210 23  HOH HOH A . 
B 2 HOH 24  211 24  HOH HOH A . 
B 2 HOH 25  212 25  HOH HOH A . 
B 2 HOH 26  213 26  HOH HOH A . 
B 2 HOH 27  214 27  HOH HOH A . 
B 2 HOH 28  215 28  HOH HOH A . 
B 2 HOH 29  216 29  HOH HOH A . 
B 2 HOH 30  217 30  HOH HOH A . 
B 2 HOH 31  218 31  HOH HOH A . 
B 2 HOH 32  219 32  HOH HOH A . 
B 2 HOH 33  220 33  HOH HOH A . 
B 2 HOH 34  221 34  HOH HOH A . 
B 2 HOH 35  222 35  HOH HOH A . 
B 2 HOH 36  223 36  HOH HOH A . 
B 2 HOH 37  224 37  HOH HOH A . 
B 2 HOH 38  225 38  HOH HOH A . 
B 2 HOH 39  226 39  HOH HOH A . 
B 2 HOH 40  227 40  HOH HOH A . 
B 2 HOH 41  228 41  HOH HOH A . 
B 2 HOH 42  229 42  HOH HOH A . 
B 2 HOH 43  230 43  HOH HOH A . 
B 2 HOH 44  231 44  HOH HOH A . 
B 2 HOH 45  232 45  HOH HOH A . 
B 2 HOH 46  233 46  HOH HOH A . 
B 2 HOH 47  234 47  HOH HOH A . 
B 2 HOH 48  235 48  HOH HOH A . 
B 2 HOH 49  236 49  HOH HOH A . 
B 2 HOH 50  237 50  HOH HOH A . 
B 2 HOH 51  238 51  HOH HOH A . 
B 2 HOH 52  239 52  HOH HOH A . 
B 2 HOH 53  240 53  HOH HOH A . 
B 2 HOH 54  241 54  HOH HOH A . 
B 2 HOH 55  242 55  HOH HOH A . 
B 2 HOH 56  243 56  HOH HOH A . 
B 2 HOH 57  244 57  HOH HOH A . 
B 2 HOH 58  245 58  HOH HOH A . 
B 2 HOH 59  246 59  HOH HOH A . 
B 2 HOH 60  247 60  HOH HOH A . 
B 2 HOH 61  248 61  HOH HOH A . 
B 2 HOH 62  249 62  HOH HOH A . 
B 2 HOH 63  250 63  HOH HOH A . 
B 2 HOH 64  251 64  HOH HOH A . 
B 2 HOH 65  252 65  HOH HOH A . 
B 2 HOH 66  253 66  HOH HOH A . 
B 2 HOH 67  254 67  HOH HOH A . 
B 2 HOH 68  255 68  HOH HOH A . 
B 2 HOH 69  256 69  HOH HOH A . 
B 2 HOH 70  257 70  HOH HOH A . 
B 2 HOH 71  258 71  HOH HOH A . 
B 2 HOH 72  259 72  HOH HOH A . 
B 2 HOH 73  260 73  HOH HOH A . 
B 2 HOH 74  261 74  HOH HOH A . 
B 2 HOH 75  262 75  HOH HOH A . 
B 2 HOH 76  263 76  HOH HOH A . 
B 2 HOH 77  264 77  HOH HOH A . 
B 2 HOH 78  265 78  HOH HOH A . 
B 2 HOH 79  266 79  HOH HOH A . 
B 2 HOH 80  267 80  HOH HOH A . 
B 2 HOH 81  268 81  HOH HOH A . 
B 2 HOH 82  269 82  HOH HOH A . 
B 2 HOH 83  270 83  HOH HOH A . 
B 2 HOH 84  271 84  HOH HOH A . 
B 2 HOH 85  272 85  HOH HOH A . 
B 2 HOH 86  273 86  HOH HOH A . 
B 2 HOH 87  274 87  HOH HOH A . 
B 2 HOH 88  275 88  HOH HOH A . 
B 2 HOH 89  276 89  HOH HOH A . 
B 2 HOH 90  277 90  HOH HOH A . 
B 2 HOH 91  278 91  HOH HOH A . 
B 2 HOH 92  279 92  HOH HOH A . 
B 2 HOH 93  280 93  HOH HOH A . 
B 2 HOH 94  281 94  HOH HOH A . 
B 2 HOH 95  282 95  HOH HOH A . 
B 2 HOH 96  283 96  HOH HOH A . 
B 2 HOH 97  284 97  HOH HOH A . 
B 2 HOH 98  285 98  HOH HOH A . 
B 2 HOH 99  286 99  HOH HOH A . 
B 2 HOH 100 287 100 HOH HOH A . 
B 2 HOH 101 288 101 HOH HOH A . 
B 2 HOH 102 289 102 HOH HOH A . 
# 
_pdbx_struct_assembly.id                   1 
_pdbx_struct_assembly.details              author_defined_assembly 
_pdbx_struct_assembly.method_details       ? 
_pdbx_struct_assembly.oligomeric_details   monomeric 
_pdbx_struct_assembly.oligomeric_count     1 
# 
_pdbx_struct_assembly_gen.assembly_id       1 
_pdbx_struct_assembly_gen.oper_expression   1 
_pdbx_struct_assembly_gen.asym_id_list      A,B 
# 
_pdbx_struct_oper_list.id                   1 
_pdbx_struct_oper_list.type                 'identity operation' 
_pdbx_struct_oper_list.name                 1_555 
_pdbx_struct_oper_list.symmetry_operation   x,y,z 
_pdbx_struct_oper_list.matrix[1][1]         1.0000000000 
_pdbx_struct_oper_list.matrix[1][2]         0.0000000000 
_pdbx_struct_oper_list.matrix[1][3]         0.0000000000 
_pdbx_struct_oper_list.vector[1]            0.0000000000 
_pdbx_struct_oper_list.matrix[2][1]         0.0000000000 
_pdbx_struct_oper_list.matrix[2][2]         1.0000000000 
_pdbx_struct_oper_list.matrix[2][3]         0.0000000000 
_pdbx_struct_oper_list.vector[2]            0.0000000000 
_pdbx_struct_oper_list.matrix[3][1]         0.0000000000 
_pdbx_struct_oper_list.matrix[3][2]         0.0000000000 
_pdbx_struct_oper_list.matrix[3][3]         1.0000000000 
_pdbx_struct_oper_list.vector[3]            0.0000000000 
# 
loop_
_pdbx_audit_revision_history.ordinal 
_pdbx_audit_revision_history.data_content_type 
_pdbx_audit_revision_history.major_revision 
_pdbx_audit_revision_history.minor_revision 
_pdbx_audit_revision_history.revision_date 
1 'Structure model' 1 0 2006-06-20 
2 'Structure model' 1 1 2008-05-01 
3 'Structure model' 1 2 2011-07-13 
4 'Structure model' 1 3 2018-01-24 
5 'Structure model' 1 4 2023-08-30 
# 
_pdbx_audit_revision_details.ordinal             1 
_pdbx_audit_revision_details.revision_ordinal    1 
_pdbx_audit_revision_details.data_content_type   'Structure model' 
_pdbx_audit_revision_details.provider            repository 
_pdbx_audit_revision_details.type                'Initial release' 
_pdbx_audit_revision_details.description         ? 
_pdbx_audit_revision_details.details             ? 
# 
loop_
_pdbx_audit_revision_group.ordinal 
_pdbx_audit_revision_group.revision_ordinal 
_pdbx_audit_revision_group.data_content_type 
_pdbx_audit_revision_group.group 
1 2 'Structure model' 'Version format compliance' 
2 3 'Structure model' 'Version format compliance' 
3 4 'Structure model' 'Database references'       
4 4 'Structure model' 'Structure summary'         
5 5 'Structure model' 'Data collection'           
6 5 'Structure model' 'Database references'       
7 5 'Structure model' 'Refinement description'    
# 
loop_
_pdbx_audit_revision_category.ordinal 
_pdbx_audit_revision_category.revision_ordinal 
_pdbx_audit_revision_category.data_content_type 
_pdbx_audit_revision_category.category 
1 4 'Structure model' audit_author                  
2 4 'Structure model' citation_author               
3 5 'Structure model' chem_comp_atom                
4 5 'Structure model' chem_comp_bond                
5 5 'Structure model' database_2                    
6 5 'Structure model' pdbx_initial_refinement_model 
# 
loop_
_pdbx_audit_revision_item.ordinal 
_pdbx_audit_revision_item.revision_ordinal 
_pdbx_audit_revision_item.data_content_type 
_pdbx_audit_revision_item.item 
1 4 'Structure model' '_audit_author.name'                  
2 4 'Structure model' '_citation_author.name'               
3 5 'Structure model' '_database_2.pdbx_DOI'                
4 5 'Structure model' '_database_2.pdbx_database_accession' 
# 
loop_
_software.name 
_software.classification 
_software.version 
_software.citation_id 
_software.pdbx_ordinal 
DENZO     'data reduction' .   ? 1 
SCALEPACK 'data scaling'   .   ? 2 
AMoRE     phasing          .   ? 3 
CNS       refinement       1.1 ? 4 
# 
loop_
_pdbx_validate_torsion.id 
_pdbx_validate_torsion.PDB_model_num 
_pdbx_validate_torsion.auth_comp_id 
_pdbx_validate_torsion.auth_asym_id 
_pdbx_validate_torsion.auth_seq_id 
_pdbx_validate_torsion.PDB_ins_code 
_pdbx_validate_torsion.label_alt_id 
_pdbx_validate_torsion.phi 
_pdbx_validate_torsion.psi 
1 1 ASP A 36  ? ? 33.78   81.73   
2 1 SER A 37  ? ? 74.07   -13.47  
3 1 PHE A 83  ? ? -148.50 -69.35  
4 1 ASN A 170 ? ? -141.29 -124.40 
5 1 HIS A 172 ? ? 58.21   12.74   
# 
loop_
_pdbx_unobs_or_zero_occ_atoms.id 
_pdbx_unobs_or_zero_occ_atoms.PDB_model_num 
_pdbx_unobs_or_zero_occ_atoms.polymer_flag 
_pdbx_unobs_or_zero_occ_atoms.occupancy_flag 
_pdbx_unobs_or_zero_occ_atoms.auth_asym_id 
_pdbx_unobs_or_zero_occ_atoms.auth_comp_id 
_pdbx_unobs_or_zero_occ_atoms.auth_seq_id 
_pdbx_unobs_or_zero_occ_atoms.PDB_ins_code 
_pdbx_unobs_or_zero_occ_atoms.auth_atom_id 
_pdbx_unobs_or_zero_occ_atoms.label_alt_id 
_pdbx_unobs_or_zero_occ_atoms.label_asym_id 
_pdbx_unobs_or_zero_occ_atoms.label_comp_id 
_pdbx_unobs_or_zero_occ_atoms.label_seq_id 
_pdbx_unobs_or_zero_occ_atoms.label_atom_id 
1  1 Y 1 A GLU 22  ? CG  ? A GLU 7   CG  
2  1 Y 1 A GLU 22  ? CD  ? A GLU 7   CD  
3  1 Y 1 A GLU 22  ? OE1 ? A GLU 7   OE1 
4  1 Y 1 A GLU 22  ? OE2 ? A GLU 7   OE2 
5  1 Y 1 A GLN 81  ? CG  ? A GLN 66  CG  
6  1 Y 1 A GLN 81  ? CD  ? A GLN 66  CD  
7  1 Y 1 A GLN 81  ? OE1 ? A GLN 66  OE1 
8  1 Y 1 A GLN 81  ? NE2 ? A GLN 66  NE2 
9  1 Y 1 A ASN 170 ? CB  ? A ASN 155 CB  
10 1 Y 1 A ASN 170 ? CG  ? A ASN 155 CG  
11 1 Y 1 A ASN 170 ? OD1 ? A ASN 155 OD1 
12 1 Y 1 A ASN 170 ? ND2 ? A ASN 155 ND2 
13 1 Y 1 A SER 171 ? OG  ? A SER 156 OG  
# 
loop_
_pdbx_unobs_or_zero_occ_residues.id 
_pdbx_unobs_or_zero_occ_residues.PDB_model_num 
_pdbx_unobs_or_zero_occ_residues.polymer_flag 
_pdbx_unobs_or_zero_occ_residues.occupancy_flag 
_pdbx_unobs_or_zero_occ_residues.auth_asym_id 
_pdbx_unobs_or_zero_occ_residues.auth_comp_id 
_pdbx_unobs_or_zero_occ_residues.auth_seq_id 
_pdbx_unobs_or_zero_occ_residues.PDB_ins_code 
_pdbx_unobs_or_zero_occ_residues.label_asym_id 
_pdbx_unobs_or_zero_occ_residues.label_comp_id 
_pdbx_unobs_or_zero_occ_residues.label_seq_id 
1 1 Y 1 A HIS 16 ? A HIS 1 
2 1 Y 1 A HIS 17 ? A HIS 2 
3 1 Y 1 A HIS 18 ? A HIS 3 
4 1 Y 1 A HIS 19 ? A HIS 4 
5 1 Y 1 A HIS 20 ? A HIS 5 
6 1 Y 1 A HIS 21 ? A HIS 6 
# 
loop_
_chem_comp_atom.comp_id 
_chem_comp_atom.atom_id 
_chem_comp_atom.type_symbol 
_chem_comp_atom.pdbx_aromatic_flag 
_chem_comp_atom.pdbx_stereo_config 
_chem_comp_atom.pdbx_ordinal 
ALA N    N N N 1   
ALA CA   C N S 2   
ALA C    C N N 3   
ALA O    O N N 4   
ALA CB   C N N 5   
ALA OXT  O N N 6   
ALA H    H N N 7   
ALA H2   H N N 8   
ALA HA   H N N 9   
ALA HB1  H N N 10  
ALA HB2  H N N 11  
ALA HB3  H N N 12  
ALA HXT  H N N 13  
ARG N    N N N 14  
ARG CA   C N S 15  
ARG C    C N N 16  
ARG O    O N N 17  
ARG CB   C N N 18  
ARG CG   C N N 19  
ARG CD   C N N 20  
ARG NE   N N N 21  
ARG CZ   C N N 22  
ARG NH1  N N N 23  
ARG NH2  N N N 24  
ARG OXT  O N N 25  
ARG H    H N N 26  
ARG H2   H N N 27  
ARG HA   H N N 28  
ARG HB2  H N N 29  
ARG HB3  H N N 30  
ARG HG2  H N N 31  
ARG HG3  H N N 32  
ARG HD2  H N N 33  
ARG HD3  H N N 34  
ARG HE   H N N 35  
ARG HH11 H N N 36  
ARG HH12 H N N 37  
ARG HH21 H N N 38  
ARG HH22 H N N 39  
ARG HXT  H N N 40  
ASN N    N N N 41  
ASN CA   C N S 42  
ASN C    C N N 43  
ASN O    O N N 44  
ASN CB   C N N 45  
ASN CG   C N N 46  
ASN OD1  O N N 47  
ASN ND2  N N N 48  
ASN OXT  O N N 49  
ASN H    H N N 50  
ASN H2   H N N 51  
ASN HA   H N N 52  
ASN HB2  H N N 53  
ASN HB3  H N N 54  
ASN HD21 H N N 55  
ASN HD22 H N N 56  
ASN HXT  H N N 57  
ASP N    N N N 58  
ASP CA   C N S 59  
ASP C    C N N 60  
ASP O    O N N 61  
ASP CB   C N N 62  
ASP CG   C N N 63  
ASP OD1  O N N 64  
ASP OD2  O N N 65  
ASP OXT  O N N 66  
ASP H    H N N 67  
ASP H2   H N N 68  
ASP HA   H N N 69  
ASP HB2  H N N 70  
ASP HB3  H N N 71  
ASP HD2  H N N 72  
ASP HXT  H N N 73  
CYS N    N N N 74  
CYS CA   C N R 75  
CYS C    C N N 76  
CYS O    O N N 77  
CYS CB   C N N 78  
CYS SG   S N N 79  
CYS OXT  O N N 80  
CYS H    H N N 81  
CYS H2   H N N 82  
CYS HA   H N N 83  
CYS HB2  H N N 84  
CYS HB3  H N N 85  
CYS HG   H N N 86  
CYS HXT  H N N 87  
GLN N    N N N 88  
GLN CA   C N S 89  
GLN C    C N N 90  
GLN O    O N N 91  
GLN CB   C N N 92  
GLN CG   C N N 93  
GLN CD   C N N 94  
GLN OE1  O N N 95  
GLN NE2  N N N 96  
GLN OXT  O N N 97  
GLN H    H N N 98  
GLN H2   H N N 99  
GLN HA   H N N 100 
GLN HB2  H N N 101 
GLN HB3  H N N 102 
GLN HG2  H N N 103 
GLN HG3  H N N 104 
GLN HE21 H N N 105 
GLN HE22 H N N 106 
GLN HXT  H N N 107 
GLU N    N N N 108 
GLU CA   C N S 109 
GLU C    C N N 110 
GLU O    O N N 111 
GLU CB   C N N 112 
GLU CG   C N N 113 
GLU CD   C N N 114 
GLU OE1  O N N 115 
GLU OE2  O N N 116 
GLU OXT  O N N 117 
GLU H    H N N 118 
GLU H2   H N N 119 
GLU HA   H N N 120 
GLU HB2  H N N 121 
GLU HB3  H N N 122 
GLU HG2  H N N 123 
GLU HG3  H N N 124 
GLU HE2  H N N 125 
GLU HXT  H N N 126 
GLY N    N N N 127 
GLY CA   C N N 128 
GLY C    C N N 129 
GLY O    O N N 130 
GLY OXT  O N N 131 
GLY H    H N N 132 
GLY H2   H N N 133 
GLY HA2  H N N 134 
GLY HA3  H N N 135 
GLY HXT  H N N 136 
HIS N    N N N 137 
HIS CA   C N S 138 
HIS C    C N N 139 
HIS O    O N N 140 
HIS CB   C N N 141 
HIS CG   C Y N 142 
HIS ND1  N Y N 143 
HIS CD2  C Y N 144 
HIS CE1  C Y N 145 
HIS NE2  N Y N 146 
HIS OXT  O N N 147 
HIS H    H N N 148 
HIS H2   H N N 149 
HIS HA   H N N 150 
HIS HB2  H N N 151 
HIS HB3  H N N 152 
HIS HD1  H N N 153 
HIS HD2  H N N 154 
HIS HE1  H N N 155 
HIS HE2  H N N 156 
HIS HXT  H N N 157 
HOH O    O N N 158 
HOH H1   H N N 159 
HOH H2   H N N 160 
ILE N    N N N 161 
ILE CA   C N S 162 
ILE C    C N N 163 
ILE O    O N N 164 
ILE CB   C N S 165 
ILE CG1  C N N 166 
ILE CG2  C N N 167 
ILE CD1  C N N 168 
ILE OXT  O N N 169 
ILE H    H N N 170 
ILE H2   H N N 171 
ILE HA   H N N 172 
ILE HB   H N N 173 
ILE HG12 H N N 174 
ILE HG13 H N N 175 
ILE HG21 H N N 176 
ILE HG22 H N N 177 
ILE HG23 H N N 178 
ILE HD11 H N N 179 
ILE HD12 H N N 180 
ILE HD13 H N N 181 
ILE HXT  H N N 182 
LEU N    N N N 183 
LEU CA   C N S 184 
LEU C    C N N 185 
LEU O    O N N 186 
LEU CB   C N N 187 
LEU CG   C N N 188 
LEU CD1  C N N 189 
LEU CD2  C N N 190 
LEU OXT  O N N 191 
LEU H    H N N 192 
LEU H2   H N N 193 
LEU HA   H N N 194 
LEU HB2  H N N 195 
LEU HB3  H N N 196 
LEU HG   H N N 197 
LEU HD11 H N N 198 
LEU HD12 H N N 199 
LEU HD13 H N N 200 
LEU HD21 H N N 201 
LEU HD22 H N N 202 
LEU HD23 H N N 203 
LEU HXT  H N N 204 
LYS N    N N N 205 
LYS CA   C N S 206 
LYS C    C N N 207 
LYS O    O N N 208 
LYS CB   C N N 209 
LYS CG   C N N 210 
LYS CD   C N N 211 
LYS CE   C N N 212 
LYS NZ   N N N 213 
LYS OXT  O N N 214 
LYS H    H N N 215 
LYS H2   H N N 216 
LYS HA   H N N 217 
LYS HB2  H N N 218 
LYS HB3  H N N 219 
LYS HG2  H N N 220 
LYS HG3  H N N 221 
LYS HD2  H N N 222 
LYS HD3  H N N 223 
LYS HE2  H N N 224 
LYS HE3  H N N 225 
LYS HZ1  H N N 226 
LYS HZ2  H N N 227 
LYS HZ3  H N N 228 
LYS HXT  H N N 229 
MET N    N N N 230 
MET CA   C N S 231 
MET C    C N N 232 
MET O    O N N 233 
MET CB   C N N 234 
MET CG   C N N 235 
MET SD   S N N 236 
MET CE   C N N 237 
MET OXT  O N N 238 
MET H    H N N 239 
MET H2   H N N 240 
MET HA   H N N 241 
MET HB2  H N N 242 
MET HB3  H N N 243 
MET HG2  H N N 244 
MET HG3  H N N 245 
MET HE1  H N N 246 
MET HE2  H N N 247 
MET HE3  H N N 248 
MET HXT  H N N 249 
PHE N    N N N 250 
PHE CA   C N S 251 
PHE C    C N N 252 
PHE O    O N N 253 
PHE CB   C N N 254 
PHE CG   C Y N 255 
PHE CD1  C Y N 256 
PHE CD2  C Y N 257 
PHE CE1  C Y N 258 
PHE CE2  C Y N 259 
PHE CZ   C Y N 260 
PHE OXT  O N N 261 
PHE H    H N N 262 
PHE H2   H N N 263 
PHE HA   H N N 264 
PHE HB2  H N N 265 
PHE HB3  H N N 266 
PHE HD1  H N N 267 
PHE HD2  H N N 268 
PHE HE1  H N N 269 
PHE HE2  H N N 270 
PHE HZ   H N N 271 
PHE HXT  H N N 272 
PRO N    N N N 273 
PRO CA   C N S 274 
PRO C    C N N 275 
PRO O    O N N 276 
PRO CB   C N N 277 
PRO CG   C N N 278 
PRO CD   C N N 279 
PRO OXT  O N N 280 
PRO H    H N N 281 
PRO HA   H N N 282 
PRO HB2  H N N 283 
PRO HB3  H N N 284 
PRO HG2  H N N 285 
PRO HG3  H N N 286 
PRO HD2  H N N 287 
PRO HD3  H N N 288 
PRO HXT  H N N 289 
SER N    N N N 290 
SER CA   C N S 291 
SER C    C N N 292 
SER O    O N N 293 
SER CB   C N N 294 
SER OG   O N N 295 
SER OXT  O N N 296 
SER H    H N N 297 
SER H2   H N N 298 
SER HA   H N N 299 
SER HB2  H N N 300 
SER HB3  H N N 301 
SER HG   H N N 302 
SER HXT  H N N 303 
THR N    N N N 304 
THR CA   C N S 305 
THR C    C N N 306 
THR O    O N N 307 
THR CB   C N R 308 
THR OG1  O N N 309 
THR CG2  C N N 310 
THR OXT  O N N 311 
THR H    H N N 312 
THR H2   H N N 313 
THR HA   H N N 314 
THR HB   H N N 315 
THR HG1  H N N 316 
THR HG21 H N N 317 
THR HG22 H N N 318 
THR HG23 H N N 319 
THR HXT  H N N 320 
TRP N    N N N 321 
TRP CA   C N S 322 
TRP C    C N N 323 
TRP O    O N N 324 
TRP CB   C N N 325 
TRP CG   C Y N 326 
TRP CD1  C Y N 327 
TRP CD2  C Y N 328 
TRP NE1  N Y N 329 
TRP CE2  C Y N 330 
TRP CE3  C Y N 331 
TRP CZ2  C Y N 332 
TRP CZ3  C Y N 333 
TRP CH2  C Y N 334 
TRP OXT  O N N 335 
TRP H    H N N 336 
TRP H2   H N N 337 
TRP HA   H N N 338 
TRP HB2  H N N 339 
TRP HB3  H N N 340 
TRP HD1  H N N 341 
TRP HE1  H N N 342 
TRP HE3  H N N 343 
TRP HZ2  H N N 344 
TRP HZ3  H N N 345 
TRP HH2  H N N 346 
TRP HXT  H N N 347 
TYR N    N N N 348 
TYR CA   C N S 349 
TYR C    C N N 350 
TYR O    O N N 351 
TYR CB   C N N 352 
TYR CG   C Y N 353 
TYR CD1  C Y N 354 
TYR CD2  C Y N 355 
TYR CE1  C Y N 356 
TYR CE2  C Y N 357 
TYR CZ   C Y N 358 
TYR OH   O N N 359 
TYR OXT  O N N 360 
TYR H    H N N 361 
TYR H2   H N N 362 
TYR HA   H N N 363 
TYR HB2  H N N 364 
TYR HB3  H N N 365 
TYR HD1  H N N 366 
TYR HD2  H N N 367 
TYR HE1  H N N 368 
TYR HE2  H N N 369 
TYR HH   H N N 370 
TYR HXT  H N N 371 
VAL N    N N N 372 
VAL CA   C N S 373 
VAL C    C N N 374 
VAL O    O N N 375 
VAL CB   C N N 376 
VAL CG1  C N N 377 
VAL CG2  C N N 378 
VAL OXT  O N N 379 
VAL H    H N N 380 
VAL H2   H N N 381 
VAL HA   H N N 382 
VAL HB   H N N 383 
VAL HG11 H N N 384 
VAL HG12 H N N 385 
VAL HG13 H N N 386 
VAL HG21 H N N 387 
VAL HG22 H N N 388 
VAL HG23 H N N 389 
VAL HXT  H N N 390 
# 
loop_
_chem_comp_bond.comp_id 
_chem_comp_bond.atom_id_1 
_chem_comp_bond.atom_id_2 
_chem_comp_bond.value_order 
_chem_comp_bond.pdbx_aromatic_flag 
_chem_comp_bond.pdbx_stereo_config 
_chem_comp_bond.pdbx_ordinal 
ALA N   CA   sing N N 1   
ALA N   H    sing N N 2   
ALA N   H2   sing N N 3   
ALA CA  C    sing N N 4   
ALA CA  CB   sing N N 5   
ALA CA  HA   sing N N 6   
ALA C   O    doub N N 7   
ALA C   OXT  sing N N 8   
ALA CB  HB1  sing N N 9   
ALA CB  HB2  sing N N 10  
ALA CB  HB3  sing N N 11  
ALA OXT HXT  sing N N 12  
ARG N   CA   sing N N 13  
ARG N   H    sing N N 14  
ARG N   H2   sing N N 15  
ARG CA  C    sing N N 16  
ARG CA  CB   sing N N 17  
ARG CA  HA   sing N N 18  
ARG C   O    doub N N 19  
ARG C   OXT  sing N N 20  
ARG CB  CG   sing N N 21  
ARG CB  HB2  sing N N 22  
ARG CB  HB3  sing N N 23  
ARG CG  CD   sing N N 24  
ARG CG  HG2  sing N N 25  
ARG CG  HG3  sing N N 26  
ARG CD  NE   sing N N 27  
ARG CD  HD2  sing N N 28  
ARG CD  HD3  sing N N 29  
ARG NE  CZ   sing N N 30  
ARG NE  HE   sing N N 31  
ARG CZ  NH1  sing N N 32  
ARG CZ  NH2  doub N N 33  
ARG NH1 HH11 sing N N 34  
ARG NH1 HH12 sing N N 35  
ARG NH2 HH21 sing N N 36  
ARG NH2 HH22 sing N N 37  
ARG OXT HXT  sing N N 38  
ASN N   CA   sing N N 39  
ASN N   H    sing N N 40  
ASN N   H2   sing N N 41  
ASN CA  C    sing N N 42  
ASN CA  CB   sing N N 43  
ASN CA  HA   sing N N 44  
ASN C   O    doub N N 45  
ASN C   OXT  sing N N 46  
ASN CB  CG   sing N N 47  
ASN CB  HB2  sing N N 48  
ASN CB  HB3  sing N N 49  
ASN CG  OD1  doub N N 50  
ASN CG  ND2  sing N N 51  
ASN ND2 HD21 sing N N 52  
ASN ND2 HD22 sing N N 53  
ASN OXT HXT  sing N N 54  
ASP N   CA   sing N N 55  
ASP N   H    sing N N 56  
ASP N   H2   sing N N 57  
ASP CA  C    sing N N 58  
ASP CA  CB   sing N N 59  
ASP CA  HA   sing N N 60  
ASP C   O    doub N N 61  
ASP C   OXT  sing N N 62  
ASP CB  CG   sing N N 63  
ASP CB  HB2  sing N N 64  
ASP CB  HB3  sing N N 65  
ASP CG  OD1  doub N N 66  
ASP CG  OD2  sing N N 67  
ASP OD2 HD2  sing N N 68  
ASP OXT HXT  sing N N 69  
CYS N   CA   sing N N 70  
CYS N   H    sing N N 71  
CYS N   H2   sing N N 72  
CYS CA  C    sing N N 73  
CYS CA  CB   sing N N 74  
CYS CA  HA   sing N N 75  
CYS C   O    doub N N 76  
CYS C   OXT  sing N N 77  
CYS CB  SG   sing N N 78  
CYS CB  HB2  sing N N 79  
CYS CB  HB3  sing N N 80  
CYS SG  HG   sing N N 81  
CYS OXT HXT  sing N N 82  
GLN N   CA   sing N N 83  
GLN N   H    sing N N 84  
GLN N   H2   sing N N 85  
GLN CA  C    sing N N 86  
GLN CA  CB   sing N N 87  
GLN CA  HA   sing N N 88  
GLN C   O    doub N N 89  
GLN C   OXT  sing N N 90  
GLN CB  CG   sing N N 91  
GLN CB  HB2  sing N N 92  
GLN CB  HB3  sing N N 93  
GLN CG  CD   sing N N 94  
GLN CG  HG2  sing N N 95  
GLN CG  HG3  sing N N 96  
GLN CD  OE1  doub N N 97  
GLN CD  NE2  sing N N 98  
GLN NE2 HE21 sing N N 99  
GLN NE2 HE22 sing N N 100 
GLN OXT HXT  sing N N 101 
GLU N   CA   sing N N 102 
GLU N   H    sing N N 103 
GLU N   H2   sing N N 104 
GLU CA  C    sing N N 105 
GLU CA  CB   sing N N 106 
GLU CA  HA   sing N N 107 
GLU C   O    doub N N 108 
GLU C   OXT  sing N N 109 
GLU CB  CG   sing N N 110 
GLU CB  HB2  sing N N 111 
GLU CB  HB3  sing N N 112 
GLU CG  CD   sing N N 113 
GLU CG  HG2  sing N N 114 
GLU CG  HG3  sing N N 115 
GLU CD  OE1  doub N N 116 
GLU CD  OE2  sing N N 117 
GLU OE2 HE2  sing N N 118 
GLU OXT HXT  sing N N 119 
GLY N   CA   sing N N 120 
GLY N   H    sing N N 121 
GLY N   H2   sing N N 122 
GLY CA  C    sing N N 123 
GLY CA  HA2  sing N N 124 
GLY CA  HA3  sing N N 125 
GLY C   O    doub N N 126 
GLY C   OXT  sing N N 127 
GLY OXT HXT  sing N N 128 
HIS N   CA   sing N N 129 
HIS N   H    sing N N 130 
HIS N   H2   sing N N 131 
HIS CA  C    sing N N 132 
HIS CA  CB   sing N N 133 
HIS CA  HA   sing N N 134 
HIS C   O    doub N N 135 
HIS C   OXT  sing N N 136 
HIS CB  CG   sing N N 137 
HIS CB  HB2  sing N N 138 
HIS CB  HB3  sing N N 139 
HIS CG  ND1  sing Y N 140 
HIS CG  CD2  doub Y N 141 
HIS ND1 CE1  doub Y N 142 
HIS ND1 HD1  sing N N 143 
HIS CD2 NE2  sing Y N 144 
HIS CD2 HD2  sing N N 145 
HIS CE1 NE2  sing Y N 146 
HIS CE1 HE1  sing N N 147 
HIS NE2 HE2  sing N N 148 
HIS OXT HXT  sing N N 149 
HOH O   H1   sing N N 150 
HOH O   H2   sing N N 151 
ILE N   CA   sing N N 152 
ILE N   H    sing N N 153 
ILE N   H2   sing N N 154 
ILE CA  C    sing N N 155 
ILE CA  CB   sing N N 156 
ILE CA  HA   sing N N 157 
ILE C   O    doub N N 158 
ILE C   OXT  sing N N 159 
ILE CB  CG1  sing N N 160 
ILE CB  CG2  sing N N 161 
ILE CB  HB   sing N N 162 
ILE CG1 CD1  sing N N 163 
ILE CG1 HG12 sing N N 164 
ILE CG1 HG13 sing N N 165 
ILE CG2 HG21 sing N N 166 
ILE CG2 HG22 sing N N 167 
ILE CG2 HG23 sing N N 168 
ILE CD1 HD11 sing N N 169 
ILE CD1 HD12 sing N N 170 
ILE CD1 HD13 sing N N 171 
ILE OXT HXT  sing N N 172 
LEU N   CA   sing N N 173 
LEU N   H    sing N N 174 
LEU N   H2   sing N N 175 
LEU CA  C    sing N N 176 
LEU CA  CB   sing N N 177 
LEU CA  HA   sing N N 178 
LEU C   O    doub N N 179 
LEU C   OXT  sing N N 180 
LEU CB  CG   sing N N 181 
LEU CB  HB2  sing N N 182 
LEU CB  HB3  sing N N 183 
LEU CG  CD1  sing N N 184 
LEU CG  CD2  sing N N 185 
LEU CG  HG   sing N N 186 
LEU CD1 HD11 sing N N 187 
LEU CD1 HD12 sing N N 188 
LEU CD1 HD13 sing N N 189 
LEU CD2 HD21 sing N N 190 
LEU CD2 HD22 sing N N 191 
LEU CD2 HD23 sing N N 192 
LEU OXT HXT  sing N N 193 
LYS N   CA   sing N N 194 
LYS N   H    sing N N 195 
LYS N   H2   sing N N 196 
LYS CA  C    sing N N 197 
LYS CA  CB   sing N N 198 
LYS CA  HA   sing N N 199 
LYS C   O    doub N N 200 
LYS C   OXT  sing N N 201 
LYS CB  CG   sing N N 202 
LYS CB  HB2  sing N N 203 
LYS CB  HB3  sing N N 204 
LYS CG  CD   sing N N 205 
LYS CG  HG2  sing N N 206 
LYS CG  HG3  sing N N 207 
LYS CD  CE   sing N N 208 
LYS CD  HD2  sing N N 209 
LYS CD  HD3  sing N N 210 
LYS CE  NZ   sing N N 211 
LYS CE  HE2  sing N N 212 
LYS CE  HE3  sing N N 213 
LYS NZ  HZ1  sing N N 214 
LYS NZ  HZ2  sing N N 215 
LYS NZ  HZ3  sing N N 216 
LYS OXT HXT  sing N N 217 
MET N   CA   sing N N 218 
MET N   H    sing N N 219 
MET N   H2   sing N N 220 
MET CA  C    sing N N 221 
MET CA  CB   sing N N 222 
MET CA  HA   sing N N 223 
MET C   O    doub N N 224 
MET C   OXT  sing N N 225 
MET CB  CG   sing N N 226 
MET CB  HB2  sing N N 227 
MET CB  HB3  sing N N 228 
MET CG  SD   sing N N 229 
MET CG  HG2  sing N N 230 
MET CG  HG3  sing N N 231 
MET SD  CE   sing N N 232 
MET CE  HE1  sing N N 233 
MET CE  HE2  sing N N 234 
MET CE  HE3  sing N N 235 
MET OXT HXT  sing N N 236 
PHE N   CA   sing N N 237 
PHE N   H    sing N N 238 
PHE N   H2   sing N N 239 
PHE CA  C    sing N N 240 
PHE CA  CB   sing N N 241 
PHE CA  HA   sing N N 242 
PHE C   O    doub N N 243 
PHE C   OXT  sing N N 244 
PHE CB  CG   sing N N 245 
PHE CB  HB2  sing N N 246 
PHE CB  HB3  sing N N 247 
PHE CG  CD1  doub Y N 248 
PHE CG  CD2  sing Y N 249 
PHE CD1 CE1  sing Y N 250 
PHE CD1 HD1  sing N N 251 
PHE CD2 CE2  doub Y N 252 
PHE CD2 HD2  sing N N 253 
PHE CE1 CZ   doub Y N 254 
PHE CE1 HE1  sing N N 255 
PHE CE2 CZ   sing Y N 256 
PHE CE2 HE2  sing N N 257 
PHE CZ  HZ   sing N N 258 
PHE OXT HXT  sing N N 259 
PRO N   CA   sing N N 260 
PRO N   CD   sing N N 261 
PRO N   H    sing N N 262 
PRO CA  C    sing N N 263 
PRO CA  CB   sing N N 264 
PRO CA  HA   sing N N 265 
PRO C   O    doub N N 266 
PRO C   OXT  sing N N 267 
PRO CB  CG   sing N N 268 
PRO CB  HB2  sing N N 269 
PRO CB  HB3  sing N N 270 
PRO CG  CD   sing N N 271 
PRO CG  HG2  sing N N 272 
PRO CG  HG3  sing N N 273 
PRO CD  HD2  sing N N 274 
PRO CD  HD3  sing N N 275 
PRO OXT HXT  sing N N 276 
SER N   CA   sing N N 277 
SER N   H    sing N N 278 
SER N   H2   sing N N 279 
SER CA  C    sing N N 280 
SER CA  CB   sing N N 281 
SER CA  HA   sing N N 282 
SER C   O    doub N N 283 
SER C   OXT  sing N N 284 
SER CB  OG   sing N N 285 
SER CB  HB2  sing N N 286 
SER CB  HB3  sing N N 287 
SER OG  HG   sing N N 288 
SER OXT HXT  sing N N 289 
THR N   CA   sing N N 290 
THR N   H    sing N N 291 
THR N   H2   sing N N 292 
THR CA  C    sing N N 293 
THR CA  CB   sing N N 294 
THR CA  HA   sing N N 295 
THR C   O    doub N N 296 
THR C   OXT  sing N N 297 
THR CB  OG1  sing N N 298 
THR CB  CG2  sing N N 299 
THR CB  HB   sing N N 300 
THR OG1 HG1  sing N N 301 
THR CG2 HG21 sing N N 302 
THR CG2 HG22 sing N N 303 
THR CG2 HG23 sing N N 304 
THR OXT HXT  sing N N 305 
TRP N   CA   sing N N 306 
TRP N   H    sing N N 307 
TRP N   H2   sing N N 308 
TRP CA  C    sing N N 309 
TRP CA  CB   sing N N 310 
TRP CA  HA   sing N N 311 
TRP C   O    doub N N 312 
TRP C   OXT  sing N N 313 
TRP CB  CG   sing N N 314 
TRP CB  HB2  sing N N 315 
TRP CB  HB3  sing N N 316 
TRP CG  CD1  doub Y N 317 
TRP CG  CD2  sing Y N 318 
TRP CD1 NE1  sing Y N 319 
TRP CD1 HD1  sing N N 320 
TRP CD2 CE2  doub Y N 321 
TRP CD2 CE3  sing Y N 322 
TRP NE1 CE2  sing Y N 323 
TRP NE1 HE1  sing N N 324 
TRP CE2 CZ2  sing Y N 325 
TRP CE3 CZ3  doub Y N 326 
TRP CE3 HE3  sing N N 327 
TRP CZ2 CH2  doub Y N 328 
TRP CZ2 HZ2  sing N N 329 
TRP CZ3 CH2  sing Y N 330 
TRP CZ3 HZ3  sing N N 331 
TRP CH2 HH2  sing N N 332 
TRP OXT HXT  sing N N 333 
TYR N   CA   sing N N 334 
TYR N   H    sing N N 335 
TYR N   H2   sing N N 336 
TYR CA  C    sing N N 337 
TYR CA  CB   sing N N 338 
TYR CA  HA   sing N N 339 
TYR C   O    doub N N 340 
TYR C   OXT  sing N N 341 
TYR CB  CG   sing N N 342 
TYR CB  HB2  sing N N 343 
TYR CB  HB3  sing N N 344 
TYR CG  CD1  doub Y N 345 
TYR CG  CD2  sing Y N 346 
TYR CD1 CE1  sing Y N 347 
TYR CD1 HD1  sing N N 348 
TYR CD2 CE2  doub Y N 349 
TYR CD2 HD2  sing N N 350 
TYR CE1 CZ   doub Y N 351 
TYR CE1 HE1  sing N N 352 
TYR CE2 CZ   sing Y N 353 
TYR CE2 HE2  sing N N 354 
TYR CZ  OH   sing N N 355 
TYR OH  HH   sing N N 356 
TYR OXT HXT  sing N N 357 
VAL N   CA   sing N N 358 
VAL N   H    sing N N 359 
VAL N   H2   sing N N 360 
VAL CA  C    sing N N 361 
VAL CA  CB   sing N N 362 
VAL CA  HA   sing N N 363 
VAL C   O    doub N N 364 
VAL C   OXT  sing N N 365 
VAL CB  CG1  sing N N 366 
VAL CB  CG2  sing N N 367 
VAL CB  HB   sing N N 368 
VAL CG1 HG11 sing N N 369 
VAL CG1 HG12 sing N N 370 
VAL CG1 HG13 sing N N 371 
VAL CG2 HG21 sing N N 372 
VAL CG2 HG22 sing N N 373 
VAL CG2 HG23 sing N N 374 
VAL OXT HXT  sing N N 375 
# 
_pdbx_entity_nonpoly.entity_id   2 
_pdbx_entity_nonpoly.name        water 
_pdbx_entity_nonpoly.comp_id     HOH 
# 
_pdbx_initial_refinement_model.id               1 
_pdbx_initial_refinement_model.entity_id_list   ? 
_pdbx_initial_refinement_model.type             'experimental model' 
_pdbx_initial_refinement_model.source_name      PDB 
_pdbx_initial_refinement_model.accession_code   1XO7 
_pdbx_initial_refinement_model.details          1XO7.PDB 
# 
